data_1BMB
# 
_entry.id   1BMB 
# 
_audit_conform.dict_name       mmcif_pdbx.dic 
_audit_conform.dict_version    5.398 
_audit_conform.dict_location   http://mmcif.pdb.org/dictionaries/ascii/mmcif_pdbx.dic 
# 
loop_
_database_2.database_id 
_database_2.database_code 
_database_2.pdbx_database_accession 
_database_2.pdbx_DOI 
PDB   1BMB         pdb_00001bmb 10.2210/pdb1bmb/pdb 
RCSB  RCSB008211   ?            ?                   
WWPDB D_1000008211 ?            ?                   
# 
loop_
_pdbx_audit_revision_history.ordinal 
_pdbx_audit_revision_history.data_content_type 
_pdbx_audit_revision_history.major_revision 
_pdbx_audit_revision_history.minor_revision 
_pdbx_audit_revision_history.revision_date 
1 'Structure model' 1 0 1998-07-29 
2 'Structure model' 1 1 2008-04-27 
3 'Structure model' 1 2 2011-07-13 
4 'Structure model' 1 3 2023-08-09 
5 'Structure model' 1 4 2023-11-15 
6 'Structure model' 1 5 2024-10-30 
# 
_pdbx_audit_revision_details.ordinal             1 
_pdbx_audit_revision_details.revision_ordinal    1 
_pdbx_audit_revision_details.data_content_type   'Structure model' 
_pdbx_audit_revision_details.provider            repository 
_pdbx_audit_revision_details.type                'Initial release' 
_pdbx_audit_revision_details.description         ? 
_pdbx_audit_revision_details.details             ? 
# 
loop_
_pdbx_audit_revision_group.ordinal 
_pdbx_audit_revision_group.revision_ordinal 
_pdbx_audit_revision_group.data_content_type 
_pdbx_audit_revision_group.group 
1 2 'Structure model' 'Version format compliance' 
2 3 'Structure model' 'Version format compliance' 
3 4 'Structure model' 'Data collection'           
4 4 'Structure model' 'Database references'       
5 4 'Structure model' 'Derived calculations'      
6 4 'Structure model' 'Refinement description'    
7 5 'Structure model' 'Data collection'           
8 6 'Structure model' 'Structure summary'         
# 
loop_
_pdbx_audit_revision_category.ordinal 
_pdbx_audit_revision_category.revision_ordinal 
_pdbx_audit_revision_category.data_content_type 
_pdbx_audit_revision_category.category 
1  4 'Structure model' chem_comp_atom                
2  4 'Structure model' chem_comp_bond                
3  4 'Structure model' database_2                    
4  4 'Structure model' pdbx_initial_refinement_model 
5  4 'Structure model' struct_conn                   
6  4 'Structure model' struct_ref_seq_dif            
7  5 'Structure model' chem_comp_atom                
8  5 'Structure model' chem_comp_bond                
9  6 'Structure model' pdbx_entry_details            
10 6 'Structure model' pdbx_modification_feature     
# 
loop_
_pdbx_audit_revision_item.ordinal 
_pdbx_audit_revision_item.revision_ordinal 
_pdbx_audit_revision_item.data_content_type 
_pdbx_audit_revision_item.item 
1 4 'Structure model' '_database_2.pdbx_DOI'                
2 4 'Structure model' '_database_2.pdbx_database_accession' 
3 4 'Structure model' '_struct_conn.pdbx_leaving_atom_flag' 
4 4 'Structure model' '_struct_ref_seq_dif.details'         
5 5 'Structure model' '_chem_comp_atom.atom_id'             
6 5 'Structure model' '_chem_comp_bond.atom_id_2'           
# 
_pdbx_database_status.status_code                     REL 
_pdbx_database_status.entry_id                        1BMB 
_pdbx_database_status.recvd_initial_deposition_date   1998-07-23 
_pdbx_database_status.deposit_site                    BNL 
_pdbx_database_status.process_site                    RCSB 
_pdbx_database_status.status_code_sf                  REL 
_pdbx_database_status.SG_entry                        . 
_pdbx_database_status.pdb_format_compatible           Y 
_pdbx_database_status.status_code_mr                  ? 
_pdbx_database_status.status_code_cs                  ? 
_pdbx_database_status.status_code_nmr_data            ? 
_pdbx_database_status.methods_development_category    ? 
# 
loop_
_audit_author.name 
_audit_author.pdbx_ordinal 
'Rondeau, J.M.' 1 
'Zurini, M.'    2 
# 
_citation.id                        primary 
_citation.title                     
'Structural and conformational requirements for high-affinity binding to the SH2 domain of Grb2(1).' 
_citation.journal_abbrev            J.Med.Chem. 
_citation.journal_volume            42 
_citation.page_first                971 
_citation.page_last                 980 
_citation.year                      1999 
_citation.journal_id_ASTM           JMCMAR 
_citation.country                   US 
_citation.journal_id_ISSN           0022-2623 
_citation.journal_id_CSD            0151 
_citation.book_publisher            ? 
_citation.pdbx_database_id_PubMed   10090780 
_citation.pdbx_database_id_DOI      10.1021/jm9811007 
# 
loop_
_citation_author.citation_id 
_citation_author.name 
_citation_author.ordinal 
_citation_author.identifier_ORCID 
primary 'Ettmayer, P.'   1  ? 
primary 'France, D.'     2  ? 
primary 'Gounarides, J.' 3  ? 
primary 'Jarosinski, M.' 4  ? 
primary 'Martin, M.S.'   5  ? 
primary 'Rondeau, J.M.'  6  ? 
primary 'Sabio, M.'      7  ? 
primary 'Topiol, S.'     8  ? 
primary 'Weidmann, B.'   9  ? 
primary 'Zurini, M.'     10 ? 
primary 'Bair, K.W.'     11 ? 
# 
loop_
_entity.id 
_entity.type 
_entity.src_method 
_entity.pdbx_description 
_entity.formula_weight 
_entity.pdbx_number_of_molecules 
_entity.pdbx_ec 
_entity.pdbx_mutation 
_entity.pdbx_fragment 
_entity.details 
1 polymer man 'PROTEIN (GROWTH FACTOR RECEPTOR BOUND PROTEIN 2)' 14346.239 1   ? ? 'SH2 DOMAIN'         ?                      
2 polymer syn 'PROTEIN (PKF270-974)'                             1223.288  1   ? ? '174-182 OF BCR-ABL' 'PTR: PHOSPHOTYROSINE' 
3 water   nat water                                              18.015    115 ? ? ?                    ?                      
# 
_entity_name_com.entity_id   1 
_entity_name_com.name        GRB2 
# 
loop_
_entity_poly.entity_id 
_entity_poly.type 
_entity_poly.nstd_linkage 
_entity_poly.nstd_monomer 
_entity_poly.pdbx_seq_one_letter_code 
_entity_poly.pdbx_seq_one_letter_code_can 
_entity_poly.pdbx_strand_id 
_entity_poly.pdbx_target_identifier 
1 'polypeptide(L)' no no  
;MGSPKNYIEMKPHPWFFGKIPRAKAEEMLSKQRHDGAFLIRESESAPGDFSLSVKFGNDVQHFKVLRDGAGKYFLWVVKF
NSLNELVDYHRSTSVSRNQQIFLRDIEQVPQQPTYVQALFDFD
;
;MGSPKNYIEMKPHPWFFGKIPRAKAEEMLSKQRHDGAFLIRESESAPGDFSLSVKFGNDVQHFKVLRDGAGKYFLWVVKF
NSLNELVDYHRSTSVSRNQQIFLRDIEQVPQQPTYVQALFDFD
;
A ? 
2 'polypeptide(L)' no yes 'KPF(PTR)VNVEF' KPFYVNVEF I ? 
# 
_pdbx_entity_nonpoly.entity_id   3 
_pdbx_entity_nonpoly.name        water 
_pdbx_entity_nonpoly.comp_id     HOH 
# 
loop_
_entity_poly_seq.entity_id 
_entity_poly_seq.num 
_entity_poly_seq.mon_id 
_entity_poly_seq.hetero 
1 1   MET n 
1 2   GLY n 
1 3   SER n 
1 4   PRO n 
1 5   LYS n 
1 6   ASN n 
1 7   TYR n 
1 8   ILE n 
1 9   GLU n 
1 10  MET n 
1 11  LYS n 
1 12  PRO n 
1 13  HIS n 
1 14  PRO n 
1 15  TRP n 
1 16  PHE n 
1 17  PHE n 
1 18  GLY n 
1 19  LYS n 
1 20  ILE n 
1 21  PRO n 
1 22  ARG n 
1 23  ALA n 
1 24  LYS n 
1 25  ALA n 
1 26  GLU n 
1 27  GLU n 
1 28  MET n 
1 29  LEU n 
1 30  SER n 
1 31  LYS n 
1 32  GLN n 
1 33  ARG n 
1 34  HIS n 
1 35  ASP n 
1 36  GLY n 
1 37  ALA n 
1 38  PHE n 
1 39  LEU n 
1 40  ILE n 
1 41  ARG n 
1 42  GLU n 
1 43  SER n 
1 44  GLU n 
1 45  SER n 
1 46  ALA n 
1 47  PRO n 
1 48  GLY n 
1 49  ASP n 
1 50  PHE n 
1 51  SER n 
1 52  LEU n 
1 53  SER n 
1 54  VAL n 
1 55  LYS n 
1 56  PHE n 
1 57  GLY n 
1 58  ASN n 
1 59  ASP n 
1 60  VAL n 
1 61  GLN n 
1 62  HIS n 
1 63  PHE n 
1 64  LYS n 
1 65  VAL n 
1 66  LEU n 
1 67  ARG n 
1 68  ASP n 
1 69  GLY n 
1 70  ALA n 
1 71  GLY n 
1 72  LYS n 
1 73  TYR n 
1 74  PHE n 
1 75  LEU n 
1 76  TRP n 
1 77  VAL n 
1 78  VAL n 
1 79  LYS n 
1 80  PHE n 
1 81  ASN n 
1 82  SER n 
1 83  LEU n 
1 84  ASN n 
1 85  GLU n 
1 86  LEU n 
1 87  VAL n 
1 88  ASP n 
1 89  TYR n 
1 90  HIS n 
1 91  ARG n 
1 92  SER n 
1 93  THR n 
1 94  SER n 
1 95  VAL n 
1 96  SER n 
1 97  ARG n 
1 98  ASN n 
1 99  GLN n 
1 100 GLN n 
1 101 ILE n 
1 102 PHE n 
1 103 LEU n 
1 104 ARG n 
1 105 ASP n 
1 106 ILE n 
1 107 GLU n 
1 108 GLN n 
1 109 VAL n 
1 110 PRO n 
1 111 GLN n 
1 112 GLN n 
1 113 PRO n 
1 114 THR n 
1 115 TYR n 
1 116 VAL n 
1 117 GLN n 
1 118 ALA n 
1 119 LEU n 
1 120 PHE n 
1 121 ASP n 
1 122 PHE n 
1 123 ASP n 
2 1   LYS n 
2 2   PRO n 
2 3   PHE n 
2 4   PTR n 
2 5   VAL n 
2 6   ASN n 
2 7   VAL n 
2 8   GLU n 
2 9   PHE n 
# 
_entity_src_gen.entity_id                          1 
_entity_src_gen.pdbx_src_id                        1 
_entity_src_gen.pdbx_alt_source_flag               sample 
_entity_src_gen.pdbx_seq_type                      ? 
_entity_src_gen.pdbx_beg_seq_num                   ? 
_entity_src_gen.pdbx_end_seq_num                   ? 
_entity_src_gen.gene_src_common_name               human 
_entity_src_gen.gene_src_genus                     Homo 
_entity_src_gen.pdbx_gene_src_gene                 GRB2 
_entity_src_gen.gene_src_species                   ? 
_entity_src_gen.gene_src_strain                    ? 
_entity_src_gen.gene_src_tissue                    ? 
_entity_src_gen.gene_src_tissue_fraction           ? 
_entity_src_gen.gene_src_details                   ? 
_entity_src_gen.pdbx_gene_src_fragment             ? 
_entity_src_gen.pdbx_gene_src_scientific_name      'Homo sapiens' 
_entity_src_gen.pdbx_gene_src_ncbi_taxonomy_id     9606 
_entity_src_gen.pdbx_gene_src_variant              ? 
_entity_src_gen.pdbx_gene_src_cell_line            ? 
_entity_src_gen.pdbx_gene_src_atcc                 ? 
_entity_src_gen.pdbx_gene_src_organ                ? 
_entity_src_gen.pdbx_gene_src_organelle            ? 
_entity_src_gen.pdbx_gene_src_cell                 ? 
_entity_src_gen.pdbx_gene_src_cellular_location    CYTOPLASM 
_entity_src_gen.host_org_common_name               ? 
_entity_src_gen.pdbx_host_org_scientific_name      'Escherichia coli' 
_entity_src_gen.pdbx_host_org_ncbi_taxonomy_id     562 
_entity_src_gen.host_org_genus                     Escherichia 
_entity_src_gen.pdbx_host_org_gene                 ? 
_entity_src_gen.pdbx_host_org_organ                ? 
_entity_src_gen.host_org_species                   ? 
_entity_src_gen.pdbx_host_org_tissue               ? 
_entity_src_gen.pdbx_host_org_tissue_fraction      ? 
_entity_src_gen.pdbx_host_org_strain               'BL21 (DE3)' 
_entity_src_gen.pdbx_host_org_variant              PLYSS 
_entity_src_gen.pdbx_host_org_cell_line            ? 
_entity_src_gen.pdbx_host_org_atcc                 ? 
_entity_src_gen.pdbx_host_org_culture_collection   ? 
_entity_src_gen.pdbx_host_org_cell                 ? 
_entity_src_gen.pdbx_host_org_organelle            ? 
_entity_src_gen.pdbx_host_org_cellular_location    CYTOPLASM 
_entity_src_gen.pdbx_host_org_vector_type          ? 
_entity_src_gen.pdbx_host_org_vector               ? 
_entity_src_gen.host_org_details                   ? 
_entity_src_gen.expression_system_id               ? 
_entity_src_gen.plasmid_name                       ? 
_entity_src_gen.plasmid_details                    ? 
_entity_src_gen.pdbx_description                   ? 
# 
_pdbx_entity_src_syn.entity_id              2 
_pdbx_entity_src_syn.pdbx_src_id            1 
_pdbx_entity_src_syn.pdbx_alt_source_flag   sample 
_pdbx_entity_src_syn.pdbx_beg_seq_num       ? 
_pdbx_entity_src_syn.pdbx_end_seq_num       ? 
_pdbx_entity_src_syn.organism_scientific    ? 
_pdbx_entity_src_syn.organism_common_name   ? 
_pdbx_entity_src_syn.ncbi_taxonomy_id       ? 
_pdbx_entity_src_syn.details                'THE PROTEIN WAS CHEMICALLY SYNTHESIZED' 
# 
loop_
_chem_comp.id 
_chem_comp.type 
_chem_comp.mon_nstd_flag 
_chem_comp.name 
_chem_comp.pdbx_synonyms 
_chem_comp.formula 
_chem_comp.formula_weight 
ALA 'L-peptide linking' y ALANINE           ?                 'C3 H7 N O2'     89.093  
ARG 'L-peptide linking' y ARGININE          ?                 'C6 H15 N4 O2 1' 175.209 
ASN 'L-peptide linking' y ASPARAGINE        ?                 'C4 H8 N2 O3'    132.118 
ASP 'L-peptide linking' y 'ASPARTIC ACID'   ?                 'C4 H7 N O4'     133.103 
GLN 'L-peptide linking' y GLUTAMINE         ?                 'C5 H10 N2 O3'   146.144 
GLU 'L-peptide linking' y 'GLUTAMIC ACID'   ?                 'C5 H9 N O4'     147.129 
GLY 'peptide linking'   y GLYCINE           ?                 'C2 H5 N O2'     75.067  
HIS 'L-peptide linking' y HISTIDINE         ?                 'C6 H10 N3 O2 1' 156.162 
HOH non-polymer         . WATER             ?                 'H2 O'           18.015  
ILE 'L-peptide linking' y ISOLEUCINE        ?                 'C6 H13 N O2'    131.173 
LEU 'L-peptide linking' y LEUCINE           ?                 'C6 H13 N O2'    131.173 
LYS 'L-peptide linking' y LYSINE            ?                 'C6 H15 N2 O2 1' 147.195 
MET 'L-peptide linking' y METHIONINE        ?                 'C5 H11 N O2 S'  149.211 
PHE 'L-peptide linking' y PHENYLALANINE     ?                 'C9 H11 N O2'    165.189 
PRO 'L-peptide linking' y PROLINE           ?                 'C5 H9 N O2'     115.130 
PTR 'L-peptide linking' n O-PHOSPHOTYROSINE PHOSPHONOTYROSINE 'C9 H12 N O6 P'  261.168 
SER 'L-peptide linking' y SERINE            ?                 'C3 H7 N O3'     105.093 
THR 'L-peptide linking' y THREONINE         ?                 'C4 H9 N O3'     119.119 
TRP 'L-peptide linking' y TRYPTOPHAN        ?                 'C11 H12 N2 O2'  204.225 
TYR 'L-peptide linking' y TYROSINE          ?                 'C9 H11 N O3'    181.189 
VAL 'L-peptide linking' y VALINE            ?                 'C5 H11 N O2'    117.146 
# 
loop_
_pdbx_poly_seq_scheme.asym_id 
_pdbx_poly_seq_scheme.entity_id 
_pdbx_poly_seq_scheme.seq_id 
_pdbx_poly_seq_scheme.mon_id 
_pdbx_poly_seq_scheme.ndb_seq_num 
_pdbx_poly_seq_scheme.pdb_seq_num 
_pdbx_poly_seq_scheme.auth_seq_num 
_pdbx_poly_seq_scheme.pdb_mon_id 
_pdbx_poly_seq_scheme.auth_mon_id 
_pdbx_poly_seq_scheme.pdb_strand_id 
_pdbx_poly_seq_scheme.pdb_ins_code 
_pdbx_poly_seq_scheme.hetero 
A 1 1   MET 1   46  ?   ?   ?   A . n 
A 1 2   GLY 2   47  ?   ?   ?   A . n 
A 1 3   SER 3   48  ?   ?   ?   A . n 
A 1 4   PRO 4   49  ?   ?   ?   A . n 
A 1 5   LYS 5   50  ?   ?   ?   A . n 
A 1 6   ASN 6   51  ?   ?   ?   A . n 
A 1 7   TYR 7   52  ?   ?   ?   A . n 
A 1 8   ILE 8   53  ?   ?   ?   A . n 
A 1 9   GLU 9   54  ?   ?   ?   A . n 
A 1 10  MET 10  55  ?   ?   ?   A . n 
A 1 11  LYS 11  56  56  LYS LYS A . n 
A 1 12  PRO 12  57  57  PRO PRO A . n 
A 1 13  HIS 13  58  58  HIS HIS A . n 
A 1 14  PRO 14  59  59  PRO PRO A . n 
A 1 15  TRP 15  60  60  TRP TRP A . n 
A 1 16  PHE 16  61  61  PHE PHE A . n 
A 1 17  PHE 17  62  62  PHE PHE A . n 
A 1 18  GLY 18  63  63  GLY GLY A . n 
A 1 19  LYS 19  64  64  LYS LYS A . n 
A 1 20  ILE 20  65  65  ILE ILE A . n 
A 1 21  PRO 21  66  66  PRO PRO A . n 
A 1 22  ARG 22  67  67  ARG ARG A . n 
A 1 23  ALA 23  68  68  ALA ALA A . n 
A 1 24  LYS 24  69  69  LYS LYS A . n 
A 1 25  ALA 25  70  70  ALA ALA A . n 
A 1 26  GLU 26  71  71  GLU GLU A . n 
A 1 27  GLU 27  72  72  GLU GLU A . n 
A 1 28  MET 28  73  73  MET MET A . n 
A 1 29  LEU 29  74  74  LEU LEU A . n 
A 1 30  SER 30  75  75  SER SER A . n 
A 1 31  LYS 31  76  76  LYS LYS A . n 
A 1 32  GLN 32  77  77  GLN GLN A . n 
A 1 33  ARG 33  78  78  ARG ARG A . n 
A 1 34  HIS 34  79  79  HIS HIS A . n 
A 1 35  ASP 35  80  80  ASP ASP A . n 
A 1 36  GLY 36  81  81  GLY GLY A . n 
A 1 37  ALA 37  82  82  ALA ALA A . n 
A 1 38  PHE 38  83  83  PHE PHE A . n 
A 1 39  LEU 39  84  84  LEU LEU A . n 
A 1 40  ILE 40  85  85  ILE ILE A . n 
A 1 41  ARG 41  86  86  ARG ARG A . n 
A 1 42  GLU 42  87  87  GLU GLU A . n 
A 1 43  SER 43  88  88  SER SER A . n 
A 1 44  GLU 44  89  89  GLU GLU A . n 
A 1 45  SER 45  90  90  SER SER A . n 
A 1 46  ALA 46  91  91  ALA ALA A . n 
A 1 47  PRO 47  92  92  PRO PRO A . n 
A 1 48  GLY 48  93  93  GLY GLY A . n 
A 1 49  ASP 49  94  94  ASP ASP A . n 
A 1 50  PHE 50  95  95  PHE PHE A . n 
A 1 51  SER 51  96  96  SER SER A . n 
A 1 52  LEU 52  97  97  LEU LEU A . n 
A 1 53  SER 53  98  98  SER SER A . n 
A 1 54  VAL 54  99  99  VAL VAL A . n 
A 1 55  LYS 55  100 100 LYS LYS A . n 
A 1 56  PHE 56  101 101 PHE PHE A . n 
A 1 57  GLY 57  102 102 GLY GLY A . n 
A 1 58  ASN 58  103 103 ASN ASN A . n 
A 1 59  ASP 59  104 104 ASP ASP A . n 
A 1 60  VAL 60  105 105 VAL VAL A . n 
A 1 61  GLN 61  106 106 GLN GLN A . n 
A 1 62  HIS 62  107 107 HIS HIS A . n 
A 1 63  PHE 63  108 108 PHE PHE A . n 
A 1 64  LYS 64  109 109 LYS LYS A . n 
A 1 65  VAL 65  110 110 VAL VAL A . n 
A 1 66  LEU 66  111 111 LEU LEU A . n 
A 1 67  ARG 67  112 112 ARG ARG A . n 
A 1 68  ASP 68  113 113 ASP ASP A . n 
A 1 69  GLY 69  114 114 GLY GLY A . n 
A 1 70  ALA 70  115 115 ALA ALA A . n 
A 1 71  GLY 71  116 116 GLY GLY A . n 
A 1 72  LYS 72  117 117 LYS LYS A . n 
A 1 73  TYR 73  118 118 TYR TYR A . n 
A 1 74  PHE 74  119 119 PHE PHE A . n 
A 1 75  LEU 75  120 120 LEU LEU A . n 
A 1 76  TRP 76  121 121 TRP TRP A . n 
A 1 77  VAL 77  122 122 VAL VAL A . n 
A 1 78  VAL 78  123 123 VAL VAL A . n 
A 1 79  LYS 79  124 124 LYS LYS A . n 
A 1 80  PHE 80  125 125 PHE PHE A . n 
A 1 81  ASN 81  126 126 ASN ASN A . n 
A 1 82  SER 82  127 127 SER SER A . n 
A 1 83  LEU 83  128 128 LEU LEU A . n 
A 1 84  ASN 84  129 129 ASN ASN A . n 
A 1 85  GLU 85  130 130 GLU GLU A . n 
A 1 86  LEU 86  131 131 LEU LEU A . n 
A 1 87  VAL 87  132 132 VAL VAL A . n 
A 1 88  ASP 88  133 133 ASP ASP A . n 
A 1 89  TYR 89  134 134 TYR TYR A . n 
A 1 90  HIS 90  135 135 HIS HIS A . n 
A 1 91  ARG 91  136 136 ARG ARG A . n 
A 1 92  SER 92  137 137 SER SER A . n 
A 1 93  THR 93  138 138 THR THR A . n 
A 1 94  SER 94  139 139 SER SER A . n 
A 1 95  VAL 95  140 140 VAL VAL A . n 
A 1 96  SER 96  141 141 SER SER A . n 
A 1 97  ARG 97  142 142 ARG ARG A . n 
A 1 98  ASN 98  143 143 ASN ASN A . n 
A 1 99  GLN 99  144 144 GLN GLN A . n 
A 1 100 GLN 100 145 145 GLN GLN A . n 
A 1 101 ILE 101 146 146 ILE ILE A . n 
A 1 102 PHE 102 147 147 PHE PHE A . n 
A 1 103 LEU 103 148 148 LEU LEU A . n 
A 1 104 ARG 104 149 149 ARG ARG A . n 
A 1 105 ASP 105 150 150 ASP ASP A . n 
A 1 106 ILE 106 151 151 ILE ILE A . n 
A 1 107 GLU 107 152 152 GLU GLU A . n 
A 1 108 GLN 108 153 153 GLN GLN A . n 
A 1 109 VAL 109 154 ?   ?   ?   A . n 
A 1 110 PRO 110 155 ?   ?   ?   A . n 
A 1 111 GLN 111 156 ?   ?   ?   A . n 
A 1 112 GLN 112 157 ?   ?   ?   A . n 
A 1 113 PRO 113 158 ?   ?   ?   A . n 
A 1 114 THR 114 159 ?   ?   ?   A . n 
A 1 115 TYR 115 160 ?   ?   ?   A . n 
A 1 116 VAL 116 161 ?   ?   ?   A . n 
A 1 117 GLN 117 162 ?   ?   ?   A . n 
A 1 118 ALA 118 163 ?   ?   ?   A . n 
A 1 119 LEU 119 164 ?   ?   ?   A . n 
A 1 120 PHE 120 165 ?   ?   ?   A . n 
A 1 121 ASP 121 166 ?   ?   ?   A . n 
A 1 122 PHE 122 167 ?   ?   ?   A . n 
A 1 123 ASP 123 168 ?   ?   ?   A . n 
B 2 1   LYS 1   1   1   LYS LYS I . n 
B 2 2   PRO 2   2   2   PRO PRO I . n 
B 2 3   PHE 3   3   3   PHE PHE I . n 
B 2 4   PTR 4   4   4   PTR PTR I . n 
B 2 5   VAL 5   5   5   VAL VAL I . n 
B 2 6   ASN 6   6   6   ASN ASN I . n 
B 2 7   VAL 7   7   7   VAL VAL I . n 
B 2 8   GLU 8   8   8   GLU GLU I . n 
B 2 9   PHE 9   9   9   PHE PHE I . n 
# 
loop_
_pdbx_nonpoly_scheme.asym_id 
_pdbx_nonpoly_scheme.entity_id 
_pdbx_nonpoly_scheme.mon_id 
_pdbx_nonpoly_scheme.ndb_seq_num 
_pdbx_nonpoly_scheme.pdb_seq_num 
_pdbx_nonpoly_scheme.auth_seq_num 
_pdbx_nonpoly_scheme.pdb_mon_id 
_pdbx_nonpoly_scheme.auth_mon_id 
_pdbx_nonpoly_scheme.pdb_strand_id 
_pdbx_nonpoly_scheme.pdb_ins_code 
C 3 HOH 1   169 1   HOH HOH A . 
C 3 HOH 2   170 2   HOH HOH A . 
C 3 HOH 3   171 3   HOH HOH A . 
C 3 HOH 4   172 4   HOH HOH A . 
C 3 HOH 5   173 5   HOH HOH A . 
C 3 HOH 6   174 6   HOH HOH A . 
C 3 HOH 7   175 7   HOH HOH A . 
C 3 HOH 8   176 8   HOH HOH A . 
C 3 HOH 9   177 9   HOH HOH A . 
C 3 HOH 10  178 10  HOH HOH A . 
C 3 HOH 11  179 11  HOH HOH A . 
C 3 HOH 12  180 12  HOH HOH A . 
C 3 HOH 13  181 13  HOH HOH A . 
C 3 HOH 14  182 14  HOH HOH A . 
C 3 HOH 15  183 16  HOH HOH A . 
C 3 HOH 16  184 17  HOH HOH A . 
C 3 HOH 17  185 18  HOH HOH A . 
C 3 HOH 18  186 19  HOH HOH A . 
C 3 HOH 19  187 20  HOH HOH A . 
C 3 HOH 20  188 21  HOH HOH A . 
C 3 HOH 21  189 22  HOH HOH A . 
C 3 HOH 22  190 24  HOH HOH A . 
C 3 HOH 23  191 25  HOH HOH A . 
C 3 HOH 24  192 26  HOH HOH A . 
C 3 HOH 25  193 27  HOH HOH A . 
C 3 HOH 26  194 28  HOH HOH A . 
C 3 HOH 27  195 29  HOH HOH A . 
C 3 HOH 28  196 30  HOH HOH A . 
C 3 HOH 29  197 31  HOH HOH A . 
C 3 HOH 30  198 32  HOH HOH A . 
C 3 HOH 31  199 33  HOH HOH A . 
C 3 HOH 32  200 34  HOH HOH A . 
C 3 HOH 33  201 36  HOH HOH A . 
C 3 HOH 34  202 37  HOH HOH A . 
C 3 HOH 35  203 38  HOH HOH A . 
C 3 HOH 36  204 39  HOH HOH A . 
C 3 HOH 37  205 40  HOH HOH A . 
C 3 HOH 38  206 41  HOH HOH A . 
C 3 HOH 39  207 42  HOH HOH A . 
C 3 HOH 40  208 43  HOH HOH A . 
C 3 HOH 41  209 44  HOH HOH A . 
C 3 HOH 42  210 45  HOH HOH A . 
C 3 HOH 43  211 46  HOH HOH A . 
C 3 HOH 44  212 47  HOH HOH A . 
C 3 HOH 45  213 48  HOH HOH A . 
C 3 HOH 46  214 49  HOH HOH A . 
C 3 HOH 47  215 50  HOH HOH A . 
C 3 HOH 48  216 51  HOH HOH A . 
C 3 HOH 49  217 52  HOH HOH A . 
C 3 HOH 50  218 53  HOH HOH A . 
C 3 HOH 51  219 54  HOH HOH A . 
C 3 HOH 52  220 56  HOH HOH A . 
C 3 HOH 53  221 57  HOH HOH A . 
C 3 HOH 54  222 58  HOH HOH A . 
C 3 HOH 55  223 59  HOH HOH A . 
C 3 HOH 56  224 60  HOH HOH A . 
C 3 HOH 57  225 61  HOH HOH A . 
C 3 HOH 58  226 62  HOH HOH A . 
C 3 HOH 59  227 63  HOH HOH A . 
C 3 HOH 60  228 64  HOH HOH A . 
C 3 HOH 61  229 65  HOH HOH A . 
C 3 HOH 62  230 66  HOH HOH A . 
C 3 HOH 63  231 67  HOH HOH A . 
C 3 HOH 64  232 68  HOH HOH A . 
C 3 HOH 65  233 69  HOH HOH A . 
C 3 HOH 66  234 70  HOH HOH A . 
C 3 HOH 67  235 72  HOH HOH A . 
C 3 HOH 68  236 73  HOH HOH A . 
C 3 HOH 69  237 75  HOH HOH A . 
C 3 HOH 70  238 77  HOH HOH A . 
C 3 HOH 71  239 78  HOH HOH A . 
C 3 HOH 72  240 79  HOH HOH A . 
C 3 HOH 73  241 80  HOH HOH A . 
C 3 HOH 74  242 81  HOH HOH A . 
C 3 HOH 75  243 82  HOH HOH A . 
C 3 HOH 76  244 83  HOH HOH A . 
C 3 HOH 77  245 84  HOH HOH A . 
C 3 HOH 78  246 85  HOH HOH A . 
C 3 HOH 79  247 86  HOH HOH A . 
C 3 HOH 80  248 87  HOH HOH A . 
C 3 HOH 81  249 88  HOH HOH A . 
C 3 HOH 82  250 89  HOH HOH A . 
C 3 HOH 83  251 91  HOH HOH A . 
C 3 HOH 84  252 92  HOH HOH A . 
C 3 HOH 85  253 93  HOH HOH A . 
C 3 HOH 86  254 94  HOH HOH A . 
C 3 HOH 87  255 95  HOH HOH A . 
C 3 HOH 88  256 97  HOH HOH A . 
C 3 HOH 89  257 98  HOH HOH A . 
C 3 HOH 90  258 99  HOH HOH A . 
C 3 HOH 91  259 102 HOH HOH A . 
C 3 HOH 92  260 103 HOH HOH A . 
C 3 HOH 93  261 104 HOH HOH A . 
C 3 HOH 94  262 105 HOH HOH A . 
C 3 HOH 95  263 106 HOH HOH A . 
C 3 HOH 96  264 107 HOH HOH A . 
C 3 HOH 97  265 108 HOH HOH A . 
C 3 HOH 98  266 109 HOH HOH A . 
C 3 HOH 99  267 110 HOH HOH A . 
C 3 HOH 100 268 112 HOH HOH A . 
C 3 HOH 101 269 113 HOH HOH A . 
C 3 HOH 102 270 114 HOH HOH A . 
C 3 HOH 103 271 115 HOH HOH A . 
D 3 HOH 1   15  15  HOH HOH I . 
D 3 HOH 2   23  23  HOH HOH I . 
D 3 HOH 3   35  35  HOH HOH I . 
D 3 HOH 4   55  55  HOH HOH I . 
D 3 HOH 5   71  71  HOH HOH I . 
D 3 HOH 6   74  74  HOH HOH I . 
D 3 HOH 7   76  76  HOH HOH I . 
D 3 HOH 8   90  90  HOH HOH I . 
D 3 HOH 9   96  96  HOH HOH I . 
D 3 HOH 10  100 100 HOH HOH I . 
D 3 HOH 11  101 101 HOH HOH I . 
D 3 HOH 12  111 111 HOH HOH I . 
# 
loop_
_software.name 
_software.classification 
_software.version 
_software.citation_id 
_software.pdbx_ordinal 
AMoRE     phasing          .   ? 1 
X-PLOR    refinement       3.1 ? 2 
DENZO     'data reduction' .   ? 3 
SCALEPACK 'data scaling'   .   ? 4 
# 
_cell.entry_id           1BMB 
_cell.length_a           51.130 
_cell.length_b           51.130 
_cell.length_c           90.250 
_cell.angle_alpha        90.00 
_cell.angle_beta         90.00 
_cell.angle_gamma        90.00 
_cell.Z_PDB              8 
_cell.pdbx_unique_axis   ? 
# 
_symmetry.entry_id                         1BMB 
_symmetry.space_group_name_H-M             'P 41 21 2' 
_symmetry.pdbx_full_space_group_name_H-M   ? 
_symmetry.cell_setting                     ? 
_symmetry.Int_Tables_number                92 
# 
_exptl.entry_id          1BMB 
_exptl.method            'X-RAY DIFFRACTION' 
_exptl.crystals_number   1 
# 
_exptl_crystal.id                    1 
_exptl_crystal.density_meas          ? 
_exptl_crystal.density_Matthews      2.2 
_exptl_crystal.density_percent_sol   44 
_exptl_crystal.description           ? 
# 
_exptl_crystal_grow.crystal_id      1 
_exptl_crystal_grow.method          ? 
_exptl_crystal_grow.temp            ? 
_exptl_crystal_grow.temp_details    ? 
_exptl_crystal_grow.pH              6.5 
_exptl_crystal_grow.pdbx_details    
;PROTEIN (15MG/ML IN 100MM SODIUM CHLORIDE, 0.02% SODIUM AZIDE) WAS CRYSTALLIZED FROM 46% SATURATED AMMONIUM SULFATE, 100MM SODIUM MES PH 6.5, IN PRESENCE OF A 2-FOLD EXCESS OF LIGAND
;
_exptl_crystal_grow.pdbx_pH_range   . 
# 
_diffrn.id                     1 
_diffrn.ambient_temp           293 
_diffrn.ambient_temp_details   ? 
_diffrn.crystal_id             1 
# 
_diffrn_detector.diffrn_id              1 
_diffrn_detector.detector               'IMAGE PLATE' 
_diffrn_detector.type                   'MAC Science DIP-2020' 
_diffrn_detector.pdbx_collection_date   1996-09-19 
_diffrn_detector.details                MIRRORS 
# 
_diffrn_radiation.diffrn_id                        1 
_diffrn_radiation.wavelength_id                    1 
_diffrn_radiation.pdbx_monochromatic_or_laue_m_l   M 
_diffrn_radiation.monochromator                    'DOUBLE MIRRORS' 
_diffrn_radiation.pdbx_diffrn_protocol             'SINGLE WAVELENGTH' 
_diffrn_radiation.pdbx_scattering_type             x-ray 
# 
_diffrn_radiation_wavelength.id           1 
_diffrn_radiation_wavelength.wavelength   1.5418 
_diffrn_radiation_wavelength.wt           1.0 
# 
_diffrn_source.diffrn_id                   1 
_diffrn_source.source                      'ROTATING ANODE' 
_diffrn_source.type                        'ENRAF-NONIUS FR591' 
_diffrn_source.pdbx_synchrotron_site       ? 
_diffrn_source.pdbx_synchrotron_beamline   ? 
_diffrn_source.pdbx_wavelength             1.5418 
_diffrn_source.pdbx_wavelength_list        ? 
# 
_reflns.entry_id                     1BMB 
_reflns.observed_criterion_sigma_I   0 
_reflns.observed_criterion_sigma_F   ? 
_reflns.d_resolution_low             10.0 
_reflns.d_resolution_high            1.80 
_reflns.number_obs                   11579 
_reflns.number_all                   ? 
_reflns.percent_possible_obs         99.9 
_reflns.pdbx_Rmerge_I_obs            0.0740000 
_reflns.pdbx_Rsym_value              ? 
_reflns.pdbx_netI_over_sigmaI        11.5 
_reflns.B_iso_Wilson_estimate        15.5 
_reflns.pdbx_redundancy              8.7 
_reflns.R_free_details               ? 
_reflns.pdbx_diffrn_id               1 
_reflns.pdbx_ordinal                 1 
# 
_reflns_shell.d_res_high             1.80 
_reflns_shell.d_res_low              1.83 
_reflns_shell.percent_possible_all   99.8 
_reflns_shell.Rmerge_I_obs           0.1990000 
_reflns_shell.pdbx_Rsym_value        ? 
_reflns_shell.meanI_over_sigI_obs    2.6 
_reflns_shell.pdbx_redundancy        8.7 
_reflns_shell.percent_possible_obs   ? 
_reflns_shell.number_unique_all      ? 
_reflns_shell.pdbx_diffrn_id         ? 
_reflns_shell.pdbx_ordinal           1 
# 
_refine.entry_id                                 1BMB 
_refine.ls_number_reflns_obs                     11579 
_refine.ls_number_reflns_all                     ? 
_refine.pdbx_ls_sigma_I                          ? 
_refine.pdbx_ls_sigma_F                          0.0 
_refine.pdbx_data_cutoff_high_absF               100000000.00 
_refine.pdbx_data_cutoff_low_absF                0.00000 
_refine.pdbx_data_cutoff_high_rms_absF           ? 
_refine.ls_d_res_low                             10.00 
_refine.ls_d_res_high                            1.80 
_refine.ls_percent_reflns_obs                    99.9 
_refine.ls_R_factor_obs                          0.1870000 
_refine.ls_R_factor_all                          ? 
_refine.ls_R_factor_R_work                       0.1870000 
_refine.ls_R_factor_R_free                       0.2180000 
_refine.ls_R_factor_R_free_error                 0.006 
_refine.ls_R_factor_R_free_error_details         ? 
_refine.ls_percent_reflns_R_free                 10.4 
_refine.ls_number_reflns_R_free                  1202 
_refine.ls_number_parameters                     ? 
_refine.ls_number_restraints                     ? 
_refine.occupancy_min                            ? 
_refine.occupancy_max                            ? 
_refine.B_iso_mean                               22.5 
_refine.aniso_B[1][1]                            0.00 
_refine.aniso_B[2][2]                            0.00 
_refine.aniso_B[3][3]                            0.00 
_refine.aniso_B[1][2]                            0.00 
_refine.aniso_B[1][3]                            0.00 
_refine.aniso_B[2][3]                            0.00 
_refine.solvent_model_details                    ? 
_refine.solvent_model_param_ksol                 ? 
_refine.solvent_model_param_bsol                 ? 
_refine.pdbx_ls_cross_valid_method               THROUGHOUT 
_refine.details                                  ? 
_refine.pdbx_starting_model                      'PDB ENTRY 1GRI' 
_refine.pdbx_method_to_determine_struct          'MOLECULAR REPLACEMENT' 
_refine.pdbx_isotropic_thermal_model             RESTRAINED 
_refine.pdbx_stereochemistry_target_values       ? 
_refine.pdbx_stereochem_target_val_spec_case     ? 
_refine.pdbx_R_Free_selection_details            RANDOM 
_refine.pdbx_overall_ESU_R                       ? 
_refine.pdbx_overall_ESU_R_Free                  ? 
_refine.overall_SU_ML                            ? 
_refine.overall_SU_B                             ? 
_refine.ls_redundancy_reflns_obs                 ? 
_refine.pdbx_refine_id                           'X-RAY DIFFRACTION' 
_refine.pdbx_diffrn_id                           1 
_refine.pdbx_TLS_residual_ADP_flag               ? 
_refine.correlation_coeff_Fo_to_Fc               ? 
_refine.correlation_coeff_Fo_to_Fc_free          ? 
_refine.pdbx_solvent_vdw_probe_radii             ? 
_refine.pdbx_solvent_ion_probe_radii             ? 
_refine.pdbx_solvent_shrinkage_radii             ? 
_refine.pdbx_overall_phase_error                 ? 
_refine.overall_SU_R_Cruickshank_DPI             ? 
_refine.pdbx_overall_SU_R_free_Cruickshank_DPI   ? 
_refine.pdbx_overall_SU_R_Blow_DPI               ? 
_refine.pdbx_overall_SU_R_free_Blow_DPI          ? 
# 
_refine_analyze.entry_id                        1BMB 
_refine_analyze.Luzzati_coordinate_error_obs    0.18 
_refine_analyze.Luzzati_sigma_a_obs             0.16 
_refine_analyze.Luzzati_d_res_low_obs           5.00 
_refine_analyze.Luzzati_coordinate_error_free   0.20 
_refine_analyze.Luzzati_sigma_a_free            0.14 
_refine_analyze.Luzzati_d_res_low_free          ? 
_refine_analyze.number_disordered_residues      ? 
_refine_analyze.occupancy_sum_hydrogen          ? 
_refine_analyze.occupancy_sum_non_hydrogen      ? 
_refine_analyze.pdbx_refine_id                  'X-RAY DIFFRACTION' 
# 
_refine_hist.pdbx_refine_id                   'X-RAY DIFFRACTION' 
_refine_hist.cycle_id                         LAST 
_refine_hist.pdbx_number_atoms_protein        903 
_refine_hist.pdbx_number_atoms_nucleic_acid   0 
_refine_hist.pdbx_number_atoms_ligand         0 
_refine_hist.number_atoms_solvent             115 
_refine_hist.number_atoms_total               1018 
_refine_hist.d_res_high                       1.80 
_refine_hist.d_res_low                        10.00 
# 
loop_
_refine_ls_restr.type 
_refine_ls_restr.dev_ideal 
_refine_ls_restr.dev_ideal_target 
_refine_ls_restr.weight 
_refine_ls_restr.number 
_refine_ls_restr.pdbx_refine_id 
_refine_ls_restr.pdbx_restraint_function 
x_bond_d                0.007 ?    ? ? 'X-RAY DIFFRACTION' ? 
x_bond_d_na             ?     ?    ? ? 'X-RAY DIFFRACTION' ? 
x_bond_d_prot           ?     ?    ? ? 'X-RAY DIFFRACTION' ? 
x_angle_d               ?     ?    ? ? 'X-RAY DIFFRACTION' ? 
x_angle_d_na            ?     ?    ? ? 'X-RAY DIFFRACTION' ? 
x_angle_d_prot          ?     ?    ? ? 'X-RAY DIFFRACTION' ? 
x_angle_deg             1.3   ?    ? ? 'X-RAY DIFFRACTION' ? 
x_angle_deg_na          ?     ?    ? ? 'X-RAY DIFFRACTION' ? 
x_angle_deg_prot        ?     ?    ? ? 'X-RAY DIFFRACTION' ? 
x_dihedral_angle_d      25.8  ?    ? ? 'X-RAY DIFFRACTION' ? 
x_dihedral_angle_d_na   ?     ?    ? ? 'X-RAY DIFFRACTION' ? 
x_dihedral_angle_d_prot ?     ?    ? ? 'X-RAY DIFFRACTION' ? 
x_improper_angle_d      1.10  ?    ? ? 'X-RAY DIFFRACTION' ? 
x_improper_angle_d_na   ?     ?    ? ? 'X-RAY DIFFRACTION' ? 
x_improper_angle_d_prot ?     ?    ? ? 'X-RAY DIFFRACTION' ? 
x_mcbond_it             1.95  1.50 ? ? 'X-RAY DIFFRACTION' ? 
x_mcangle_it            3.26  2.00 ? ? 'X-RAY DIFFRACTION' ? 
x_scbond_it             3.50  2.00 ? ? 'X-RAY DIFFRACTION' ? 
x_scangle_it            5.62  2.50 ? ? 'X-RAY DIFFRACTION' ? 
# 
_refine_ls_shell.pdbx_total_number_of_bins_used   6 
_refine_ls_shell.d_res_high                       1.80 
_refine_ls_shell.d_res_low                        1.91 
_refine_ls_shell.number_reflns_R_work             1660 
_refine_ls_shell.R_factor_R_work                  0.2690000 
_refine_ls_shell.percent_reflns_obs               100.0 
_refine_ls_shell.R_factor_R_free                  0.2770000 
_refine_ls_shell.R_factor_R_free_error            0.019 
_refine_ls_shell.percent_reflns_R_free            11.2 
_refine_ls_shell.number_reflns_R_free             209 
_refine_ls_shell.redundancy_reflns_obs            ? 
_refine_ls_shell.pdbx_refine_id                   'X-RAY DIFFRACTION' 
_refine_ls_shell.number_reflns_all                ? 
_refine_ls_shell.R_factor_all                     ? 
# 
loop_
_pdbx_xplor_file.serial_no 
_pdbx_xplor_file.param_file 
_pdbx_xplor_file.topol_file 
_pdbx_xplor_file.pdbx_refine_id 
1 PARHCSDX.PRO TOPHCSDX.PRO 'X-RAY DIFFRACTION' 
2 WATER.PAR    WATER.TOP    'X-RAY DIFFRACTION' 
3 PO4.PAR      ?            'X-RAY DIFFRACTION' 
# 
_struct.entry_id                  1BMB 
_struct.title                     'GRB2-SH2 DOMAIN IN COMPLEX WITH KPFY*VNVEF (PKF270-974)' 
_struct.pdbx_model_details        ? 
_struct.pdbx_CASP_flag            ? 
_struct.pdbx_model_type_details   ? 
# 
_struct_keywords.entry_id        1BMB 
_struct_keywords.pdbx_keywords   'HORMONE/GROWTH FACTOR' 
_struct_keywords.text            'SH2 DOMAIN, SIGNAL TRANSDUCTION, ADAPTOR PROTEIN, RAS PATHWAY, HORMONE-GROWTH FACTOR COMPLEX' 
# 
loop_
_struct_asym.id 
_struct_asym.pdbx_blank_PDB_chainid_flag 
_struct_asym.pdbx_modified 
_struct_asym.entity_id 
_struct_asym.details 
A N N 1 ? 
B N N 2 ? 
C N N 3 ? 
D N N 3 ? 
# 
loop_
_struct_ref.id 
_struct_ref.db_name 
_struct_ref.db_code 
_struct_ref.entity_id 
_struct_ref.pdbx_db_accession 
_struct_ref.pdbx_db_isoform 
_struct_ref.pdbx_seq_one_letter_code 
_struct_ref.pdbx_align_begin 
1 UNP GRB2_HUMAN 1 P62993 ? ? ? 
2 PDB 1BMB       2 1BMB   ? ? ? 
# 
loop_
_struct_ref_seq.align_id 
_struct_ref_seq.ref_id 
_struct_ref_seq.pdbx_PDB_id_code 
_struct_ref_seq.pdbx_strand_id 
_struct_ref_seq.seq_align_beg 
_struct_ref_seq.pdbx_seq_align_beg_ins_code 
_struct_ref_seq.seq_align_end 
_struct_ref_seq.pdbx_seq_align_end_ins_code 
_struct_ref_seq.pdbx_db_accession 
_struct_ref_seq.db_align_beg 
_struct_ref_seq.pdbx_db_align_beg_ins_code 
_struct_ref_seq.db_align_end 
_struct_ref_seq.pdbx_db_align_end_ins_code 
_struct_ref_seq.pdbx_auth_seq_align_beg 
_struct_ref_seq.pdbx_auth_seq_align_end 
1 1 1BMB A 1 ? 123 ? P62993 46 ? 168 ? 46 168 
2 2 1BMB I 1 ? 9   ? 1BMB   1  ? 9   ? 1  9   
# 
loop_
_struct_ref_seq_dif.align_id 
_struct_ref_seq_dif.pdbx_pdb_id_code 
_struct_ref_seq_dif.mon_id 
_struct_ref_seq_dif.pdbx_pdb_strand_id 
_struct_ref_seq_dif.seq_num 
_struct_ref_seq_dif.pdbx_pdb_ins_code 
_struct_ref_seq_dif.pdbx_seq_db_name 
_struct_ref_seq_dif.pdbx_seq_db_accession_code 
_struct_ref_seq_dif.db_mon_id 
_struct_ref_seq_dif.pdbx_seq_db_seq_num 
_struct_ref_seq_dif.details 
_struct_ref_seq_dif.pdbx_auth_seq_num 
_struct_ref_seq_dif.pdbx_ordinal 
1 1BMB MET A 1 ? UNP P62993 GLY 46 'cloning artifact' 46 1 
1 1BMB GLY A 2 ? UNP P62993 PHE 47 'cloning artifact' 47 2 
1 1BMB SER A 3 ? UNP P62993 ILE 48 'cloning artifact' 48 3 
# 
loop_
_pdbx_struct_assembly.id 
_pdbx_struct_assembly.details 
_pdbx_struct_assembly.method_details 
_pdbx_struct_assembly.oligomeric_details 
_pdbx_struct_assembly.oligomeric_count 
1 author_and_software_defined_assembly PISA dimeric    2 
2 software_defined_assembly            PISA tetrameric 4 
# 
loop_
_pdbx_struct_assembly_prop.biol_id 
_pdbx_struct_assembly_prop.type 
_pdbx_struct_assembly_prop.value 
_pdbx_struct_assembly_prop.details 
1 'ABSA (A^2)' 900   ? 
1 MORE         -9    ? 
1 'SSA (A^2)'  6430  ? 
2 'ABSA (A^2)' 3490  ? 
2 MORE         -30   ? 
2 'SSA (A^2)'  11160 ? 
# 
loop_
_pdbx_struct_assembly_gen.assembly_id 
_pdbx_struct_assembly_gen.oper_expression 
_pdbx_struct_assembly_gen.asym_id_list 
1 1   A,B,C,D 
2 1,2 A,B,C,D 
# 
loop_
_pdbx_struct_oper_list.id 
_pdbx_struct_oper_list.type 
_pdbx_struct_oper_list.name 
_pdbx_struct_oper_list.symmetry_operation 
_pdbx_struct_oper_list.matrix[1][1] 
_pdbx_struct_oper_list.matrix[1][2] 
_pdbx_struct_oper_list.matrix[1][3] 
_pdbx_struct_oper_list.vector[1] 
_pdbx_struct_oper_list.matrix[2][1] 
_pdbx_struct_oper_list.matrix[2][2] 
_pdbx_struct_oper_list.matrix[2][3] 
_pdbx_struct_oper_list.vector[2] 
_pdbx_struct_oper_list.matrix[3][1] 
_pdbx_struct_oper_list.matrix[3][2] 
_pdbx_struct_oper_list.matrix[3][3] 
_pdbx_struct_oper_list.vector[3] 
1 'identity operation'         1_555 x,y,z  1.0000000000  0.0000000000 0.0000000000 0.0000000000 0.0000000000 1.0000000000  0.0000000000 0.0000000000  0.0000000000 0.0000000000 1.0000000000 0.0000000000   
2 'crystal symmetry operation' 7_555 y,x,-z -0.4867731176 0.3522667369 0.7993497846 1.6460578695 0.3522667369 -0.7582124823 0.5486546981 21.2991335152 0.7993497846 0.5486546981 0.2449855999 -10.4432096831 
# 
_struct_biol.id   1 
# 
loop_
_struct_conf.conf_type_id 
_struct_conf.id 
_struct_conf.pdbx_PDB_helix_id 
_struct_conf.beg_label_comp_id 
_struct_conf.beg_label_asym_id 
_struct_conf.beg_label_seq_id 
_struct_conf.pdbx_beg_PDB_ins_code 
_struct_conf.end_label_comp_id 
_struct_conf.end_label_asym_id 
_struct_conf.end_label_seq_id 
_struct_conf.pdbx_end_PDB_ins_code 
_struct_conf.beg_auth_comp_id 
_struct_conf.beg_auth_asym_id 
_struct_conf.beg_auth_seq_id 
_struct_conf.end_auth_comp_id 
_struct_conf.end_auth_asym_id 
_struct_conf.end_auth_seq_id 
_struct_conf.pdbx_PDB_helix_class 
_struct_conf.details 
_struct_conf.pdbx_PDB_helix_length 
HELX_P HELX_P1 1 ARG A 22 ? LYS A 31 ? ARG A 67  LYS A 76  1 ? 10 
HELX_P HELX_P2 2 LEU A 83 ? ARG A 91 ? LEU A 128 ARG A 136 1 ? 9  
# 
_struct_conf_type.id          HELX_P 
_struct_conf_type.criteria    ? 
_struct_conf_type.reference   ? 
# 
loop_
_struct_conn.id 
_struct_conn.conn_type_id 
_struct_conn.pdbx_leaving_atom_flag 
_struct_conn.pdbx_PDB_id 
_struct_conn.ptnr1_label_asym_id 
_struct_conn.ptnr1_label_comp_id 
_struct_conn.ptnr1_label_seq_id 
_struct_conn.ptnr1_label_atom_id 
_struct_conn.pdbx_ptnr1_label_alt_id 
_struct_conn.pdbx_ptnr1_PDB_ins_code 
_struct_conn.pdbx_ptnr1_standard_comp_id 
_struct_conn.ptnr1_symmetry 
_struct_conn.ptnr2_label_asym_id 
_struct_conn.ptnr2_label_comp_id 
_struct_conn.ptnr2_label_seq_id 
_struct_conn.ptnr2_label_atom_id 
_struct_conn.pdbx_ptnr2_label_alt_id 
_struct_conn.pdbx_ptnr2_PDB_ins_code 
_struct_conn.ptnr1_auth_asym_id 
_struct_conn.ptnr1_auth_comp_id 
_struct_conn.ptnr1_auth_seq_id 
_struct_conn.ptnr2_auth_asym_id 
_struct_conn.ptnr2_auth_comp_id 
_struct_conn.ptnr2_auth_seq_id 
_struct_conn.ptnr2_symmetry 
_struct_conn.pdbx_ptnr3_label_atom_id 
_struct_conn.pdbx_ptnr3_label_seq_id 
_struct_conn.pdbx_ptnr3_label_comp_id 
_struct_conn.pdbx_ptnr3_label_asym_id 
_struct_conn.pdbx_ptnr3_label_alt_id 
_struct_conn.pdbx_ptnr3_PDB_ins_code 
_struct_conn.details 
_struct_conn.pdbx_dist_value 
_struct_conn.pdbx_value_order 
_struct_conn.pdbx_role 
covale1 covale both ? B PHE 3 C ? ? ? 1_555 B PTR 4 N ? ? I PHE 3 I PTR 4 1_555 ? ? ? ? ? ? ? 1.325 ? ? 
covale2 covale both ? B PTR 4 C ? ? ? 1_555 B VAL 5 N ? ? I PTR 4 I VAL 5 1_555 ? ? ? ? ? ? ? 1.324 ? ? 
# 
_struct_conn_type.id          covale 
_struct_conn_type.criteria    ? 
_struct_conn_type.reference   ? 
# 
_pdbx_modification_feature.ordinal                            1 
_pdbx_modification_feature.label_comp_id                      PTR 
_pdbx_modification_feature.label_asym_id                      B 
_pdbx_modification_feature.label_seq_id                       4 
_pdbx_modification_feature.label_alt_id                       ? 
_pdbx_modification_feature.modified_residue_label_comp_id     . 
_pdbx_modification_feature.modified_residue_label_asym_id     . 
_pdbx_modification_feature.modified_residue_label_seq_id      . 
_pdbx_modification_feature.modified_residue_label_alt_id      . 
_pdbx_modification_feature.auth_comp_id                       PTR 
_pdbx_modification_feature.auth_asym_id                       I 
_pdbx_modification_feature.auth_seq_id                        4 
_pdbx_modification_feature.PDB_ins_code                       ? 
_pdbx_modification_feature.symmetry                           1_555 
_pdbx_modification_feature.modified_residue_auth_comp_id      . 
_pdbx_modification_feature.modified_residue_auth_asym_id      . 
_pdbx_modification_feature.modified_residue_auth_seq_id       . 
_pdbx_modification_feature.modified_residue_PDB_ins_code      . 
_pdbx_modification_feature.modified_residue_symmetry          . 
_pdbx_modification_feature.comp_id_linking_atom               . 
_pdbx_modification_feature.modified_residue_id_linking_atom   . 
_pdbx_modification_feature.modified_residue_id                TYR 
_pdbx_modification_feature.ref_pcm_id                         1 
_pdbx_modification_feature.ref_comp_id                        PTR 
_pdbx_modification_feature.type                               Phosphorylation 
_pdbx_modification_feature.category                           'Named protein modification' 
# 
_struct_sheet.id               A 
_struct_sheet.type             ? 
_struct_sheet.number_strands   3 
_struct_sheet.details          ? 
# 
loop_
_struct_sheet_order.sheet_id 
_struct_sheet_order.range_id_1 
_struct_sheet_order.range_id_2 
_struct_sheet_order.offset 
_struct_sheet_order.sense 
A 1 2 ? anti-parallel 
A 2 3 ? anti-parallel 
# 
loop_
_struct_sheet_range.sheet_id 
_struct_sheet_range.id 
_struct_sheet_range.beg_label_comp_id 
_struct_sheet_range.beg_label_asym_id 
_struct_sheet_range.beg_label_seq_id 
_struct_sheet_range.pdbx_beg_PDB_ins_code 
_struct_sheet_range.end_label_comp_id 
_struct_sheet_range.end_label_asym_id 
_struct_sheet_range.end_label_seq_id 
_struct_sheet_range.pdbx_end_PDB_ins_code 
_struct_sheet_range.beg_auth_comp_id 
_struct_sheet_range.beg_auth_asym_id 
_struct_sheet_range.beg_auth_seq_id 
_struct_sheet_range.end_auth_comp_id 
_struct_sheet_range.end_auth_asym_id 
_struct_sheet_range.end_auth_seq_id 
A 1 PHE A 38 ? GLU A 42 ? PHE A 83  GLU A 87  
A 2 PHE A 50 ? PHE A 56 ? PHE A 95  PHE A 101 
A 3 ASP A 59 ? LYS A 64 ? ASP A 104 LYS A 109 
# 
loop_
_pdbx_struct_sheet_hbond.sheet_id 
_pdbx_struct_sheet_hbond.range_id_1 
_pdbx_struct_sheet_hbond.range_id_2 
_pdbx_struct_sheet_hbond.range_1_label_atom_id 
_pdbx_struct_sheet_hbond.range_1_label_comp_id 
_pdbx_struct_sheet_hbond.range_1_label_asym_id 
_pdbx_struct_sheet_hbond.range_1_label_seq_id 
_pdbx_struct_sheet_hbond.range_1_PDB_ins_code 
_pdbx_struct_sheet_hbond.range_1_auth_atom_id 
_pdbx_struct_sheet_hbond.range_1_auth_comp_id 
_pdbx_struct_sheet_hbond.range_1_auth_asym_id 
_pdbx_struct_sheet_hbond.range_1_auth_seq_id 
_pdbx_struct_sheet_hbond.range_2_label_atom_id 
_pdbx_struct_sheet_hbond.range_2_label_comp_id 
_pdbx_struct_sheet_hbond.range_2_label_asym_id 
_pdbx_struct_sheet_hbond.range_2_label_seq_id 
_pdbx_struct_sheet_hbond.range_2_PDB_ins_code 
_pdbx_struct_sheet_hbond.range_2_auth_atom_id 
_pdbx_struct_sheet_hbond.range_2_auth_comp_id 
_pdbx_struct_sheet_hbond.range_2_auth_asym_id 
_pdbx_struct_sheet_hbond.range_2_auth_seq_id 
A 1 2 O LEU A 39 ? O LEU A 84 N SER A 53 ? N SER A 98  
A 2 3 O LEU A 52 ? O LEU A 97 N PHE A 63 ? N PHE A 108 
# 
_pdbx_entry_details.entry_id                   1BMB 
_pdbx_entry_details.compound_details           ? 
_pdbx_entry_details.source_details             ? 
_pdbx_entry_details.nonpolymer_details         ? 
_pdbx_entry_details.sequence_details           ? 
_pdbx_entry_details.has_ligand_of_interest     ? 
_pdbx_entry_details.has_protein_modification   Y 
# 
_pdbx_validate_torsion.id              1 
_pdbx_validate_torsion.PDB_model_num   1 
_pdbx_validate_torsion.auth_comp_id    TRP 
_pdbx_validate_torsion.auth_asym_id    A 
_pdbx_validate_torsion.auth_seq_id     121 
_pdbx_validate_torsion.PDB_ins_code    ? 
_pdbx_validate_torsion.label_alt_id    ? 
_pdbx_validate_torsion.phi             -132.11 
_pdbx_validate_torsion.psi             -71.55 
# 
_pdbx_struct_mod_residue.id               1 
_pdbx_struct_mod_residue.label_asym_id    B 
_pdbx_struct_mod_residue.label_comp_id    PTR 
_pdbx_struct_mod_residue.label_seq_id     4 
_pdbx_struct_mod_residue.auth_asym_id     I 
_pdbx_struct_mod_residue.auth_comp_id     PTR 
_pdbx_struct_mod_residue.auth_seq_id      4 
_pdbx_struct_mod_residue.PDB_ins_code     ? 
_pdbx_struct_mod_residue.parent_comp_id   TYR 
_pdbx_struct_mod_residue.details          O-PHOSPHOTYROSINE 
# 
loop_
_pdbx_struct_special_symmetry.id 
_pdbx_struct_special_symmetry.PDB_model_num 
_pdbx_struct_special_symmetry.auth_asym_id 
_pdbx_struct_special_symmetry.auth_comp_id 
_pdbx_struct_special_symmetry.auth_seq_id 
_pdbx_struct_special_symmetry.PDB_ins_code 
_pdbx_struct_special_symmetry.label_asym_id 
_pdbx_struct_special_symmetry.label_comp_id 
_pdbx_struct_special_symmetry.label_seq_id 
1 1 A HOH 171 ? C HOH . 
2 1 A HOH 215 ? C HOH . 
3 1 A HOH 253 ? C HOH . 
4 1 A HOH 257 ? C HOH . 
5 1 A HOH 264 ? C HOH . 
# 
loop_
_pdbx_unobs_or_zero_occ_residues.id 
_pdbx_unobs_or_zero_occ_residues.PDB_model_num 
_pdbx_unobs_or_zero_occ_residues.polymer_flag 
_pdbx_unobs_or_zero_occ_residues.occupancy_flag 
_pdbx_unobs_or_zero_occ_residues.auth_asym_id 
_pdbx_unobs_or_zero_occ_residues.auth_comp_id 
_pdbx_unobs_or_zero_occ_residues.auth_seq_id 
_pdbx_unobs_or_zero_occ_residues.PDB_ins_code 
_pdbx_unobs_or_zero_occ_residues.label_asym_id 
_pdbx_unobs_or_zero_occ_residues.label_comp_id 
_pdbx_unobs_or_zero_occ_residues.label_seq_id 
1  1 Y 1 A MET 46  ? A MET 1   
2  1 Y 1 A GLY 47  ? A GLY 2   
3  1 Y 1 A SER 48  ? A SER 3   
4  1 Y 1 A PRO 49  ? A PRO 4   
5  1 Y 1 A LYS 50  ? A LYS 5   
6  1 Y 1 A ASN 51  ? A ASN 6   
7  1 Y 1 A TYR 52  ? A TYR 7   
8  1 Y 1 A ILE 53  ? A ILE 8   
9  1 Y 1 A GLU 54  ? A GLU 9   
10 1 Y 1 A MET 55  ? A MET 10  
11 1 Y 1 A VAL 154 ? A VAL 109 
12 1 Y 1 A PRO 155 ? A PRO 110 
13 1 Y 1 A GLN 156 ? A GLN 111 
14 1 Y 1 A GLN 157 ? A GLN 112 
15 1 Y 1 A PRO 158 ? A PRO 113 
16 1 Y 1 A THR 159 ? A THR 114 
17 1 Y 1 A TYR 160 ? A TYR 115 
18 1 Y 1 A VAL 161 ? A VAL 116 
19 1 Y 1 A GLN 162 ? A GLN 117 
20 1 Y 1 A ALA 163 ? A ALA 118 
21 1 Y 1 A LEU 164 ? A LEU 119 
22 1 Y 1 A PHE 165 ? A PHE 120 
23 1 Y 1 A ASP 166 ? A ASP 121 
24 1 Y 1 A PHE 167 ? A PHE 122 
25 1 Y 1 A ASP 168 ? A ASP 123 
# 
loop_
_chem_comp_atom.comp_id 
_chem_comp_atom.atom_id 
_chem_comp_atom.type_symbol 
_chem_comp_atom.pdbx_aromatic_flag 
_chem_comp_atom.pdbx_stereo_config 
_chem_comp_atom.pdbx_ordinal 
ALA N    N N N 1   
ALA CA   C N S 2   
ALA C    C N N 3   
ALA O    O N N 4   
ALA CB   C N N 5   
ALA OXT  O N N 6   
ALA H    H N N 7   
ALA H2   H N N 8   
ALA HA   H N N 9   
ALA HB1  H N N 10  
ALA HB2  H N N 11  
ALA HB3  H N N 12  
ALA HXT  H N N 13  
ARG N    N N N 14  
ARG CA   C N S 15  
ARG C    C N N 16  
ARG O    O N N 17  
ARG CB   C N N 18  
ARG CG   C N N 19  
ARG CD   C N N 20  
ARG NE   N N N 21  
ARG CZ   C N N 22  
ARG NH1  N N N 23  
ARG NH2  N N N 24  
ARG OXT  O N N 25  
ARG H    H N N 26  
ARG H2   H N N 27  
ARG HA   H N N 28  
ARG HB2  H N N 29  
ARG HB3  H N N 30  
ARG HG2  H N N 31  
ARG HG3  H N N 32  
ARG HD2  H N N 33  
ARG HD3  H N N 34  
ARG HE   H N N 35  
ARG HH11 H N N 36  
ARG HH12 H N N 37  
ARG HH21 H N N 38  
ARG HH22 H N N 39  
ARG HXT  H N N 40  
ASN N    N N N 41  
ASN CA   C N S 42  
ASN C    C N N 43  
ASN O    O N N 44  
ASN CB   C N N 45  
ASN CG   C N N 46  
ASN OD1  O N N 47  
ASN ND2  N N N 48  
ASN OXT  O N N 49  
ASN H    H N N 50  
ASN H2   H N N 51  
ASN HA   H N N 52  
ASN HB2  H N N 53  
ASN HB3  H N N 54  
ASN HD21 H N N 55  
ASN HD22 H N N 56  
ASN HXT  H N N 57  
ASP N    N N N 58  
ASP CA   C N S 59  
ASP C    C N N 60  
ASP O    O N N 61  
ASP CB   C N N 62  
ASP CG   C N N 63  
ASP OD1  O N N 64  
ASP OD2  O N N 65  
ASP OXT  O N N 66  
ASP H    H N N 67  
ASP H2   H N N 68  
ASP HA   H N N 69  
ASP HB2  H N N 70  
ASP HB3  H N N 71  
ASP HD2  H N N 72  
ASP HXT  H N N 73  
GLN N    N N N 74  
GLN CA   C N S 75  
GLN C    C N N 76  
GLN O    O N N 77  
GLN CB   C N N 78  
GLN CG   C N N 79  
GLN CD   C N N 80  
GLN OE1  O N N 81  
GLN NE2  N N N 82  
GLN OXT  O N N 83  
GLN H    H N N 84  
GLN H2   H N N 85  
GLN HA   H N N 86  
GLN HB2  H N N 87  
GLN HB3  H N N 88  
GLN HG2  H N N 89  
GLN HG3  H N N 90  
GLN HE21 H N N 91  
GLN HE22 H N N 92  
GLN HXT  H N N 93  
GLU N    N N N 94  
GLU CA   C N S 95  
GLU C    C N N 96  
GLU O    O N N 97  
GLU CB   C N N 98  
GLU CG   C N N 99  
GLU CD   C N N 100 
GLU OE1  O N N 101 
GLU OE2  O N N 102 
GLU OXT  O N N 103 
GLU H    H N N 104 
GLU H2   H N N 105 
GLU HA   H N N 106 
GLU HB2  H N N 107 
GLU HB3  H N N 108 
GLU HG2  H N N 109 
GLU HG3  H N N 110 
GLU HE2  H N N 111 
GLU HXT  H N N 112 
GLY N    N N N 113 
GLY CA   C N N 114 
GLY C    C N N 115 
GLY O    O N N 116 
GLY OXT  O N N 117 
GLY H    H N N 118 
GLY H2   H N N 119 
GLY HA2  H N N 120 
GLY HA3  H N N 121 
GLY HXT  H N N 122 
HIS N    N N N 123 
HIS CA   C N S 124 
HIS C    C N N 125 
HIS O    O N N 126 
HIS CB   C N N 127 
HIS CG   C Y N 128 
HIS ND1  N Y N 129 
HIS CD2  C Y N 130 
HIS CE1  C Y N 131 
HIS NE2  N Y N 132 
HIS OXT  O N N 133 
HIS H    H N N 134 
HIS H2   H N N 135 
HIS HA   H N N 136 
HIS HB2  H N N 137 
HIS HB3  H N N 138 
HIS HD1  H N N 139 
HIS HD2  H N N 140 
HIS HE1  H N N 141 
HIS HE2  H N N 142 
HIS HXT  H N N 143 
HOH O    O N N 144 
HOH H1   H N N 145 
HOH H2   H N N 146 
ILE N    N N N 147 
ILE CA   C N S 148 
ILE C    C N N 149 
ILE O    O N N 150 
ILE CB   C N S 151 
ILE CG1  C N N 152 
ILE CG2  C N N 153 
ILE CD1  C N N 154 
ILE OXT  O N N 155 
ILE H    H N N 156 
ILE H2   H N N 157 
ILE HA   H N N 158 
ILE HB   H N N 159 
ILE HG12 H N N 160 
ILE HG13 H N N 161 
ILE HG21 H N N 162 
ILE HG22 H N N 163 
ILE HG23 H N N 164 
ILE HD11 H N N 165 
ILE HD12 H N N 166 
ILE HD13 H N N 167 
ILE HXT  H N N 168 
LEU N    N N N 169 
LEU CA   C N S 170 
LEU C    C N N 171 
LEU O    O N N 172 
LEU CB   C N N 173 
LEU CG   C N N 174 
LEU CD1  C N N 175 
LEU CD2  C N N 176 
LEU OXT  O N N 177 
LEU H    H N N 178 
LEU H2   H N N 179 
LEU HA   H N N 180 
LEU HB2  H N N 181 
LEU HB3  H N N 182 
LEU HG   H N N 183 
LEU HD11 H N N 184 
LEU HD12 H N N 185 
LEU HD13 H N N 186 
LEU HD21 H N N 187 
LEU HD22 H N N 188 
LEU HD23 H N N 189 
LEU HXT  H N N 190 
LYS N    N N N 191 
LYS CA   C N S 192 
LYS C    C N N 193 
LYS O    O N N 194 
LYS CB   C N N 195 
LYS CG   C N N 196 
LYS CD   C N N 197 
LYS CE   C N N 198 
LYS NZ   N N N 199 
LYS OXT  O N N 200 
LYS H    H N N 201 
LYS H2   H N N 202 
LYS HA   H N N 203 
LYS HB2  H N N 204 
LYS HB3  H N N 205 
LYS HG2  H N N 206 
LYS HG3  H N N 207 
LYS HD2  H N N 208 
LYS HD3  H N N 209 
LYS HE2  H N N 210 
LYS HE3  H N N 211 
LYS HZ1  H N N 212 
LYS HZ2  H N N 213 
LYS HZ3  H N N 214 
LYS HXT  H N N 215 
MET N    N N N 216 
MET CA   C N S 217 
MET C    C N N 218 
MET O    O N N 219 
MET CB   C N N 220 
MET CG   C N N 221 
MET SD   S N N 222 
MET CE   C N N 223 
MET OXT  O N N 224 
MET H    H N N 225 
MET H2   H N N 226 
MET HA   H N N 227 
MET HB2  H N N 228 
MET HB3  H N N 229 
MET HG2  H N N 230 
MET HG3  H N N 231 
MET HE1  H N N 232 
MET HE2  H N N 233 
MET HE3  H N N 234 
MET HXT  H N N 235 
PHE N    N N N 236 
PHE CA   C N S 237 
PHE C    C N N 238 
PHE O    O N N 239 
PHE CB   C N N 240 
PHE CG   C Y N 241 
PHE CD1  C Y N 242 
PHE CD2  C Y N 243 
PHE CE1  C Y N 244 
PHE CE2  C Y N 245 
PHE CZ   C Y N 246 
PHE OXT  O N N 247 
PHE H    H N N 248 
PHE H2   H N N 249 
PHE HA   H N N 250 
PHE HB2  H N N 251 
PHE HB3  H N N 252 
PHE HD1  H N N 253 
PHE HD2  H N N 254 
PHE HE1  H N N 255 
PHE HE2  H N N 256 
PHE HZ   H N N 257 
PHE HXT  H N N 258 
PRO N    N N N 259 
PRO CA   C N S 260 
PRO C    C N N 261 
PRO O    O N N 262 
PRO CB   C N N 263 
PRO CG   C N N 264 
PRO CD   C N N 265 
PRO OXT  O N N 266 
PRO H    H N N 267 
PRO HA   H N N 268 
PRO HB2  H N N 269 
PRO HB3  H N N 270 
PRO HG2  H N N 271 
PRO HG3  H N N 272 
PRO HD2  H N N 273 
PRO HD3  H N N 274 
PRO HXT  H N N 275 
PTR N    N N N 276 
PTR CA   C N S 277 
PTR C    C N N 278 
PTR O    O N N 279 
PTR OXT  O N N 280 
PTR CB   C N N 281 
PTR CG   C Y N 282 
PTR CD1  C Y N 283 
PTR CD2  C Y N 284 
PTR CE1  C Y N 285 
PTR CE2  C Y N 286 
PTR CZ   C Y N 287 
PTR OH   O N N 288 
PTR P    P N N 289 
PTR O1P  O N N 290 
PTR O2P  O N N 291 
PTR O3P  O N N 292 
PTR H    H N N 293 
PTR H2   H N N 294 
PTR HA   H N N 295 
PTR HXT  H N N 296 
PTR HB2  H N N 297 
PTR HB3  H N N 298 
PTR HD1  H N N 299 
PTR HD2  H N N 300 
PTR HE1  H N N 301 
PTR HE2  H N N 302 
PTR HO2P H N N 303 
PTR HO3P H N N 304 
SER N    N N N 305 
SER CA   C N S 306 
SER C    C N N 307 
SER O    O N N 308 
SER CB   C N N 309 
SER OG   O N N 310 
SER OXT  O N N 311 
SER H    H N N 312 
SER H2   H N N 313 
SER HA   H N N 314 
SER HB2  H N N 315 
SER HB3  H N N 316 
SER HG   H N N 317 
SER HXT  H N N 318 
THR N    N N N 319 
THR CA   C N S 320 
THR C    C N N 321 
THR O    O N N 322 
THR CB   C N R 323 
THR OG1  O N N 324 
THR CG2  C N N 325 
THR OXT  O N N 326 
THR H    H N N 327 
THR H2   H N N 328 
THR HA   H N N 329 
THR HB   H N N 330 
THR HG1  H N N 331 
THR HG21 H N N 332 
THR HG22 H N N 333 
THR HG23 H N N 334 
THR HXT  H N N 335 
TRP N    N N N 336 
TRP CA   C N S 337 
TRP C    C N N 338 
TRP O    O N N 339 
TRP CB   C N N 340 
TRP CG   C Y N 341 
TRP CD1  C Y N 342 
TRP CD2  C Y N 343 
TRP NE1  N Y N 344 
TRP CE2  C Y N 345 
TRP CE3  C Y N 346 
TRP CZ2  C Y N 347 
TRP CZ3  C Y N 348 
TRP CH2  C Y N 349 
TRP OXT  O N N 350 
TRP H    H N N 351 
TRP H2   H N N 352 
TRP HA   H N N 353 
TRP HB2  H N N 354 
TRP HB3  H N N 355 
TRP HD1  H N N 356 
TRP HE1  H N N 357 
TRP HE3  H N N 358 
TRP HZ2  H N N 359 
TRP HZ3  H N N 360 
TRP HH2  H N N 361 
TRP HXT  H N N 362 
TYR N    N N N 363 
TYR CA   C N S 364 
TYR C    C N N 365 
TYR O    O N N 366 
TYR CB   C N N 367 
TYR CG   C Y N 368 
TYR CD1  C Y N 369 
TYR CD2  C Y N 370 
TYR CE1  C Y N 371 
TYR CE2  C Y N 372 
TYR CZ   C Y N 373 
TYR OH   O N N 374 
TYR OXT  O N N 375 
TYR H    H N N 376 
TYR H2   H N N 377 
TYR HA   H N N 378 
TYR HB2  H N N 379 
TYR HB3  H N N 380 
TYR HD1  H N N 381 
TYR HD2  H N N 382 
TYR HE1  H N N 383 
TYR HE2  H N N 384 
TYR HH   H N N 385 
TYR HXT  H N N 386 
VAL N    N N N 387 
VAL CA   C N S 388 
VAL C    C N N 389 
VAL O    O N N 390 
VAL CB   C N N 391 
VAL CG1  C N N 392 
VAL CG2  C N N 393 
VAL OXT  O N N 394 
VAL H    H N N 395 
VAL H2   H N N 396 
VAL HA   H N N 397 
VAL HB   H N N 398 
VAL HG11 H N N 399 
VAL HG12 H N N 400 
VAL HG13 H N N 401 
VAL HG21 H N N 402 
VAL HG22 H N N 403 
VAL HG23 H N N 404 
VAL HXT  H N N 405 
# 
loop_
_chem_comp_bond.comp_id 
_chem_comp_bond.atom_id_1 
_chem_comp_bond.atom_id_2 
_chem_comp_bond.value_order 
_chem_comp_bond.pdbx_aromatic_flag 
_chem_comp_bond.pdbx_stereo_config 
_chem_comp_bond.pdbx_ordinal 
ALA N   CA   sing N N 1   
ALA N   H    sing N N 2   
ALA N   H2   sing N N 3   
ALA CA  C    sing N N 4   
ALA CA  CB   sing N N 5   
ALA CA  HA   sing N N 6   
ALA C   O    doub N N 7   
ALA C   OXT  sing N N 8   
ALA CB  HB1  sing N N 9   
ALA CB  HB2  sing N N 10  
ALA CB  HB3  sing N N 11  
ALA OXT HXT  sing N N 12  
ARG N   CA   sing N N 13  
ARG N   H    sing N N 14  
ARG N   H2   sing N N 15  
ARG CA  C    sing N N 16  
ARG CA  CB   sing N N 17  
ARG CA  HA   sing N N 18  
ARG C   O    doub N N 19  
ARG C   OXT  sing N N 20  
ARG CB  CG   sing N N 21  
ARG CB  HB2  sing N N 22  
ARG CB  HB3  sing N N 23  
ARG CG  CD   sing N N 24  
ARG CG  HG2  sing N N 25  
ARG CG  HG3  sing N N 26  
ARG CD  NE   sing N N 27  
ARG CD  HD2  sing N N 28  
ARG CD  HD3  sing N N 29  
ARG NE  CZ   sing N N 30  
ARG NE  HE   sing N N 31  
ARG CZ  NH1  sing N N 32  
ARG CZ  NH2  doub N N 33  
ARG NH1 HH11 sing N N 34  
ARG NH1 HH12 sing N N 35  
ARG NH2 HH21 sing N N 36  
ARG NH2 HH22 sing N N 37  
ARG OXT HXT  sing N N 38  
ASN N   CA   sing N N 39  
ASN N   H    sing N N 40  
ASN N   H2   sing N N 41  
ASN CA  C    sing N N 42  
ASN CA  CB   sing N N 43  
ASN CA  HA   sing N N 44  
ASN C   O    doub N N 45  
ASN C   OXT  sing N N 46  
ASN CB  CG   sing N N 47  
ASN CB  HB2  sing N N 48  
ASN CB  HB3  sing N N 49  
ASN CG  OD1  doub N N 50  
ASN CG  ND2  sing N N 51  
ASN ND2 HD21 sing N N 52  
ASN ND2 HD22 sing N N 53  
ASN OXT HXT  sing N N 54  
ASP N   CA   sing N N 55  
ASP N   H    sing N N 56  
ASP N   H2   sing N N 57  
ASP CA  C    sing N N 58  
ASP CA  CB   sing N N 59  
ASP CA  HA   sing N N 60  
ASP C   O    doub N N 61  
ASP C   OXT  sing N N 62  
ASP CB  CG   sing N N 63  
ASP CB  HB2  sing N N 64  
ASP CB  HB3  sing N N 65  
ASP CG  OD1  doub N N 66  
ASP CG  OD2  sing N N 67  
ASP OD2 HD2  sing N N 68  
ASP OXT HXT  sing N N 69  
GLN N   CA   sing N N 70  
GLN N   H    sing N N 71  
GLN N   H2   sing N N 72  
GLN CA  C    sing N N 73  
GLN CA  CB   sing N N 74  
GLN CA  HA   sing N N 75  
GLN C   O    doub N N 76  
GLN C   OXT  sing N N 77  
GLN CB  CG   sing N N 78  
GLN CB  HB2  sing N N 79  
GLN CB  HB3  sing N N 80  
GLN CG  CD   sing N N 81  
GLN CG  HG2  sing N N 82  
GLN CG  HG3  sing N N 83  
GLN CD  OE1  doub N N 84  
GLN CD  NE2  sing N N 85  
GLN NE2 HE21 sing N N 86  
GLN NE2 HE22 sing N N 87  
GLN OXT HXT  sing N N 88  
GLU N   CA   sing N N 89  
GLU N   H    sing N N 90  
GLU N   H2   sing N N 91  
GLU CA  C    sing N N 92  
GLU CA  CB   sing N N 93  
GLU CA  HA   sing N N 94  
GLU C   O    doub N N 95  
GLU C   OXT  sing N N 96  
GLU CB  CG   sing N N 97  
GLU CB  HB2  sing N N 98  
GLU CB  HB3  sing N N 99  
GLU CG  CD   sing N N 100 
GLU CG  HG2  sing N N 101 
GLU CG  HG3  sing N N 102 
GLU CD  OE1  doub N N 103 
GLU CD  OE2  sing N N 104 
GLU OE2 HE2  sing N N 105 
GLU OXT HXT  sing N N 106 
GLY N   CA   sing N N 107 
GLY N   H    sing N N 108 
GLY N   H2   sing N N 109 
GLY CA  C    sing N N 110 
GLY CA  HA2  sing N N 111 
GLY CA  HA3  sing N N 112 
GLY C   O    doub N N 113 
GLY C   OXT  sing N N 114 
GLY OXT HXT  sing N N 115 
HIS N   CA   sing N N 116 
HIS N   H    sing N N 117 
HIS N   H2   sing N N 118 
HIS CA  C    sing N N 119 
HIS CA  CB   sing N N 120 
HIS CA  HA   sing N N 121 
HIS C   O    doub N N 122 
HIS C   OXT  sing N N 123 
HIS CB  CG   sing N N 124 
HIS CB  HB2  sing N N 125 
HIS CB  HB3  sing N N 126 
HIS CG  ND1  sing Y N 127 
HIS CG  CD2  doub Y N 128 
HIS ND1 CE1  doub Y N 129 
HIS ND1 HD1  sing N N 130 
HIS CD2 NE2  sing Y N 131 
HIS CD2 HD2  sing N N 132 
HIS CE1 NE2  sing Y N 133 
HIS CE1 HE1  sing N N 134 
HIS NE2 HE2  sing N N 135 
HIS OXT HXT  sing N N 136 
HOH O   H1   sing N N 137 
HOH O   H2   sing N N 138 
ILE N   CA   sing N N 139 
ILE N   H    sing N N 140 
ILE N   H2   sing N N 141 
ILE CA  C    sing N N 142 
ILE CA  CB   sing N N 143 
ILE CA  HA   sing N N 144 
ILE C   O    doub N N 145 
ILE C   OXT  sing N N 146 
ILE CB  CG1  sing N N 147 
ILE CB  CG2  sing N N 148 
ILE CB  HB   sing N N 149 
ILE CG1 CD1  sing N N 150 
ILE CG1 HG12 sing N N 151 
ILE CG1 HG13 sing N N 152 
ILE CG2 HG21 sing N N 153 
ILE CG2 HG22 sing N N 154 
ILE CG2 HG23 sing N N 155 
ILE CD1 HD11 sing N N 156 
ILE CD1 HD12 sing N N 157 
ILE CD1 HD13 sing N N 158 
ILE OXT HXT  sing N N 159 
LEU N   CA   sing N N 160 
LEU N   H    sing N N 161 
LEU N   H2   sing N N 162 
LEU CA  C    sing N N 163 
LEU CA  CB   sing N N 164 
LEU CA  HA   sing N N 165 
LEU C   O    doub N N 166 
LEU C   OXT  sing N N 167 
LEU CB  CG   sing N N 168 
LEU CB  HB2  sing N N 169 
LEU CB  HB3  sing N N 170 
LEU CG  CD1  sing N N 171 
LEU CG  CD2  sing N N 172 
LEU CG  HG   sing N N 173 
LEU CD1 HD11 sing N N 174 
LEU CD1 HD12 sing N N 175 
LEU CD1 HD13 sing N N 176 
LEU CD2 HD21 sing N N 177 
LEU CD2 HD22 sing N N 178 
LEU CD2 HD23 sing N N 179 
LEU OXT HXT  sing N N 180 
LYS N   CA   sing N N 181 
LYS N   H    sing N N 182 
LYS N   H2   sing N N 183 
LYS CA  C    sing N N 184 
LYS CA  CB   sing N N 185 
LYS CA  HA   sing N N 186 
LYS C   O    doub N N 187 
LYS C   OXT  sing N N 188 
LYS CB  CG   sing N N 189 
LYS CB  HB2  sing N N 190 
LYS CB  HB3  sing N N 191 
LYS CG  CD   sing N N 192 
LYS CG  HG2  sing N N 193 
LYS CG  HG3  sing N N 194 
LYS CD  CE   sing N N 195 
LYS CD  HD2  sing N N 196 
LYS CD  HD3  sing N N 197 
LYS CE  NZ   sing N N 198 
LYS CE  HE2  sing N N 199 
LYS CE  HE3  sing N N 200 
LYS NZ  HZ1  sing N N 201 
LYS NZ  HZ2  sing N N 202 
LYS NZ  HZ3  sing N N 203 
LYS OXT HXT  sing N N 204 
MET N   CA   sing N N 205 
MET N   H    sing N N 206 
MET N   H2   sing N N 207 
MET CA  C    sing N N 208 
MET CA  CB   sing N N 209 
MET CA  HA   sing N N 210 
MET C   O    doub N N 211 
MET C   OXT  sing N N 212 
MET CB  CG   sing N N 213 
MET CB  HB2  sing N N 214 
MET CB  HB3  sing N N 215 
MET CG  SD   sing N N 216 
MET CG  HG2  sing N N 217 
MET CG  HG3  sing N N 218 
MET SD  CE   sing N N 219 
MET CE  HE1  sing N N 220 
MET CE  HE2  sing N N 221 
MET CE  HE3  sing N N 222 
MET OXT HXT  sing N N 223 
PHE N   CA   sing N N 224 
PHE N   H    sing N N 225 
PHE N   H2   sing N N 226 
PHE CA  C    sing N N 227 
PHE CA  CB   sing N N 228 
PHE CA  HA   sing N N 229 
PHE C   O    doub N N 230 
PHE C   OXT  sing N N 231 
PHE CB  CG   sing N N 232 
PHE CB  HB2  sing N N 233 
PHE CB  HB3  sing N N 234 
PHE CG  CD1  doub Y N 235 
PHE CG  CD2  sing Y N 236 
PHE CD1 CE1  sing Y N 237 
PHE CD1 HD1  sing N N 238 
PHE CD2 CE2  doub Y N 239 
PHE CD2 HD2  sing N N 240 
PHE CE1 CZ   doub Y N 241 
PHE CE1 HE1  sing N N 242 
PHE CE2 CZ   sing Y N 243 
PHE CE2 HE2  sing N N 244 
PHE CZ  HZ   sing N N 245 
PHE OXT HXT  sing N N 246 
PRO N   CA   sing N N 247 
PRO N   CD   sing N N 248 
PRO N   H    sing N N 249 
PRO CA  C    sing N N 250 
PRO CA  CB   sing N N 251 
PRO CA  HA   sing N N 252 
PRO C   O    doub N N 253 
PRO C   OXT  sing N N 254 
PRO CB  CG   sing N N 255 
PRO CB  HB2  sing N N 256 
PRO CB  HB3  sing N N 257 
PRO CG  CD   sing N N 258 
PRO CG  HG2  sing N N 259 
PRO CG  HG3  sing N N 260 
PRO CD  HD2  sing N N 261 
PRO CD  HD3  sing N N 262 
PRO OXT HXT  sing N N 263 
PTR N   CA   sing N N 264 
PTR N   H    sing N N 265 
PTR N   H2   sing N N 266 
PTR CA  C    sing N N 267 
PTR CA  CB   sing N N 268 
PTR CA  HA   sing N N 269 
PTR C   O    doub N N 270 
PTR C   OXT  sing N N 271 
PTR OXT HXT  sing N N 272 
PTR CB  CG   sing N N 273 
PTR CB  HB2  sing N N 274 
PTR CB  HB3  sing N N 275 
PTR CG  CD1  doub Y N 276 
PTR CG  CD2  sing Y N 277 
PTR CD1 CE1  sing Y N 278 
PTR CD1 HD1  sing N N 279 
PTR CD2 CE2  doub Y N 280 
PTR CD2 HD2  sing N N 281 
PTR CE1 CZ   doub Y N 282 
PTR CE1 HE1  sing N N 283 
PTR CE2 CZ   sing Y N 284 
PTR CE2 HE2  sing N N 285 
PTR CZ  OH   sing N N 286 
PTR OH  P    sing N N 287 
PTR P   O1P  doub N N 288 
PTR P   O2P  sing N N 289 
PTR P   O3P  sing N N 290 
PTR O2P HO2P sing N N 291 
PTR O3P HO3P sing N N 292 
SER N   CA   sing N N 293 
SER N   H    sing N N 294 
SER N   H2   sing N N 295 
SER CA  C    sing N N 296 
SER CA  CB   sing N N 297 
SER CA  HA   sing N N 298 
SER C   O    doub N N 299 
SER C   OXT  sing N N 300 
SER CB  OG   sing N N 301 
SER CB  HB2  sing N N 302 
SER CB  HB3  sing N N 303 
SER OG  HG   sing N N 304 
SER OXT HXT  sing N N 305 
THR N   CA   sing N N 306 
THR N   H    sing N N 307 
THR N   H2   sing N N 308 
THR CA  C    sing N N 309 
THR CA  CB   sing N N 310 
THR CA  HA   sing N N 311 
THR C   O    doub N N 312 
THR C   OXT  sing N N 313 
THR CB  OG1  sing N N 314 
THR CB  CG2  sing N N 315 
THR CB  HB   sing N N 316 
THR OG1 HG1  sing N N 317 
THR CG2 HG21 sing N N 318 
THR CG2 HG22 sing N N 319 
THR CG2 HG23 sing N N 320 
THR OXT HXT  sing N N 321 
TRP N   CA   sing N N 322 
TRP N   H    sing N N 323 
TRP N   H2   sing N N 324 
TRP CA  C    sing N N 325 
TRP CA  CB   sing N N 326 
TRP CA  HA   sing N N 327 
TRP C   O    doub N N 328 
TRP C   OXT  sing N N 329 
TRP CB  CG   sing N N 330 
TRP CB  HB2  sing N N 331 
TRP CB  HB3  sing N N 332 
TRP CG  CD1  doub Y N 333 
TRP CG  CD2  sing Y N 334 
TRP CD1 NE1  sing Y N 335 
TRP CD1 HD1  sing N N 336 
TRP CD2 CE2  doub Y N 337 
TRP CD2 CE3  sing Y N 338 
TRP NE1 CE2  sing Y N 339 
TRP NE1 HE1  sing N N 340 
TRP CE2 CZ2  sing Y N 341 
TRP CE3 CZ3  doub Y N 342 
TRP CE3 HE3  sing N N 343 
TRP CZ2 CH2  doub Y N 344 
TRP CZ2 HZ2  sing N N 345 
TRP CZ3 CH2  sing Y N 346 
TRP CZ3 HZ3  sing N N 347 
TRP CH2 HH2  sing N N 348 
TRP OXT HXT  sing N N 349 
TYR N   CA   sing N N 350 
TYR N   H    sing N N 351 
TYR N   H2   sing N N 352 
TYR CA  C    sing N N 353 
TYR CA  CB   sing N N 354 
TYR CA  HA   sing N N 355 
TYR C   O    doub N N 356 
TYR C   OXT  sing N N 357 
TYR CB  CG   sing N N 358 
TYR CB  HB2  sing N N 359 
TYR CB  HB3  sing N N 360 
TYR CG  CD1  doub Y N 361 
TYR CG  CD2  sing Y N 362 
TYR CD1 CE1  sing Y N 363 
TYR CD1 HD1  sing N N 364 
TYR CD2 CE2  doub Y N 365 
TYR CD2 HD2  sing N N 366 
TYR CE1 CZ   doub Y N 367 
TYR CE1 HE1  sing N N 368 
TYR CE2 CZ   sing Y N 369 
TYR CE2 HE2  sing N N 370 
TYR CZ  OH   sing N N 371 
TYR OH  HH   sing N N 372 
TYR OXT HXT  sing N N 373 
VAL N   CA   sing N N 374 
VAL N   H    sing N N 375 
VAL N   H2   sing N N 376 
VAL CA  C    sing N N 377 
VAL CA  CB   sing N N 378 
VAL CA  HA   sing N N 379 
VAL C   O    doub N N 380 
VAL C   OXT  sing N N 381 
VAL CB  CG1  sing N N 382 
VAL CB  CG2  sing N N 383 
VAL CB  HB   sing N N 384 
VAL CG1 HG11 sing N N 385 
VAL CG1 HG12 sing N N 386 
VAL CG1 HG13 sing N N 387 
VAL CG2 HG21 sing N N 388 
VAL CG2 HG22 sing N N 389 
VAL CG2 HG23 sing N N 390 
VAL OXT HXT  sing N N 391 
# 
_pdbx_initial_refinement_model.id               1 
_pdbx_initial_refinement_model.entity_id_list   ? 
_pdbx_initial_refinement_model.type             'experimental model' 
_pdbx_initial_refinement_model.source_name      PDB 
_pdbx_initial_refinement_model.accession_code   1GRI 
_pdbx_initial_refinement_model.details          'PDB ENTRY 1GRI' 
# 
_atom_sites.entry_id                    1BMB 
_atom_sites.fract_transf_matrix[1][1]   0.01635379 
_atom_sites.fract_transf_matrix[1][2]   -0.00526246 
_atom_sites.fract_transf_matrix[1][3]   0.00934748 
_atom_sites.fract_transf_matrix[2][1]   -0.00234247 
_atom_sites.fract_transf_matrix[2][2]   0.01487950 
_atom_sites.fract_transf_matrix[2][3]   0.01247512 
_atom_sites.fract_transf_matrix[3][1]   -0.00593041 
_atom_sites.fract_transf_matrix[3][2]   -0.00654379 
_atom_sites.fract_transf_matrix[3][3]   0.00669145 
_atom_sites.fract_transf_vector[1]      0.601342 
_atom_sites.fract_transf_vector[2]      0.418558 
_atom_sites.fract_transf_vector[3]      0.109510 
# 
loop_
_atom_type.symbol 
C 
N 
O 
P 
S 
# 
loop_
_atom_site.group_PDB 
_atom_site.id 
_atom_site.type_symbol 
_atom_site.label_atom_id 
_atom_site.label_alt_id 
_atom_site.label_comp_id 
_atom_site.label_asym_id 
_atom_site.label_entity_id 
_atom_site.label_seq_id 
_atom_site.pdbx_PDB_ins_code 
_atom_site.Cartn_x 
_atom_site.Cartn_y 
_atom_site.Cartn_z 
_atom_site.occupancy 
_atom_site.B_iso_or_equiv 
_atom_site.pdbx_formal_charge 
_atom_site.auth_seq_id 
_atom_site.auth_comp_id 
_atom_site.auth_asym_id 
_atom_site.auth_atom_id 
_atom_site.pdbx_PDB_model_num 
ATOM   1    N N   . LYS A 1 11  ? 1.500   7.940   -19.578 1.00 50.83 ? 56  LYS A N   1 
ATOM   2    C CA  . LYS A 1 11  ? 0.410   7.251   -18.893 1.00 48.99 ? 56  LYS A CA  1 
ATOM   3    C C   . LYS A 1 11  ? 0.447   7.505   -17.387 1.00 41.54 ? 56  LYS A C   1 
ATOM   4    O O   . LYS A 1 11  ? 1.446   7.221   -16.734 1.00 40.95 ? 56  LYS A O   1 
ATOM   5    C CB  . LYS A 1 11  ? 0.500   5.738   -19.135 1.00 57.21 ? 56  LYS A CB  1 
ATOM   6    C CG  . LYS A 1 11  ? 0.454   5.316   -20.596 1.00 68.63 ? 56  LYS A CG  1 
ATOM   7    C CD  . LYS A 1 11  ? 0.708   3.813   -20.749 1.00 77.44 ? 56  LYS A CD  1 
ATOM   8    C CE  . LYS A 1 11  ? 0.609   3.416   -22.220 1.00 82.00 ? 56  LYS A CE  1 
ATOM   9    N NZ  . LYS A 1 11  ? 0.840   1.943   -22.436 1.00 87.08 ? 56  LYS A NZ  1 
ATOM   10   N N   . PRO A 1 12  ? -0.638  8.098   -16.832 1.00 33.52 ? 57  PRO A N   1 
ATOM   11   C CA  . PRO A 1 12  ? -0.636  8.348   -15.379 1.00 28.84 ? 57  PRO A CA  1 
ATOM   12   C C   . PRO A 1 12  ? -0.628  6.994   -14.684 1.00 25.67 ? 57  PRO A C   1 
ATOM   13   O O   . PRO A 1 12  ? -1.008  5.984   -15.277 1.00 23.46 ? 57  PRO A O   1 
ATOM   14   C CB  . PRO A 1 12  ? -1.974  9.076   -15.162 1.00 29.62 ? 57  PRO A CB  1 
ATOM   15   C CG  . PRO A 1 12  ? -2.830  8.589   -16.298 1.00 30.06 ? 57  PRO A CG  1 
ATOM   16   C CD  . PRO A 1 12  ? -1.880  8.551   -17.459 1.00 30.48 ? 57  PRO A CD  1 
ATOM   17   N N   . HIS A 1 13  ? -0.184  6.957   -13.439 1.00 21.53 ? 58  HIS A N   1 
ATOM   18   C CA  . HIS A 1 13  ? -0.154  5.701   -12.725 1.00 20.53 ? 58  HIS A CA  1 
ATOM   19   C C   . HIS A 1 13  ? -1.564  5.259   -12.346 1.00 19.53 ? 58  HIS A C   1 
ATOM   20   O O   . HIS A 1 13  ? -2.375  6.061   -11.886 1.00 22.74 ? 58  HIS A O   1 
ATOM   21   C CB  . HIS A 1 13  ? 0.733   5.826   -11.494 1.00 20.09 ? 58  HIS A CB  1 
ATOM   22   C CG  . HIS A 1 13  ? 2.191   5.794   -11.815 1.00 19.41 ? 58  HIS A CG  1 
ATOM   23   N ND1 . HIS A 1 13  ? 2.771   4.739   -12.481 1.00 18.93 ? 58  HIS A ND1 1 
ATOM   24   C CD2 . HIS A 1 13  ? 3.185   6.679   -11.576 1.00 19.11 ? 58  HIS A CD2 1 
ATOM   25   C CE1 . HIS A 1 13  ? 4.058   4.975   -12.646 1.00 18.58 ? 58  HIS A CE1 1 
ATOM   26   N NE2 . HIS A 1 13  ? 4.339   6.146   -12.103 1.00 19.98 ? 58  HIS A NE2 1 
ATOM   27   N N   . PRO A 1 14  ? -1.875  3.968   -12.536 1.00 18.62 ? 59  PRO A N   1 
ATOM   28   C CA  . PRO A 1 14  ? -3.194  3.411   -12.216 1.00 18.73 ? 59  PRO A CA  1 
ATOM   29   C C   . PRO A 1 14  ? -3.402  3.135   -10.712 1.00 18.25 ? 59  PRO A C   1 
ATOM   30   O O   . PRO A 1 14  ? -4.505  2.762   -10.289 1.00 18.35 ? 59  PRO A O   1 
ATOM   31   C CB  . PRO A 1 14  ? -3.200  2.103   -13.006 1.00 20.61 ? 59  PRO A CB  1 
ATOM   32   C CG  . PRO A 1 14  ? -1.778  1.660   -12.890 1.00 21.04 ? 59  PRO A CG  1 
ATOM   33   C CD  . PRO A 1 14  ? -1.015  2.944   -13.167 1.00 19.65 ? 59  PRO A CD  1 
ATOM   34   N N   . TRP A 1 15  ? -2.357  3.342   -9.915  1.00 14.83 ? 60  TRP A N   1 
ATOM   35   C CA  . TRP A 1 15  ? -2.432  3.068   -8.486  1.00 15.00 ? 60  TRP A CA  1 
ATOM   36   C C   . TRP A 1 15  ? -2.600  4.226   -7.504  1.00 14.45 ? 60  TRP A C   1 
ATOM   37   O O   . TRP A 1 15  ? -2.716  3.986   -6.307  1.00 16.21 ? 60  TRP A O   1 
ATOM   38   C CB  . TRP A 1 15  ? -1.252  2.195   -8.069  1.00 12.95 ? 60  TRP A CB  1 
ATOM   39   C CG  . TRP A 1 15  ? 0.070   2.641   -8.611  1.00 14.20 ? 60  TRP A CG  1 
ATOM   40   C CD1 . TRP A 1 15  ? 0.739   2.102   -9.677  1.00 14.17 ? 60  TRP A CD1 1 
ATOM   41   C CD2 . TRP A 1 15  ? 0.930   3.659   -8.069  1.00 12.23 ? 60  TRP A CD2 1 
ATOM   42   N NE1 . TRP A 1 15  ? 1.965   2.707   -9.818  1.00 15.18 ? 60  TRP A NE1 1 
ATOM   43   C CE2 . TRP A 1 15  ? 2.109   3.666   -8.848  1.00 13.61 ? 60  TRP A CE2 1 
ATOM   44   C CE3 . TRP A 1 15  ? 0.821   4.559   -6.999  1.00 12.78 ? 60  TRP A CE3 1 
ATOM   45   C CZ2 . TRP A 1 15  ? 3.175   4.537   -8.588  1.00 14.74 ? 60  TRP A CZ2 1 
ATOM   46   C CZ3 . TRP A 1 15  ? 1.882   5.427   -6.741  1.00 12.60 ? 60  TRP A CZ3 1 
ATOM   47   C CH2 . TRP A 1 15  ? 3.042   5.408   -7.535  1.00 13.48 ? 60  TRP A CH2 1 
ATOM   48   N N   . PHE A 1 16  ? -2.613  5.472   -7.976  1.00 13.58 ? 61  PHE A N   1 
ATOM   49   C CA  . PHE A 1 16  ? -2.783  6.600   -7.057  1.00 13.89 ? 61  PHE A CA  1 
ATOM   50   C C   . PHE A 1 16  ? -4.242  7.056   -6.977  1.00 14.72 ? 61  PHE A C   1 
ATOM   51   O O   . PHE A 1 16  ? -4.808  7.564   -7.949  1.00 16.49 ? 61  PHE A O   1 
ATOM   52   C CB  . PHE A 1 16  ? -1.864  7.770   -7.432  1.00 13.66 ? 61  PHE A CB  1 
ATOM   53   C CG  . PHE A 1 16  ? -1.840  8.859   -6.409  1.00 13.23 ? 61  PHE A CG  1 
ATOM   54   C CD1 . PHE A 1 16  ? -0.985  8.778   -5.321  1.00 13.23 ? 61  PHE A CD1 1 
ATOM   55   C CD2 . PHE A 1 16  ? -2.680  9.957   -6.523  1.00 12.95 ? 61  PHE A CD2 1 
ATOM   56   C CE1 . PHE A 1 16  ? -0.968  9.777   -4.357  1.00 14.83 ? 61  PHE A CE1 1 
ATOM   57   C CE2 . PHE A 1 16  ? -2.671  10.956  -5.570  1.00 15.11 ? 61  PHE A CE2 1 
ATOM   58   C CZ  . PHE A 1 16  ? -1.816  10.871  -4.481  1.00 12.59 ? 61  PHE A CZ  1 
ATOM   59   N N   . PHE A 1 17  ? -4.845  6.883   -5.808  1.00 12.77 ? 62  PHE A N   1 
ATOM   60   C CA  . PHE A 1 17  ? -6.244  7.239   -5.607  1.00 12.56 ? 62  PHE A CA  1 
ATOM   61   C C   . PHE A 1 17  ? -6.503  8.503   -4.801  1.00 12.58 ? 62  PHE A C   1 
ATOM   62   O O   . PHE A 1 17  ? -7.652  8.861   -4.547  1.00 14.28 ? 62  PHE A O   1 
ATOM   63   C CB  . PHE A 1 17  ? -6.994  6.049   -5.002  1.00 11.86 ? 62  PHE A CB  1 
ATOM   64   C CG  . PHE A 1 17  ? -7.346  4.992   -6.006  1.00 13.36 ? 62  PHE A CG  1 
ATOM   65   C CD1 . PHE A 1 17  ? -6.358  4.211   -6.602  1.00 14.79 ? 62  PHE A CD1 1 
ATOM   66   C CD2 . PHE A 1 17  ? -8.669  4.800   -6.389  1.00 17.84 ? 62  PHE A CD2 1 
ATOM   67   C CE1 . PHE A 1 17  ? -6.678  3.256   -7.572  1.00 16.10 ? 62  PHE A CE1 1 
ATOM   68   C CE2 . PHE A 1 17  ? -9.002  3.850   -7.356  1.00 18.66 ? 62  PHE A CE2 1 
ATOM   69   C CZ  . PHE A 1 17  ? -8.002  3.077   -7.949  1.00 18.76 ? 62  PHE A CZ  1 
ATOM   70   N N   . GLY A 1 18  ? -5.442  9.192   -4.405  1.00 10.94 ? 63  GLY A N   1 
ATOM   71   C CA  . GLY A 1 18  ? -5.631  10.411  -3.647  1.00 10.95 ? 63  GLY A CA  1 
ATOM   72   C C   . GLY A 1 18  ? -6.217  10.177  -2.268  1.00 13.91 ? 63  GLY A C   1 
ATOM   73   O O   . GLY A 1 18  ? -5.937  9.162   -1.643  1.00 13.18 ? 63  GLY A O   1 
ATOM   74   N N   . LYS A 1 19  ? -7.066  11.088  -1.808  1.00 13.75 ? 64  LYS A N   1 
ATOM   75   C CA  . LYS A 1 19  ? -7.644  10.983  -0.472  1.00 17.35 ? 64  LYS A CA  1 
ATOM   76   C C   . LYS A 1 19  ? -8.962  10.210  -0.415  1.00 20.64 ? 64  LYS A C   1 
ATOM   77   O O   . LYS A 1 19  ? -10.033 10.805  -0.305  1.00 27.12 ? 64  LYS A O   1 
ATOM   78   C CB  . LYS A 1 19  ? -7.832  12.383  0.122   1.00 18.00 ? 64  LYS A CB  1 
ATOM   79   C CG  . LYS A 1 19  ? -8.040  12.411  1.631   1.00 23.41 ? 64  LYS A CG  1 
ATOM   80   C CD  . LYS A 1 19  ? -8.382  13.819  2.141   1.00 29.62 ? 64  LYS A CD  1 
ATOM   81   C CE  . LYS A 1 19  ? -9.900  14.057  2.232   1.00 37.48 ? 64  LYS A CE  1 
ATOM   82   N NZ  . LYS A 1 19  ? -10.578 14.255  0.910   1.00 41.25 ? 64  LYS A NZ  1 
ATOM   83   N N   . ILE A 1 20  ? -8.900  8.889   -0.534  1.00 20.76 ? 65  ILE A N   1 
ATOM   84   C CA  . ILE A 1 20  ? -10.121 8.089   -0.457  1.00 19.75 ? 65  ILE A CA  1 
ATOM   85   C C   . ILE A 1 20  ? -10.150 7.440   0.911   1.00 19.03 ? 65  ILE A C   1 
ATOM   86   O O   . ILE A 1 20  ? -9.111  7.056   1.439   1.00 19.52 ? 65  ILE A O   1 
ATOM   87   C CB  . ILE A 1 20  ? -10.193 6.971   -1.529  1.00 20.65 ? 65  ILE A CB  1 
ATOM   88   C CG1 . ILE A 1 20  ? -8.999  6.026   -1.411  1.00 20.10 ? 65  ILE A CG1 1 
ATOM   89   C CG2 . ILE A 1 20  ? -10.298 7.572   -2.917  1.00 25.32 ? 65  ILE A CG2 1 
ATOM   90   C CD1 . ILE A 1 20  ? -9.111  4.816   -2.314  1.00 25.45 ? 65  ILE A CD1 1 
ATOM   91   N N   . PRO A 1 21  ? -11.344 7.306   1.502   1.00 18.35 ? 66  PRO A N   1 
ATOM   92   C CA  . PRO A 1 21  ? -11.485 6.692   2.819   1.00 17.03 ? 66  PRO A CA  1 
ATOM   93   C C   . PRO A 1 21  ? -10.994 5.251   2.812   1.00 15.42 ? 66  PRO A C   1 
ATOM   94   O O   . PRO A 1 21  ? -11.150 4.524   1.825   1.00 14.28 ? 66  PRO A O   1 
ATOM   95   C CB  . PRO A 1 21  ? -12.994 6.739   3.058   1.00 17.15 ? 66  PRO A CB  1 
ATOM   96   C CG  . PRO A 1 21  ? -13.435 7.924   2.254   1.00 18.15 ? 66  PRO A CG  1 
ATOM   97   C CD  . PRO A 1 21  ? -12.658 7.731   0.987   1.00 17.93 ? 66  PRO A CD  1 
ATOM   98   N N   . ARG A 1 22  ? -10.423 4.849   3.939   1.00 14.67 ? 67  ARG A N   1 
ATOM   99   C CA  . ARG A 1 22  ? -9.925  3.497   4.143   1.00 14.47 ? 67  ARG A CA  1 
ATOM   100  C C   . ARG A 1 22  ? -11.017 2.479   3.755   1.00 14.71 ? 67  ARG A C   1 
ATOM   101  O O   . ARG A 1 22  ? -10.752 1.482   3.076   1.00 14.30 ? 67  ARG A O   1 
ATOM   102  C CB  . ARG A 1 22  ? -9.536  3.356   5.617   1.00 13.08 ? 67  ARG A CB  1 
ATOM   103  C CG  . ARG A 1 22  ? -9.065  1.991   6.056   1.00 12.26 ? 67  ARG A CG  1 
ATOM   104  C CD  . ARG A 1 22  ? -8.690  2.029   7.530   1.00 13.58 ? 67  ARG A CD  1 
ATOM   105  N NE  . ARG A 1 22  ? -8.387  0.703   8.060   1.00 14.02 ? 67  ARG A NE  1 
ATOM   106  C CZ  . ARG A 1 22  ? -7.182  0.293   8.446   1.00 10.97 ? 67  ARG A CZ  1 
ATOM   107  N NH1 . ARG A 1 22  ? -6.138  1.099   8.361   1.00 9.14  ? 67  ARG A NH1 1 
ATOM   108  N NH2 . ARG A 1 22  ? -7.027  -0.919  8.955   1.00 11.36 ? 67  ARG A NH2 1 
ATOM   109  N N   . ALA A 1 23  ? -12.255 2.778   4.146   1.00 15.52 ? 68  ALA A N   1 
ATOM   110  C CA  . ALA A 1 23  ? -13.403 1.922   3.856   1.00 16.66 ? 68  ALA A CA  1 
ATOM   111  C C   . ALA A 1 23  ? -13.684 1.785   2.362   1.00 16.53 ? 68  ALA A C   1 
ATOM   112  O O   . ALA A 1 23  ? -14.051 0.708   1.898   1.00 15.68 ? 68  ALA A O   1 
ATOM   113  C CB  . ALA A 1 23  ? -14.644 2.440   4.581   1.00 15.87 ? 68  ALA A CB  1 
ATOM   114  N N   . LYS A 1 24  ? -13.492 2.861   1.607   1.00 18.19 ? 69  LYS A N   1 
ATOM   115  C CA  . LYS A 1 24  ? -13.730 2.817   0.167   1.00 21.70 ? 69  LYS A CA  1 
ATOM   116  C C   . LYS A 1 24  ? -12.654 1.998   -0.542  1.00 19.80 ? 69  LYS A C   1 
ATOM   117  O O   . LYS A 1 24  ? -12.932 1.339   -1.544  1.00 18.67 ? 69  LYS A O   1 
ATOM   118  C CB  . LYS A 1 24  ? -13.799 4.224   -0.425  1.00 30.60 ? 69  LYS A CB  1 
ATOM   119  C CG  . LYS A 1 24  ? -14.890 5.109   0.182   1.00 43.02 ? 69  LYS A CG  1 
ATOM   120  C CD  . LYS A 1 24  ? -16.297 4.535   -0.034  1.00 52.29 ? 69  LYS A CD  1 
ATOM   121  C CE  . LYS A 1 24  ? -17.333 5.357   0.743   1.00 58.82 ? 69  LYS A CE  1 
ATOM   122  N NZ  . LYS A 1 24  ? -18.738 4.842   0.576   1.00 64.97 ? 69  LYS A NZ  1 
ATOM   123  N N   . ALA A 1 25  ? -11.426 2.052   -0.029  1.00 16.41 ? 70  ALA A N   1 
ATOM   124  C CA  . ALA A 1 25  ? -10.331 1.285   -0.598  1.00 13.74 ? 70  ALA A CA  1 
ATOM   125  C C   . ALA A 1 25  ? -10.631 -0.208  -0.441  1.00 14.09 ? 70  ALA A C   1 
ATOM   126  O O   . ALA A 1 25  ? -10.446 -0.987  -1.378  1.00 13.47 ? 70  ALA A O   1 
ATOM   127  C CB  . ALA A 1 25  ? -9.017  1.644   0.089   1.00 14.67 ? 70  ALA A CB  1 
ATOM   128  N N   . GLU A 1 26  ? -11.113 -0.598  0.737   1.00 13.76 ? 71  GLU A N   1 
ATOM   129  C CA  . GLU A 1 26  ? -11.451 -1.995  1.000   1.00 16.25 ? 71  GLU A CA  1 
ATOM   130  C C   . GLU A 1 26  ? -12.550 -2.483  0.071   1.00 17.70 ? 71  GLU A C   1 
ATOM   131  O O   . GLU A 1 26  ? -12.472 -3.584  -0.475  1.00 18.82 ? 71  GLU A O   1 
ATOM   132  C CB  . GLU A 1 26  ? -11.918 -2.183  2.442   1.00 15.59 ? 71  GLU A CB  1 
ATOM   133  C CG  . GLU A 1 26  ? -10.852 -1.900  3.486   1.00 16.97 ? 71  GLU A CG  1 
ATOM   134  C CD  . GLU A 1 26  ? -11.262 -2.327  4.885   1.00 18.85 ? 71  GLU A CD  1 
ATOM   135  O OE1 . GLU A 1 26  ? -12.471 -2.500  5.132   1.00 17.75 ? 71  GLU A OE1 1 
ATOM   136  O OE2 . GLU A 1 26  ? -10.377 -2.495  5.748   1.00 20.72 ? 71  GLU A OE2 1 
ATOM   137  N N   . GLU A 1 27  ? -13.583 -1.663  -0.089  1.00 19.60 ? 72  GLU A N   1 
ATOM   138  C CA  . GLU A 1 27  ? -14.713 -1.998  -0.946  1.00 23.32 ? 72  GLU A CA  1 
ATOM   139  C C   . GLU A 1 27  ? -14.254 -2.205  -2.378  1.00 21.21 ? 72  GLU A C   1 
ATOM   140  O O   . GLU A 1 27  ? -14.645 -3.180  -3.014  1.00 20.97 ? 72  GLU A O   1 
ATOM   141  C CB  . GLU A 1 27  ? -15.760 -0.882  -0.891  1.00 28.05 ? 72  GLU A CB  1 
ATOM   142  C CG  . GLU A 1 27  ? -16.924 -1.089  -1.833  1.00 41.46 ? 72  GLU A CG  1 
ATOM   143  C CD  . GLU A 1 27  ? -17.749 0.161   -2.026  1.00 49.08 ? 72  GLU A CD  1 
ATOM   144  O OE1 . GLU A 1 27  ? -18.194 0.744   -1.015  1.00 53.52 ? 72  GLU A OE1 1 
ATOM   145  O OE2 . GLU A 1 27  ? -17.932 0.564   -3.191  1.00 54.62 ? 72  GLU A OE2 1 
ATOM   146  N N   . MET A 1 28  ? -13.419 -1.293  -2.875  1.00 19.86 ? 73  MET A N   1 
ATOM   147  C CA  . MET A 1 28  ? -12.915 -1.390  -4.233  1.00 21.68 ? 73  MET A CA  1 
ATOM   148  C C   . MET A 1 28  ? -12.005 -2.595  -4.435  1.00 19.93 ? 73  MET A C   1 
ATOM   149  O O   . MET A 1 28  ? -12.151 -3.329  -5.415  1.00 20.14 ? 73  MET A O   1 
ATOM   150  C CB  . MET A 1 28  ? -12.189 -0.092  -4.628  1.00 28.89 ? 73  MET A CB  1 
ATOM   151  C CG  . MET A 1 28  ? -12.029 0.034   -6.132  1.00 42.48 ? 73  MET A CG  1 
ATOM   152  S SD  . MET A 1 28  ? -10.340 0.172   -6.669  1.00 58.70 ? 73  MET A SD  1 
ATOM   153  C CE  . MET A 1 28  ? -10.570 0.011   -8.480  1.00 53.10 ? 73  MET A CE  1 
ATOM   154  N N   . LEU A 1 29  ? -11.077 -2.817  -3.509  1.00 16.64 ? 74  LEU A N   1 
ATOM   155  C CA  . LEU A 1 29  ? -10.138 -3.931  -3.625  1.00 15.43 ? 74  LEU A CA  1 
ATOM   156  C C   . LEU A 1 29  ? -10.744 -5.317  -3.443  1.00 16.07 ? 74  LEU A C   1 
ATOM   157  O O   . LEU A 1 29  ? -10.317 -6.256  -4.102  1.00 17.11 ? 74  LEU A O   1 
ATOM   158  C CB  . LEU A 1 29  ? -8.963  -3.734  -2.671  1.00 13.94 ? 74  LEU A CB  1 
ATOM   159  C CG  . LEU A 1 29  ? -8.003  -2.621  -3.072  1.00 14.25 ? 74  LEU A CG  1 
ATOM   160  C CD1 . LEU A 1 29  ? -7.023  -2.391  -1.945  1.00 13.70 ? 74  LEU A CD1 1 
ATOM   161  C CD2 . LEU A 1 29  ? -7.278  -2.992  -4.345  1.00 12.81 ? 74  LEU A CD2 1 
ATOM   162  N N   . SER A 1 30  ? -11.753 -5.447  -2.587  1.00 16.20 ? 75  SER A N   1 
ATOM   163  C CA  . SER A 1 30  ? -12.387 -6.750  -2.359  1.00 19.97 ? 75  SER A CA  1 
ATOM   164  C C   . SER A 1 30  ? -13.012 -7.312  -3.646  1.00 21.52 ? 75  SER A C   1 
ATOM   165  O O   . SER A 1 30  ? -13.190 -8.517  -3.783  1.00 21.54 ? 75  SER A O   1 
ATOM   166  C CB  . SER A 1 30  ? -13.430 -6.657  -1.233  1.00 18.35 ? 75  SER A CB  1 
ATOM   167  O OG  . SER A 1 30  ? -14.420 -5.680  -1.501  1.00 19.51 ? 75  SER A OG  1 
ATOM   168  N N   . LYS A 1 31  ? -13.311 -6.427  -4.588  1.00 22.14 ? 76  LYS A N   1 
ATOM   169  C CA  . LYS A 1 31  ? -13.903 -6.813  -5.861  1.00 25.59 ? 76  LYS A CA  1 
ATOM   170  C C   . LYS A 1 31  ? -12.880 -7.149  -6.949  1.00 27.25 ? 76  LYS A C   1 
ATOM   171  O O   . LYS A 1 31  ? -13.250 -7.557  -8.050  1.00 29.58 ? 76  LYS A O   1 
ATOM   172  C CB  . LYS A 1 31  ? -14.861 -5.726  -6.331  1.00 27.33 ? 76  LYS A CB  1 
ATOM   173  C CG  . LYS A 1 31  ? -16.167 -5.706  -5.546  1.00 36.01 ? 76  LYS A CG  1 
ATOM   174  C CD  . LYS A 1 31  ? -16.718 -4.298  -5.322  1.00 43.47 ? 76  LYS A CD  1 
ATOM   175  C CE  . LYS A 1 31  ? -16.709 -3.451  -6.592  1.00 48.89 ? 76  LYS A CE  1 
ATOM   176  N NZ  . LYS A 1 31  ? -17.535 -2.215  -6.443  1.00 55.06 ? 76  LYS A NZ  1 
ATOM   177  N N   . GLN A 1 32  ? -11.603 -6.917  -6.668  1.00 27.06 ? 77  GLN A N   1 
ATOM   178  C CA  . GLN A 1 32  ? -10.548 -7.242  -7.619  1.00 26.26 ? 77  GLN A CA  1 
ATOM   179  C C   . GLN A 1 32  ? -10.408 -8.761  -7.632  1.00 27.77 ? 77  GLN A C   1 
ATOM   180  O O   . GLN A 1 32  ? -10.650 -9.407  -6.623  1.00 28.04 ? 77  GLN A O   1 
ATOM   181  C CB  . GLN A 1 32  ? -9.227  -6.591  -7.213  1.00 23.63 ? 77  GLN A CB  1 
ATOM   182  C CG  . GLN A 1 32  ? -9.174  -5.109  -7.529  1.00 25.10 ? 77  GLN A CG  1 
ATOM   183  C CD  . GLN A 1 32  ? -9.231  -4.837  -9.025  1.00 28.55 ? 77  GLN A CD  1 
ATOM   184  O OE1 . GLN A 1 32  ? -8.380  -5.297  -9.795  1.00 27.78 ? 77  GLN A OE1 1 
ATOM   185  N NE2 . GLN A 1 32  ? -10.221 -4.077  -9.440  1.00 30.30 ? 77  GLN A NE2 1 
ATOM   186  N N   . ARG A 1 33  ? -9.965  -9.321  -8.746  1.00 30.67 ? 78  ARG A N   1 
ATOM   187  C CA  . ARG A 1 33  ? -9.857  -10.778 -8.848  1.00 35.77 ? 78  ARG A CA  1 
ATOM   188  C C   . ARG A 1 33  ? -8.477  -11.389 -8.688  1.00 33.47 ? 78  ARG A C   1 
ATOM   189  O O   . ARG A 1 33  ? -8.330  -12.601 -8.601  1.00 36.39 ? 78  ARG A O   1 
ATOM   190  C CB  . ARG A 1 33  ? -10.456 -11.247 -10.176 1.00 44.72 ? 78  ARG A CB  1 
ATOM   191  C CG  . ARG A 1 33  ? -11.920 -10.822 -10.385 1.00 57.96 ? 78  ARG A CG  1 
ATOM   192  C CD  . ARG A 1 33  ? -12.433 -11.217 -11.784 1.00 69.68 ? 78  ARG A CD  1 
ATOM   193  N NE  . ARG A 1 33  ? -13.799 -10.751 -12.027 1.00 81.17 ? 78  ARG A NE  1 
ATOM   194  C CZ  . ARG A 1 33  ? -14.483 -10.989 -13.148 1.00 87.06 ? 78  ARG A CZ  1 
ATOM   195  N NH1 . ARG A 1 33  ? -13.931 -11.687 -14.135 1.00 90.13 ? 78  ARG A NH1 1 
ATOM   196  N NH2 . ARG A 1 33  ? -15.730 -10.531 -13.275 1.00 90.61 ? 78  ARG A NH2 1 
ATOM   197  N N   . HIS A 1 34  ? -7.438  -10.553 -8.650  1.00 28.81 ? 79  HIS A N   1 
ATOM   198  C CA  . HIS A 1 34  ? -6.096  -11.089 -8.533  1.00 26.16 ? 79  HIS A CA  1 
ATOM   199  C C   . HIS A 1 34  ? -5.376  -10.693 -7.264  1.00 23.58 ? 79  HIS A C   1 
ATOM   200  O O   . HIS A 1 34  ? -5.553  -9.586  -6.764  1.00 21.73 ? 79  HIS A O   1 
ATOM   201  C CB  . HIS A 1 34  ? -5.263  -10.654 -9.741  1.00 27.29 ? 79  HIS A CB  1 
ATOM   202  C CG  . HIS A 1 34  ? -5.254  -9.170  -9.967  1.00 33.09 ? 79  HIS A CG  1 
ATOM   203  N ND1 . HIS A 1 34  ? -6.387  -8.469  -10.326 1.00 34.87 ? 79  HIS A ND1 1 
ATOM   204  C CD2 . HIS A 1 34  ? -4.255  -8.256  -9.895  1.00 33.21 ? 79  HIS A CD2 1 
ATOM   205  C CE1 . HIS A 1 34  ? -6.087  -7.191  -10.467 1.00 37.18 ? 79  HIS A CE1 1 
ATOM   206  N NE2 . HIS A 1 34  ? -4.801  -7.034  -10.210 1.00 36.04 ? 79  HIS A NE2 1 
ATOM   207  N N   . ASP A 1 35  ? -4.540  -11.600 -6.763  1.00 20.55 ? 80  ASP A N   1 
ATOM   208  C CA  . ASP A 1 35  ? -3.760  -11.326 -5.566  1.00 20.21 ? 80  ASP A CA  1 
ATOM   209  C C   . ASP A 1 35  ? -2.778  -10.216 -5.910  1.00 18.48 ? 80  ASP A C   1 
ATOM   210  O O   . ASP A 1 35  ? -2.259  -10.165 -7.033  1.00 19.33 ? 80  ASP A O   1 
ATOM   211  C CB  . ASP A 1 35  ? -2.954  -12.558 -5.140  1.00 20.49 ? 80  ASP A CB  1 
ATOM   212  C CG  . ASP A 1 35  ? -3.804  -13.643 -4.508  1.00 23.30 ? 80  ASP A CG  1 
ATOM   213  O OD1 . ASP A 1 35  ? -4.954  -13.368 -4.110  1.00 21.82 ? 80  ASP A OD1 1 
ATOM   214  O OD2 . ASP A 1 35  ? -3.297  -14.780 -4.398  1.00 25.73 ? 80  ASP A OD2 1 
ATOM   215  N N   . GLY A 1 36  ? -2.548  -9.317  -4.961  1.00 15.84 ? 81  GLY A N   1 
ATOM   216  C CA  . GLY A 1 36  ? -1.609  -8.244  -5.187  1.00 13.12 ? 81  GLY A CA  1 
ATOM   217  C C   . GLY A 1 36  ? -2.236  -6.959  -5.674  1.00 13.61 ? 81  GLY A C   1 
ATOM   218  O O   . GLY A 1 36  ? -1.551  -5.938  -5.725  1.00 15.54 ? 81  GLY A O   1 
ATOM   219  N N   . ALA A 1 37  ? -3.516  -6.998  -6.045  1.00 12.42 ? 82  ALA A N   1 
ATOM   220  C CA  . ALA A 1 37  ? -4.207  -5.794  -6.509  1.00 13.32 ? 82  ALA A CA  1 
ATOM   221  C C   . ALA A 1 37  ? -4.030  -4.749  -5.408  1.00 13.32 ? 82  ALA A C   1 
ATOM   222  O O   . ALA A 1 37  ? -4.333  -5.022  -4.243  1.00 13.29 ? 82  ALA A O   1 
ATOM   223  C CB  . ALA A 1 37  ? -5.678  -6.086  -6.738  1.00 13.37 ? 82  ALA A CB  1 
ATOM   224  N N   . PHE A 1 38  ? -3.562  -3.558  -5.772  1.00 11.35 ? 83  PHE A N   1 
ATOM   225  C CA  . PHE A 1 38  ? -3.295  -2.533  -4.773  1.00 9.43  ? 83  PHE A CA  1 
ATOM   226  C C   . PHE A 1 38  ? -3.593  -1.111  -5.207  1.00 10.02 ? 83  PHE A C   1 
ATOM   227  O O   . PHE A 1 38  ? -3.879  -0.838  -6.371  1.00 10.38 ? 83  PHE A O   1 
ATOM   228  C CB  . PHE A 1 38  ? -1.815  -2.596  -4.383  1.00 8.39  ? 83  PHE A CB  1 
ATOM   229  C CG  . PHE A 1 38  ? -0.892  -1.944  -5.389  1.00 11.77 ? 83  PHE A CG  1 
ATOM   230  C CD1 . PHE A 1 38  ? -0.589  -2.577  -6.589  1.00 12.52 ? 83  PHE A CD1 1 
ATOM   231  C CD2 . PHE A 1 38  ? -0.348  -0.691  -5.142  1.00 13.00 ? 83  PHE A CD2 1 
ATOM   232  C CE1 . PHE A 1 38  ? 0.245   -1.969  -7.531  1.00 14.92 ? 83  PHE A CE1 1 
ATOM   233  C CE2 . PHE A 1 38  ? 0.488   -0.075  -6.080  1.00 14.27 ? 83  PHE A CE2 1 
ATOM   234  C CZ  . PHE A 1 38  ? 0.783   -0.717  -7.273  1.00 12.92 ? 83  PHE A CZ  1 
ATOM   235  N N   . LEU A 1 39  ? -3.454  -0.199  -4.247  1.00 11.07 ? 84  LEU A N   1 
ATOM   236  C CA  . LEU A 1 39  ? -3.627  1.227   -4.470  1.00 9.73  ? 84  LEU A CA  1 
ATOM   237  C C   . LEU A 1 39  ? -2.899  1.980   -3.360  1.00 11.01 ? 84  LEU A C   1 
ATOM   238  O O   . LEU A 1 39  ? -2.666  1.434   -2.271  1.00 10.29 ? 84  LEU A O   1 
ATOM   239  C CB  . LEU A 1 39  ? -5.115  1.626   -4.510  1.00 10.60 ? 84  LEU A CB  1 
ATOM   240  C CG  . LEU A 1 39  ? -6.025  1.516   -3.275  1.00 11.80 ? 84  LEU A CG  1 
ATOM   241  C CD1 . LEU A 1 39  ? -5.765  2.644   -2.274  1.00 10.05 ? 84  LEU A CD1 1 
ATOM   242  C CD2 . LEU A 1 39  ? -7.480  1.552   -3.721  1.00 13.46 ? 84  LEU A CD2 1 
ATOM   243  N N   . ILE A 1 40  ? -2.461  3.190   -3.677  1.00 10.62 ? 85  ILE A N   1 
ATOM   244  C CA  . ILE A 1 40  ? -1.803  4.063   -2.720  1.00 11.42 ? 85  ILE A CA  1 
ATOM   245  C C   . ILE A 1 40  ? -2.812  5.181   -2.509  1.00 11.33 ? 85  ILE A C   1 
ATOM   246  O O   . ILE A 1 40  ? -3.428  5.660   -3.468  1.00 12.31 ? 85  ILE A O   1 
ATOM   247  C CB  . ILE A 1 40  ? -0.513  4.682   -3.283  1.00 12.67 ? 85  ILE A CB  1 
ATOM   248  C CG1 . ILE A 1 40  ? 0.534   3.600   -3.545  1.00 16.13 ? 85  ILE A CG1 1 
ATOM   249  C CG2 . ILE A 1 40  ? 0.026   5.732   -2.315  1.00 14.55 ? 85  ILE A CG2 1 
ATOM   250  C CD1 . ILE A 1 40  ? 1.197   3.080   -2.292  1.00 19.96 ? 85  ILE A CD1 1 
ATOM   251  N N   . ARG A 1 41  ? -3.001  5.578   -1.261  1.00 10.77 ? 86  ARG A N   1 
ATOM   252  C CA  . ARG A 1 41  ? -3.940  6.639   -0.921  1.00 11.48 ? 86  ARG A CA  1 
ATOM   253  C C   . ARG A 1 41  ? -3.334  7.574   0.117   1.00 10.58 ? 86  ARG A C   1 
ATOM   254  O O   . ARG A 1 41  ? -2.398  7.215   0.833   1.00 10.56 ? 86  ARG A O   1 
ATOM   255  C CB  . ARG A 1 41  ? -5.252  6.040   -0.382  1.00 11.03 ? 86  ARG A CB  1 
ATOM   256  C CG  . ARG A 1 41  ? -5.071  5.052   0.760   1.00 10.92 ? 86  ARG A CG  1 
ATOM   257  C CD  . ARG A 1 41  ? -6.390  4.403   1.192   1.00 12.96 ? 86  ARG A CD  1 
ATOM   258  N NE  . ARG A 1 41  ? -6.159  3.365   2.198   1.00 12.15 ? 86  ARG A NE  1 
ATOM   259  C CZ  . ARG A 1 41  ? -6.018  3.589   3.504   1.00 11.96 ? 86  ARG A CZ  1 
ATOM   260  N NH1 . ARG A 1 41  ? -6.101  4.820   3.994   1.00 10.73 ? 86  ARG A NH1 1 
ATOM   261  N NH2 . ARG A 1 41  ? -5.716  2.588   4.316   1.00 11.48 ? 86  ARG A NH2 1 
ATOM   262  N N   . GLU A 1 42  ? -3.834  8.801   0.153   1.00 11.36 ? 87  GLU A N   1 
ATOM   263  C CA  . GLU A 1 42  ? -3.377  9.779   1.123   1.00 10.79 ? 87  GLU A CA  1 
ATOM   264  C C   . GLU A 1 42  ? -4.212  9.513   2.372   1.00 11.89 ? 87  GLU A C   1 
ATOM   265  O O   . GLU A 1 42  ? -5.450  9.520   2.331   1.00 13.79 ? 87  GLU A O   1 
ATOM   266  C CB  . GLU A 1 42  ? -3.601  11.197  0.601   1.00 11.05 ? 87  GLU A CB  1 
ATOM   267  C CG  . GLU A 1 42  ? -2.912  11.437  -0.729  1.00 10.19 ? 87  GLU A CG  1 
ATOM   268  C CD  . GLU A 1 42  ? -2.965  12.877  -1.162  1.00 13.28 ? 87  GLU A CD  1 
ATOM   269  O OE1 . GLU A 1 42  ? -2.168  13.678  -0.637  1.00 12.70 ? 87  GLU A OE1 1 
ATOM   270  O OE2 . GLU A 1 42  ? -3.796  13.205  -2.029  1.00 13.63 ? 87  GLU A OE2 1 
ATOM   271  N N   . SER A 1 43  ? -3.522  9.208   3.461   1.00 11.32 ? 88  SER A N   1 
ATOM   272  C CA  . SER A 1 43  ? -4.180  8.889   4.715   1.00 13.21 ? 88  SER A CA  1 
ATOM   273  C C   . SER A 1 43  ? -5.052  9.998   5.278   1.00 15.98 ? 88  SER A C   1 
ATOM   274  O O   . SER A 1 43  ? -4.662  11.162  5.330   1.00 17.02 ? 88  SER A O   1 
ATOM   275  C CB  . SER A 1 43  ? -3.143  8.478   5.761   1.00 11.64 ? 88  SER A CB  1 
ATOM   276  O OG  . SER A 1 43  ? -3.762  8.095   6.980   1.00 15.05 ? 88  SER A OG  1 
ATOM   277  N N   . GLU A 1 44  ? -6.251  9.619   5.690   1.00 20.19 ? 89  GLU A N   1 
ATOM   278  C CA  . GLU A 1 44  ? -7.185  10.551  6.298   1.00 24.71 ? 89  GLU A CA  1 
ATOM   279  C C   . GLU A 1 44  ? -6.930  10.644  7.797   1.00 23.55 ? 89  GLU A C   1 
ATOM   280  O O   . GLU A 1 44  ? -7.126  11.697  8.390   1.00 27.53 ? 89  GLU A O   1 
ATOM   281  C CB  . GLU A 1 44  ? -8.625  10.115  6.064   1.00 29.47 ? 89  GLU A CB  1 
ATOM   282  C CG  . GLU A 1 44  ? -9.223  10.599  4.758   1.00 37.06 ? 89  GLU A CG  1 
ATOM   283  C CD  . GLU A 1 44  ? -10.695 10.261  4.626   1.00 42.33 ? 89  GLU A CD  1 
ATOM   284  O OE1 . GLU A 1 44  ? -11.197 9.457   5.439   1.00 43.18 ? 89  GLU A OE1 1 
ATOM   285  O OE2 . GLU A 1 44  ? -11.354 10.816  3.715   1.00 45.82 ? 89  GLU A OE2 1 
ATOM   286  N N   . SER A 1 45  ? -6.470  9.557   8.407   1.00 21.74 ? 90  SER A N   1 
ATOM   287  C CA  . SER A 1 45  ? -6.205  9.572   9.840   1.00 21.11 ? 90  SER A CA  1 
ATOM   288  C C   . SER A 1 45  ? -4.869  10.237  10.168  1.00 20.73 ? 90  SER A C   1 
ATOM   289  O O   . SER A 1 45  ? -4.676  10.733  11.276  1.00 20.36 ? 90  SER A O   1 
ATOM   290  C CB  . SER A 1 45  ? -6.274  8.160   10.431  1.00 19.55 ? 90  SER A CB  1 
ATOM   291  O OG  . SER A 1 45  ? -5.234  7.322   9.957   1.00 20.47 ? 90  SER A OG  1 
ATOM   292  N N   . ALA A 1 46  ? -3.950  10.241  9.207   1.00 18.96 ? 91  ALA A N   1 
ATOM   293  C CA  . ALA A 1 46  ? -2.644  10.847  9.411   1.00 18.41 ? 91  ALA A CA  1 
ATOM   294  C C   . ALA A 1 46  ? -2.288  11.738  8.232   1.00 17.98 ? 91  ALA A C   1 
ATOM   295  O O   . ALA A 1 46  ? -1.620  11.306  7.303   1.00 17.44 ? 91  ALA A O   1 
ATOM   296  C CB  . ALA A 1 46  ? -1.590  9.766   9.614   1.00 17.95 ? 91  ALA A CB  1 
ATOM   297  N N   . PRO A 1 47  ? -2.772  12.994  8.239   1.00 19.61 ? 92  PRO A N   1 
ATOM   298  C CA  . PRO A 1 47  ? -2.503  13.957  7.162   1.00 17.95 ? 92  PRO A CA  1 
ATOM   299  C C   . PRO A 1 47  ? -1.017  14.050  6.857   1.00 17.97 ? 92  PRO A C   1 
ATOM   300  O O   . PRO A 1 47  ? -0.189  14.119  7.771   1.00 18.17 ? 92  PRO A O   1 
ATOM   301  C CB  . PRO A 1 47  ? -3.033  15.265  7.740   1.00 19.66 ? 92  PRO A CB  1 
ATOM   302  C CG  . PRO A 1 47  ? -4.180  14.812  8.558   1.00 23.08 ? 92  PRO A CG  1 
ATOM   303  C CD  . PRO A 1 47  ? -3.620  13.603  9.278   1.00 19.67 ? 92  PRO A CD  1 
ATOM   304  N N   . GLY A 1 48  ? -0.687  14.015  5.570   1.00 17.69 ? 93  GLY A N   1 
ATOM   305  C CA  . GLY A 1 48  ? 0.698   14.081  5.154   1.00 15.25 ? 93  GLY A CA  1 
ATOM   306  C C   . GLY A 1 48  ? 1.261   12.697  4.886   1.00 14.32 ? 93  GLY A C   1 
ATOM   307  O O   . GLY A 1 48  ? 2.286   12.567  4.211   1.00 15.83 ? 93  GLY A O   1 
ATOM   308  N N   . ASP A 1 49  ? 0.608   11.663  5.407   1.00 11.61 ? 94  ASP A N   1 
ATOM   309  C CA  . ASP A 1 49  ? 1.069   10.293  5.212   1.00 10.98 ? 94  ASP A CA  1 
ATOM   310  C C   . ASP A 1 49  ? 0.343   9.570   4.093   1.00 9.29  ? 94  ASP A C   1 
ATOM   311  O O   . ASP A 1 49  ? -0.772  9.931   3.716   1.00 9.38  ? 94  ASP A O   1 
ATOM   312  C CB  . ASP A 1 49  ? 0.904   9.472   6.489   1.00 11.68 ? 94  ASP A CB  1 
ATOM   313  C CG  . ASP A 1 49  ? 1.910   9.823   7.556   1.00 14.90 ? 94  ASP A CG  1 
ATOM   314  O OD1 . ASP A 1 49  ? 2.819   10.645  7.312   1.00 16.01 ? 94  ASP A OD1 1 
ATOM   315  O OD2 . ASP A 1 49  ? 1.782   9.252   8.654   1.00 18.92 ? 94  ASP A OD2 1 
ATOM   316  N N   . PHE A 1 50  ? 0.981   8.518   3.595   1.00 9.61  ? 95  PHE A N   1 
ATOM   317  C CA  . PHE A 1 50  ? 0.430   7.692   2.536   1.00 9.51  ? 95  PHE A CA  1 
ATOM   318  C C   . PHE A 1 50  ? 0.225   6.291   3.087   1.00 9.66  ? 95  PHE A C   1 
ATOM   319  O O   . PHE A 1 50  ? 0.937   5.864   4.004   1.00 9.30  ? 95  PHE A O   1 
ATOM   320  C CB  . PHE A 1 50  ? 1.381   7.647   1.341   1.00 9.44  ? 95  PHE A CB  1 
ATOM   321  C CG  . PHE A 1 50  ? 1.569   8.977   0.679   1.00 12.93 ? 95  PHE A CG  1 
ATOM   322  C CD1 . PHE A 1 50  ? 0.658   9.437   -0.268  1.00 13.39 ? 95  PHE A CD1 1 
ATOM   323  C CD2 . PHE A 1 50  ? 2.645   9.786   1.023   1.00 14.41 ? 95  PHE A CD2 1 
ATOM   324  C CE1 . PHE A 1 50  ? 0.816   10.697  -0.865  1.00 15.82 ? 95  PHE A CE1 1 
ATOM   325  C CE2 . PHE A 1 50  ? 2.813   11.047  0.432   1.00 16.68 ? 95  PHE A CE2 1 
ATOM   326  C CZ  . PHE A 1 50  ? 1.893   11.500  -0.513  1.00 15.20 ? 95  PHE A CZ  1 
ATOM   327  N N   . SER A 1 51  ? -0.773  5.605   2.547   1.00 10.54 ? 96  SER A N   1 
ATOM   328  C CA  . SER A 1 51  ? -1.111  4.250   2.944   1.00 10.76 ? 96  SER A CA  1 
ATOM   329  C C   . SER A 1 51  ? -1.205  3.381   1.698   1.00 10.22 ? 96  SER A C   1 
ATOM   330  O O   . SER A 1 51  ? -1.527  3.861   0.614   1.00 12.61 ? 96  SER A O   1 
ATOM   331  C CB  . SER A 1 51  ? -2.449  4.226   3.677   1.00 7.86  ? 96  SER A CB  1 
ATOM   332  O OG  . SER A 1 51  ? -2.359  4.948   4.882   1.00 9.50  ? 96  SER A OG  1 
ATOM   333  N N   . LEU A 1 52  ? -0.868  2.111   1.854   1.00 10.41 ? 97  LEU A N   1 
ATOM   334  C CA  . LEU A 1 52  ? -0.926  1.154   0.767   1.00 11.86 ? 97  LEU A CA  1 
ATOM   335  C C   . LEU A 1 52  ? -1.951  0.095   1.156   1.00 11.50 ? 97  LEU A C   1 
ATOM   336  O O   . LEU A 1 52  ? -1.888  -0.468  2.248   1.00 11.00 ? 97  LEU A O   1 
ATOM   337  C CB  A LEU A 1 52  ? 0.441   0.506   0.587   0.50 13.26 ? 97  LEU A CB  1 
ATOM   338  C CB  B LEU A 1 52  ? 0.449   0.518   0.549   0.50 18.92 ? 97  LEU A CB  1 
ATOM   339  C CG  A LEU A 1 52  ? 0.567   -0.779  -0.241  0.50 17.35 ? 97  LEU A CG  1 
ATOM   340  C CG  B LEU A 1 52  ? 0.500   -0.626  -0.473  0.50 26.29 ? 97  LEU A CG  1 
ATOM   341  C CD1 A LEU A 1 52  ? 0.065   -0.559  -1.661  0.50 14.97 ? 97  LEU A CD1 1 
ATOM   342  C CD1 B LEU A 1 52  ? 1.374   -0.242  -1.651  0.50 28.64 ? 97  LEU A CD1 1 
ATOM   343  C CD2 A LEU A 1 52  ? 2.018   -1.235  -0.252  0.50 16.03 ? 97  LEU A CD2 1 
ATOM   344  C CD2 B LEU A 1 52  ? 1.056   -1.870  0.194   0.50 30.12 ? 97  LEU A CD2 1 
ATOM   345  N N   . SER A 1 53  ? -2.938  -0.117  0.298   1.00 9.07  ? 98  SER A N   1 
ATOM   346  C CA  . SER A 1 53  ? -3.972  -1.109  0.559   1.00 9.41  ? 98  SER A CA  1 
ATOM   347  C C   . SER A 1 53  ? -3.820  -2.190  -0.502  1.00 11.13 ? 98  SER A C   1 
ATOM   348  O O   . SER A 1 53  ? -3.717  -1.879  -1.694  1.00 10.05 ? 98  SER A O   1 
ATOM   349  C CB  . SER A 1 53  ? -5.346  -0.465  0.492   1.00 9.54  ? 98  SER A CB  1 
ATOM   350  O OG  . SER A 1 53  ? -5.482  0.508   1.509   1.00 10.79 ? 98  SER A OG  1 
ATOM   351  N N   . VAL A 1 54  ? -3.786  -3.454  -0.078  1.00 10.96 ? 99  VAL A N   1 
ATOM   352  C CA  . VAL A 1 54  ? -3.586  -4.577  -1.004  1.00 14.30 ? 99  VAL A CA  1 
ATOM   353  C C   . VAL A 1 54  ? -4.550  -5.737  -0.748  1.00 14.47 ? 99  VAL A C   1 
ATOM   354  O O   . VAL A 1 54  ? -4.934  -6.000  0.394   1.00 13.34 ? 99  VAL A O   1 
ATOM   355  C CB  A VAL A 1 54  ? -2.141  -5.145  -0.901  0.50 14.48 ? 99  VAL A CB  1 
ATOM   356  C CB  B VAL A 1 54  ? -2.121  -5.145  -0.921  0.50 18.57 ? 99  VAL A CB  1 
ATOM   357  C CG1 A VAL A 1 54  ? -1.826  -6.041  -2.097  0.50 8.47  ? 99  VAL A CG1 1 
ATOM   358  C CG1 B VAL A 1 54  ? -1.122  -4.075  -1.293  0.50 26.46 ? 99  VAL A CG1 1 
ATOM   359  C CG2 A VAL A 1 54  ? -1.116  -4.026  -0.773  0.50 17.37 ? 99  VAL A CG2 1 
ATOM   360  C CG2 B VAL A 1 54  ? -1.825  -5.675  0.469   0.50 19.04 ? 99  VAL A CG2 1 
ATOM   361  N N   . LYS A 1 55  ? -4.910  -6.442  -1.817  1.00 15.93 ? 100 LYS A N   1 
ATOM   362  C CA  . LYS A 1 55  ? -5.772  -7.610  -1.719  1.00 14.88 ? 100 LYS A CA  1 
ATOM   363  C C   . LYS A 1 55  ? -4.894  -8.846  -1.804  1.00 14.54 ? 100 LYS A C   1 
ATOM   364  O O   . LYS A 1 55  ? -3.951  -8.893  -2.595  1.00 14.36 ? 100 LYS A O   1 
ATOM   365  C CB  . LYS A 1 55  ? -6.787  -7.651  -2.863  1.00 16.99 ? 100 LYS A CB  1 
ATOM   366  C CG  . LYS A 1 55  ? -7.655  -8.907  -2.855  1.00 21.41 ? 100 LYS A CG  1 
ATOM   367  C CD  . LYS A 1 55  ? -8.707  -8.898  -3.942  1.00 26.36 ? 100 LYS A CD  1 
ATOM   368  C CE  . LYS A 1 55  ? -9.802  -9.928  -3.676  1.00 27.77 ? 100 LYS A CE  1 
ATOM   369  N NZ  . LYS A 1 55  ? -9.451  -11.293 -4.154  1.00 29.76 ? 100 LYS A NZ  1 
ATOM   370  N N   . PHE A 1 56  ? -5.157  -9.814  -0.939  1.00 13.99 ? 101 PHE A N   1 
ATOM   371  C CA  . PHE A 1 56  ? -4.427  -11.078 -0.950  1.00 13.79 ? 101 PHE A CA  1 
ATOM   372  C C   . PHE A 1 56  ? -5.431  -12.141 -0.533  1.00 14.21 ? 101 PHE A C   1 
ATOM   373  O O   . PHE A 1 56  ? -5.966  -12.100 0.577   1.00 13.25 ? 101 PHE A O   1 
ATOM   374  C CB  . PHE A 1 56  ? -3.238  -11.081 0.007   1.00 12.78 ? 101 PHE A CB  1 
ATOM   375  C CG  . PHE A 1 56  ? -2.422  -12.336 -0.072  1.00 14.39 ? 101 PHE A CG  1 
ATOM   376  C CD1 . PHE A 1 56  ? -1.744  -12.660 -1.243  1.00 15.58 ? 101 PHE A CD1 1 
ATOM   377  C CD2 . PHE A 1 56  ? -2.354  -13.205 1.003   1.00 14.58 ? 101 PHE A CD2 1 
ATOM   378  C CE1 . PHE A 1 56  ? -1.010  -13.834 -1.339  1.00 15.44 ? 101 PHE A CE1 1 
ATOM   379  C CE2 . PHE A 1 56  ? -1.620  -14.385 0.915   1.00 16.27 ? 101 PHE A CE2 1 
ATOM   380  C CZ  . PHE A 1 56  ? -0.947  -14.698 -0.258  1.00 15.19 ? 101 PHE A CZ  1 
ATOM   381  N N   . GLY A 1 57  ? -5.681  -13.096 -1.419  1.00 14.60 ? 102 GLY A N   1 
ATOM   382  C CA  . GLY A 1 57  ? -6.671  -14.118 -1.136  1.00 15.83 ? 102 GLY A CA  1 
ATOM   383  C C   . GLY A 1 57  ? -8.002  -13.391 -1.171  1.00 16.09 ? 102 GLY A C   1 
ATOM   384  O O   . GLY A 1 57  ? -8.258  -12.634 -2.099  1.00 17.25 ? 102 GLY A O   1 
ATOM   385  N N   . ASN A 1 58  ? -8.793  -13.525 -0.112  1.00 14.05 ? 103 ASN A N   1 
ATOM   386  C CA  . ASN A 1 58  ? -10.089 -12.857 -0.031  1.00 15.22 ? 103 ASN A CA  1 
ATOM   387  C C   . ASN A 1 58  ? -10.021 -11.757 1.022   1.00 14.00 ? 103 ASN A C   1 
ATOM   388  O O   . ASN A 1 58  ? -11.043 -11.225 1.449   1.00 16.61 ? 103 ASN A O   1 
ATOM   389  C CB  . ASN A 1 58  ? -11.166 -13.866 0.376   1.00 16.48 ? 103 ASN A CB  1 
ATOM   390  C CG  . ASN A 1 58  ? -11.232 -15.055 -0.560  1.00 16.51 ? 103 ASN A CG  1 
ATOM   391  O OD1 . ASN A 1 58  ? -11.334 -14.893 -1.763  1.00 15.01 ? 103 ASN A OD1 1 
ATOM   392  N ND2 . ASN A 1 58  ? -11.172 -16.256 -0.005  1.00 15.12 ? 103 ASN A ND2 1 
ATOM   393  N N   . ASP A 1 59  ? -8.803  -11.405 1.412   1.00 13.57 ? 104 ASP A N   1 
ATOM   394  C CA  . ASP A 1 59  ? -8.573  -10.413 2.446   1.00 12.57 ? 104 ASP A CA  1 
ATOM   395  C C   . ASP A 1 59  ? -8.018  -9.125  1.848   1.00 13.48 ? 104 ASP A C   1 
ATOM   396  O O   . ASP A 1 59  ? -7.526  -9.120  0.722   1.00 14.30 ? 104 ASP A O   1 
ATOM   397  C CB  . ASP A 1 59  ? -7.578  -11.008 3.456   1.00 13.94 ? 104 ASP A CB  1 
ATOM   398  C CG  . ASP A 1 59  ? -7.458  -10.197 4.738   1.00 13.81 ? 104 ASP A CG  1 
ATOM   399  O OD1 . ASP A 1 59  ? -8.414  -9.480  5.090   1.00 16.17 ? 104 ASP A OD1 1 
ATOM   400  O OD2 . ASP A 1 59  ? -6.405  -10.305 5.412   1.00 16.78 ? 104 ASP A OD2 1 
ATOM   401  N N   . VAL A 1 60  ? -8.165  -8.026  2.580   1.00 12.75 ? 105 VAL A N   1 
ATOM   402  C CA  . VAL A 1 60  ? -7.634  -6.724  2.166   1.00 11.95 ? 105 VAL A CA  1 
ATOM   403  C C   . VAL A 1 60  ? -6.817  -6.233  3.354   1.00 11.10 ? 105 VAL A C   1 
ATOM   404  O O   . VAL A 1 60  ? -7.297  -6.242  4.489   1.00 11.53 ? 105 VAL A O   1 
ATOM   405  C CB  . VAL A 1 60  ? -8.744  -5.689  1.859   1.00 12.02 ? 105 VAL A CB  1 
ATOM   406  C CG1 . VAL A 1 60  ? -8.123  -4.327  1.565   1.00 15.33 ? 105 VAL A CG1 1 
ATOM   407  C CG2 . VAL A 1 60  ? -9.560  -6.131  0.659   1.00 12.59 ? 105 VAL A CG2 1 
ATOM   408  N N   . GLN A 1 61  ? -5.567  -5.864  3.106   1.00 10.62 ? 106 GLN A N   1 
ATOM   409  C CA  . GLN A 1 61  ? -4.673  -5.399  4.162   1.00 10.36 ? 106 GLN A CA  1 
ATOM   410  C C   . GLN A 1 61  ? -4.162  -3.984  3.903   1.00 10.51 ? 106 GLN A C   1 
ATOM   411  O O   . GLN A 1 61  ? -4.058  -3.555  2.751   1.00 11.38 ? 106 GLN A O   1 
ATOM   412  C CB  . GLN A 1 61  ? -3.487  -6.355  4.303   1.00 11.63 ? 106 GLN A CB  1 
ATOM   413  C CG  . GLN A 1 61  ? -3.867  -7.744  4.791   1.00 13.66 ? 106 GLN A CG  1 
ATOM   414  C CD  . GLN A 1 61  ? -2.739  -8.750  4.659   1.00 16.30 ? 106 GLN A CD  1 
ATOM   415  O OE1 . GLN A 1 61  ? -1.563  -8.385  4.595   1.00 16.49 ? 106 GLN A OE1 1 
ATOM   416  N NE2 . GLN A 1 61  ? -3.092  -10.030 4.628   1.00 17.97 ? 106 GLN A NE2 1 
ATOM   417  N N   . HIS A 1 62  ? -3.828  -3.270  4.974   1.00 9.51  ? 107 HIS A N   1 
ATOM   418  C CA  . HIS A 1 62  ? -3.334  -1.901  4.868   1.00 8.67  ? 107 HIS A CA  1 
ATOM   419  C C   . HIS A 1 62  ? -1.947  -1.786  5.475   1.00 10.34 ? 107 HIS A C   1 
ATOM   420  O O   . HIS A 1 62  ? -1.669  -2.372  6.524   1.00 11.16 ? 107 HIS A O   1 
ATOM   421  C CB  . HIS A 1 62  ? -4.271  -0.947  5.595   1.00 9.56  ? 107 HIS A CB  1 
ATOM   422  C CG  . HIS A 1 62  ? -5.690  -1.048  5.144   1.00 9.24  ? 107 HIS A CG  1 
ATOM   423  N ND1 . HIS A 1 62  ? -6.147  -0.447  3.993   1.00 10.27 ? 107 HIS A ND1 1 
ATOM   424  C CD2 . HIS A 1 62  ? -6.753  -1.693  5.679   1.00 11.51 ? 107 HIS A CD2 1 
ATOM   425  C CE1 . HIS A 1 62  ? -7.431  -0.713  3.838   1.00 10.62 ? 107 HIS A CE1 1 
ATOM   426  N NE2 . HIS A 1 62  ? -7.823  -1.470  4.848   1.00 12.07 ? 107 HIS A NE2 1 
ATOM   427  N N   . PHE A 1 63  ? -1.084  -1.037  4.800   1.00 8.88  ? 108 PHE A N   1 
ATOM   428  C CA  . PHE A 1 63  ? 0.282   -0.813  5.237   1.00 8.96  ? 108 PHE A CA  1 
ATOM   429  C C   . PHE A 1 63  ? 0.498   0.689   5.269   1.00 9.60  ? 108 PHE A C   1 
ATOM   430  O O   . PHE A 1 63  ? 0.015   1.413   4.398   1.00 10.00 ? 108 PHE A O   1 
ATOM   431  C CB  . PHE A 1 63  ? 1.282   -1.420  4.239   1.00 9.58  ? 108 PHE A CB  1 
ATOM   432  C CG  . PHE A 1 63  ? 1.266   -2.917  4.197   1.00 11.31 ? 108 PHE A CG  1 
ATOM   433  C CD1 . PHE A 1 63  ? 0.249   -3.597  3.529   1.00 13.52 ? 108 PHE A CD1 1 
ATOM   434  C CD2 . PHE A 1 63  ? 2.248   -3.648  4.850   1.00 10.18 ? 108 PHE A CD2 1 
ATOM   435  C CE1 . PHE A 1 63  ? 0.208   -4.987  3.521   1.00 13.21 ? 108 PHE A CE1 1 
ATOM   436  C CE2 . PHE A 1 63  ? 2.218   -5.034  4.849   1.00 12.55 ? 108 PHE A CE2 1 
ATOM   437  C CZ  . PHE A 1 63  ? 1.192   -5.708  4.184   1.00 11.98 ? 108 PHE A CZ  1 
ATOM   438  N N   . LYS A 1 64  ? 1.211   1.163   6.273   1.00 8.13  ? 109 LYS A N   1 
ATOM   439  C CA  . LYS A 1 64  ? 1.500   2.585   6.370   1.00 8.97  ? 109 LYS A CA  1 
ATOM   440  C C   . LYS A 1 64  ? 2.838   2.827   5.683   1.00 9.22  ? 109 LYS A C   1 
ATOM   441  O O   . LYS A 1 64  ? 3.778   2.054   5.871   1.00 11.24 ? 109 LYS A O   1 
ATOM   442  C CB  . LYS A 1 64  ? 1.600   3.001   7.836   1.00 10.33 ? 109 LYS A CB  1 
ATOM   443  C CG  . LYS A 1 64  ? 1.752   4.474   8.050   1.00 16.25 ? 109 LYS A CG  1 
ATOM   444  C CD  . LYS A 1 64  ? 1.709   4.790   9.523   1.00 20.83 ? 109 LYS A CD  1 
ATOM   445  C CE  . LYS A 1 64  ? 1.436   6.252   9.760   1.00 25.89 ? 109 LYS A CE  1 
ATOM   446  N NZ  . LYS A 1 64  ? 0.124   6.663   9.207   1.00 24.88 ? 109 LYS A NZ  1 
ATOM   447  N N   . VAL A 1 65  ? 2.913   3.839   4.826   1.00 8.04  ? 110 VAL A N   1 
ATOM   448  C CA  . VAL A 1 65  ? 4.185   4.160   4.179   1.00 9.41  ? 110 VAL A CA  1 
ATOM   449  C C   . VAL A 1 65  ? 4.967   4.977   5.220   1.00 10.11 ? 110 VAL A C   1 
ATOM   450  O O   . VAL A 1 65  ? 4.564   6.080   5.603   1.00 11.13 ? 110 VAL A O   1 
ATOM   451  C CB  . VAL A 1 65  ? 4.007   4.969   2.875   1.00 8.34  ? 110 VAL A CB  1 
ATOM   452  C CG1 . VAL A 1 65  ? 5.378   5.358   2.322   1.00 8.78  ? 110 VAL A CG1 1 
ATOM   453  C CG2 . VAL A 1 65  ? 3.244   4.144   1.834   1.00 9.42  ? 110 VAL A CG2 1 
ATOM   454  N N   . LEU A 1 66  ? 6.029   4.375   5.736   1.00 8.49  ? 111 LEU A N   1 
ATOM   455  C CA  . LEU A 1 66  ? 6.852   4.989   6.758   1.00 9.20  ? 111 LEU A CA  1 
ATOM   456  C C   . LEU A 1 66  ? 7.908   5.926   6.176   1.00 11.09 ? 111 LEU A C   1 
ATOM   457  O O   . LEU A 1 66  ? 8.295   5.800   5.015   1.00 11.36 ? 111 LEU A O   1 
ATOM   458  C CB  . LEU A 1 66  ? 7.501   3.892   7.605   1.00 10.63 ? 111 LEU A CB  1 
ATOM   459  C CG  . LEU A 1 66  ? 6.536   2.858   8.205   1.00 12.33 ? 111 LEU A CG  1 
ATOM   460  C CD1 . LEU A 1 66  ? 7.298   1.756   8.921   1.00 13.03 ? 111 LEU A CD1 1 
ATOM   461  C CD2 . LEU A 1 66  ? 5.575   3.552   9.159   1.00 14.78 ? 111 LEU A CD2 1 
ATOM   462  N N   . ARG A 1 67  ? 8.353   6.875   6.992   1.00 14.04 ? 112 ARG A N   1 
ATOM   463  C CA  . ARG A 1 67  ? 9.361   7.860   6.601   1.00 16.92 ? 112 ARG A CA  1 
ATOM   464  C C   . ARG A 1 67  ? 10.454  7.873   7.656   1.00 19.19 ? 112 ARG A C   1 
ATOM   465  O O   . ARG A 1 67  ? 10.163  7.717   8.845   1.00 24.60 ? 112 ARG A O   1 
ATOM   466  C CB  . ARG A 1 67  ? 8.744   9.256   6.552   1.00 20.17 ? 112 ARG A CB  1 
ATOM   467  C CG  . ARG A 1 67  ? 7.586   9.383   5.612   1.00 22.15 ? 112 ARG A CG  1 
ATOM   468  C CD  . ARG A 1 67  ? 8.022   9.123   4.184   1.00 23.25 ? 112 ARG A CD  1 
ATOM   469  N NE  . ARG A 1 67  ? 8.977   10.104  3.672   1.00 27.94 ? 112 ARG A NE  1 
ATOM   470  C CZ  . ARG A 1 67  ? 8.684   11.371  3.398   1.00 29.79 ? 112 ARG A CZ  1 
ATOM   471  N NH1 . ARG A 1 67  ? 7.456   11.833  3.594   1.00 31.37 ? 112 ARG A NH1 1 
ATOM   472  N NH2 . ARG A 1 67  ? 9.606   12.159  2.863   1.00 30.99 ? 112 ARG A NH2 1 
ATOM   473  N N   . ASP A 1 68  ? 11.707  8.019   7.238   1.00 19.09 ? 113 ASP A N   1 
ATOM   474  C CA  . ASP A 1 68  ? 12.798  8.064   8.207   1.00 19.94 ? 113 ASP A CA  1 
ATOM   475  C C   . ASP A 1 68  ? 13.380  9.466   8.347   1.00 20.89 ? 113 ASP A C   1 
ATOM   476  O O   . ASP A 1 68  ? 12.946  10.395  7.667   1.00 19.27 ? 113 ASP A O   1 
ATOM   477  C CB  . ASP A 1 68  ? 13.888  7.024   7.887   1.00 19.89 ? 113 ASP A CB  1 
ATOM   478  C CG  . ASP A 1 68  ? 14.641  7.300   6.587   1.00 21.29 ? 113 ASP A CG  1 
ATOM   479  O OD1 . ASP A 1 68  ? 14.444  8.350   5.949   1.00 22.11 ? 113 ASP A OD1 1 
ATOM   480  O OD2 . ASP A 1 68  ? 15.459  6.445   6.200   1.00 25.78 ? 113 ASP A OD2 1 
ATOM   481  N N   . GLY A 1 69  ? 14.401  9.602   9.187   1.00 21.85 ? 114 GLY A N   1 
ATOM   482  C CA  . GLY A 1 69  ? 15.031  10.895  9.398   1.00 21.03 ? 114 GLY A CA  1 
ATOM   483  C C   . GLY A 1 69  ? 15.706  11.490  8.174   1.00 21.39 ? 114 GLY A C   1 
ATOM   484  O O   . GLY A 1 69  ? 16.088  12.656  8.181   1.00 23.58 ? 114 GLY A O   1 
ATOM   485  N N   . ALA A 1 70  ? 15.872  10.686  7.132   1.00 20.97 ? 115 ALA A N   1 
ATOM   486  C CA  . ALA A 1 70  ? 16.499  11.148  5.904   1.00 20.37 ? 115 ALA A CA  1 
ATOM   487  C C   . ALA A 1 70  ? 15.476  11.449  4.806   1.00 20.83 ? 115 ALA A C   1 
ATOM   488  O O   . ALA A 1 70  ? 15.852  11.723  3.669   1.00 22.40 ? 115 ALA A O   1 
ATOM   489  C CB  . ALA A 1 70  ? 17.516  10.123  5.419   1.00 22.42 ? 115 ALA A CB  1 
ATOM   490  N N   . GLY A 1 71  ? 14.189  11.375  5.146   1.00 19.72 ? 116 GLY A N   1 
ATOM   491  C CA  . GLY A 1 71  ? 13.136  11.654  4.178   1.00 17.76 ? 116 GLY A CA  1 
ATOM   492  C C   . GLY A 1 71  ? 12.789  10.513  3.228   1.00 16.76 ? 116 GLY A C   1 
ATOM   493  O O   . GLY A 1 71  ? 12.060  10.697  2.263   1.00 17.23 ? 116 GLY A O   1 
ATOM   494  N N   . LYS A 1 72  ? 13.293  9.319   3.509   1.00 17.46 ? 117 LYS A N   1 
ATOM   495  C CA  . LYS A 1 72  ? 13.040  8.162   2.660   1.00 16.75 ? 117 LYS A CA  1 
ATOM   496  C C   . LYS A 1 72  ? 11.763  7.412   3.021   1.00 13.54 ? 117 LYS A C   1 
ATOM   497  O O   . LYS A 1 72  ? 11.312  7.459   4.162   1.00 16.71 ? 117 LYS A O   1 
ATOM   498  C CB  . LYS A 1 72  ? 14.254  7.234   2.685   1.00 18.15 ? 117 LYS A CB  1 
ATOM   499  C CG  . LYS A 1 72  ? 15.444  7.862   1.983   1.00 19.79 ? 117 LYS A CG  1 
ATOM   500  C CD  . LYS A 1 72  ? 16.642  6.953   1.941   1.00 24.99 ? 117 LYS A CD  1 
ATOM   501  C CE  . LYS A 1 72  ? 17.673  7.474   0.947   1.00 29.05 ? 117 LYS A CE  1 
ATOM   502  N NZ  . LYS A 1 72  ? 17.879  8.939   1.085   1.00 36.80 ? 117 LYS A NZ  1 
ATOM   503  N N   . TYR A 1 73  ? 11.169  6.768   2.023   1.00 12.41 ? 118 TYR A N   1 
ATOM   504  C CA  . TYR A 1 73  ? 9.942   5.990   2.187   1.00 10.95 ? 118 TYR A CA  1 
ATOM   505  C C   . TYR A 1 73  ? 10.303  4.524   2.337   1.00 11.08 ? 118 TYR A C   1 
ATOM   506  O O   . TYR A 1 73  ? 11.237  4.043   1.687   1.00 12.90 ? 118 TYR A O   1 
ATOM   507  C CB  . TYR A 1 73  ? 9.049   6.104   0.952   1.00 10.67 ? 118 TYR A CB  1 
ATOM   508  C CG  . TYR A 1 73  ? 8.626   7.498   0.588   1.00 13.66 ? 118 TYR A CG  1 
ATOM   509  C CD1 . TYR A 1 73  ? 7.457   8.047   1.107   1.00 13.37 ? 118 TYR A CD1 1 
ATOM   510  C CD2 . TYR A 1 73  ? 9.373   8.260   -0.307  1.00 12.89 ? 118 TYR A CD2 1 
ATOM   511  C CE1 . TYR A 1 73  ? 7.031   9.320   0.734   1.00 16.18 ? 118 TYR A CE1 1 
ATOM   512  C CE2 . TYR A 1 73  ? 8.959   9.537   -0.686  1.00 15.86 ? 118 TYR A CE2 1 
ATOM   513  C CZ  . TYR A 1 73  ? 7.789   10.059  -0.162  1.00 16.92 ? 118 TYR A CZ  1 
ATOM   514  O OH  . TYR A 1 73  ? 7.349   11.295  -0.560  1.00 18.96 ? 118 TYR A OH  1 
ATOM   515  N N   . PHE A 1 74  ? 9.544   3.801   3.157   1.00 12.32 ? 119 PHE A N   1 
ATOM   516  C CA  . PHE A 1 74  ? 9.793   2.379   3.348   1.00 10.84 ? 119 PHE A CA  1 
ATOM   517  C C   . PHE A 1 74  ? 8.616   1.691   4.011   1.00 11.89 ? 119 PHE A C   1 
ATOM   518  O O   . PHE A 1 74  ? 7.720   2.339   4.540   1.00 11.11 ? 119 PHE A O   1 
ATOM   519  C CB  . PHE A 1 74  ? 11.091  2.139   4.148   1.00 10.80 ? 119 PHE A CB  1 
ATOM   520  C CG  . PHE A 1 74  ? 11.045  2.604   5.581   1.00 12.43 ? 119 PHE A CG  1 
ATOM   521  C CD1 . PHE A 1 74  ? 11.198  3.949   5.904   1.00 12.38 ? 119 PHE A CD1 1 
ATOM   522  C CD2 . PHE A 1 74  ? 10.901  1.684   6.615   1.00 11.55 ? 119 PHE A CD2 1 
ATOM   523  C CE1 . PHE A 1 74  ? 11.214  4.369   7.228   1.00 11.60 ? 119 PHE A CE1 1 
ATOM   524  C CE2 . PHE A 1 74  ? 10.916  2.097   7.949   1.00 12.45 ? 119 PHE A CE2 1 
ATOM   525  C CZ  . PHE A 1 74  ? 11.075  3.446   8.253   1.00 11.29 ? 119 PHE A CZ  1 
ATOM   526  N N   . LEU A 1 75  ? 8.586   0.370   3.904   1.00 10.90 ? 120 LEU A N   1 
ATOM   527  C CA  . LEU A 1 75  ? 7.535   -0.421  4.532   1.00 12.31 ? 120 LEU A CA  1 
ATOM   528  C C   . LEU A 1 75  ? 8.123   -1.157  5.726   1.00 13.48 ? 120 LEU A C   1 
ATOM   529  O O   . LEU A 1 75  ? 7.515   -1.203  6.791   1.00 14.96 ? 120 LEU A O   1 
ATOM   530  C CB  . LEU A 1 75  ? 6.922   -1.419  3.546   1.00 10.83 ? 120 LEU A CB  1 
ATOM   531  C CG  . LEU A 1 75  ? 6.118   -0.829  2.383   1.00 14.47 ? 120 LEU A CG  1 
ATOM   532  C CD1 . LEU A 1 75  ? 5.605   -1.951  1.484   1.00 14.12 ? 120 LEU A CD1 1 
ATOM   533  C CD2 . LEU A 1 75  ? 4.953   -0.004  2.919   1.00 15.56 ? 120 LEU A CD2 1 
ATOM   534  N N   . TRP A 1 76  ? 9.327   -1.698  5.553   1.00 14.17 ? 121 TRP A N   1 
ATOM   535  C CA  . TRP A 1 76  ? 9.987   -2.433  6.622   1.00 15.08 ? 121 TRP A CA  1 
ATOM   536  C C   . TRP A 1 76  ? 11.434  -2.017  6.833   1.00 16.64 ? 121 TRP A C   1 
ATOM   537  O O   . TRP A 1 76  ? 11.753  -1.359  7.821   1.00 18.00 ? 121 TRP A O   1 
ATOM   538  C CB  . TRP A 1 76  ? 9.931   -3.941  6.358   1.00 16.01 ? 121 TRP A CB  1 
ATOM   539  C CG  . TRP A 1 76  ? 8.544   -4.492  6.247   1.00 15.19 ? 121 TRP A CG  1 
ATOM   540  C CD1 . TRP A 1 76  ? 7.857   -4.753  5.097   1.00 15.24 ? 121 TRP A CD1 1 
ATOM   541  C CD2 . TRP A 1 76  ? 7.673   -4.849  7.328   1.00 15.43 ? 121 TRP A CD2 1 
ATOM   542  N NE1 . TRP A 1 76  ? 6.613   -5.248  5.393   1.00 14.00 ? 121 TRP A NE1 1 
ATOM   543  C CE2 . TRP A 1 76  ? 6.472   -5.321  6.747   1.00 14.88 ? 121 TRP A CE2 1 
ATOM   544  C CE3 . TRP A 1 76  ? 7.791   -4.821  8.723   1.00 16.82 ? 121 TRP A CE3 1 
ATOM   545  C CZ2 . TRP A 1 76  ? 5.394   -5.767  7.525   1.00 15.63 ? 121 TRP A CZ2 1 
ATOM   546  C CZ3 . TRP A 1 76  ? 6.713   -5.264  9.494   1.00 17.76 ? 121 TRP A CZ3 1 
ATOM   547  C CH2 . TRP A 1 76  ? 5.533   -5.731  8.889   1.00 16.16 ? 121 TRP A CH2 1 
ATOM   548  N N   . VAL A 1 77  ? 12.302  -2.386  5.893   1.00 17.87 ? 122 VAL A N   1 
ATOM   549  C CA  . VAL A 1 77  ? 13.733  -2.088  6.007   1.00 20.18 ? 122 VAL A CA  1 
ATOM   550  C C   . VAL A 1 77  ? 14.341  -1.326  4.827   1.00 18.71 ? 122 VAL A C   1 
ATOM   551  O O   . VAL A 1 77  ? 15.084  -0.375  5.020   1.00 19.89 ? 122 VAL A O   1 
ATOM   552  C CB  . VAL A 1 77  ? 14.536  -3.394  6.213   1.00 21.53 ? 122 VAL A CB  1 
ATOM   553  C CG1 . VAL A 1 77  ? 16.017  -3.092  6.371   1.00 25.98 ? 122 VAL A CG1 1 
ATOM   554  C CG2 . VAL A 1 77  ? 14.014  -4.146  7.425   1.00 25.37 ? 122 VAL A CG2 1 
ATOM   555  N N   . VAL A 1 78  ? 14.079  -1.781  3.608   1.00 18.66 ? 123 VAL A N   1 
ATOM   556  C CA  . VAL A 1 78  ? 14.607  -1.144  2.405   1.00 17.75 ? 123 VAL A CA  1 
ATOM   557  C C   . VAL A 1 78  ? 13.964  0.232   2.213   1.00 17.48 ? 123 VAL A C   1 
ATOM   558  O O   . VAL A 1 78  ? 12.735  0.355   2.228   1.00 15.95 ? 123 VAL A O   1 
ATOM   559  C CB  . VAL A 1 78  ? 14.367  -2.031  1.170   1.00 17.69 ? 123 VAL A CB  1 
ATOM   560  C CG1 . VAL A 1 78  ? 15.098  -1.466  -0.033  1.00 19.68 ? 123 VAL A CG1 1 
ATOM   561  C CG2 . VAL A 1 78  ? 14.848  -3.438  1.452   1.00 18.79 ? 123 VAL A CG2 1 
ATOM   562  N N   . LYS A 1 79  ? 14.806  1.249   2.026   1.00 16.19 ? 124 LYS A N   1 
ATOM   563  C CA  . LYS A 1 79  ? 14.373  2.640   1.879   1.00 16.53 ? 124 LYS A CA  1 
ATOM   564  C C   . LYS A 1 79  ? 14.383  3.103   0.429   1.00 15.31 ? 124 LYS A C   1 
ATOM   565  O O   . LYS A 1 79  ? 15.251  2.700   -0.350  1.00 16.30 ? 124 LYS A O   1 
ATOM   566  C CB  . LYS A 1 79  ? 15.302  3.559   2.683   1.00 17.35 ? 124 LYS A CB  1 
ATOM   567  C CG  . LYS A 1 79  ? 15.620  3.082   4.097   1.00 21.50 ? 124 LYS A CG  1 
ATOM   568  C CD  . LYS A 1 79  ? 14.464  3.303   5.049   1.00 24.36 ? 124 LYS A CD  1 
ATOM   569  C CE  . LYS A 1 79  ? 14.843  2.960   6.486   1.00 24.74 ? 124 LYS A CE  1 
ATOM   570  N NZ  . LYS A 1 79  ? 16.066  3.685   6.910   1.00 32.01 ? 124 LYS A NZ  1 
ATOM   571  N N   . PHE A 1 80  ? 13.451  3.986   0.081   1.00 14.43 ? 125 PHE A N   1 
ATOM   572  C CA  . PHE A 1 80  ? 13.349  4.499   -1.280  1.00 14.33 ? 125 PHE A CA  1 
ATOM   573  C C   . PHE A 1 80  ? 13.233  6.006   -1.276  1.00 15.81 ? 125 PHE A C   1 
ATOM   574  O O   . PHE A 1 80  ? 12.790  6.595   -0.295  1.00 16.94 ? 125 PHE A O   1 
ATOM   575  C CB  . PHE A 1 80  ? 12.125  3.903   -1.968  1.00 16.73 ? 125 PHE A CB  1 
ATOM   576  C CG  . PHE A 1 80  ? 12.107  2.407   -1.962  1.00 17.83 ? 125 PHE A CG  1 
ATOM   577  C CD1 . PHE A 1 80  ? 12.858  1.695   -2.885  1.00 18.91 ? 125 PHE A CD1 1 
ATOM   578  C CD2 . PHE A 1 80  ? 11.391  1.713   -0.992  1.00 19.14 ? 125 PHE A CD2 1 
ATOM   579  C CE1 . PHE A 1 80  ? 12.903  0.305   -2.845  1.00 19.05 ? 125 PHE A CE1 1 
ATOM   580  C CE2 . PHE A 1 80  ? 11.427  0.332   -0.940  1.00 22.63 ? 125 PHE A CE2 1 
ATOM   581  C CZ  . PHE A 1 80  ? 12.187  -0.376  -1.869  1.00 19.42 ? 125 PHE A CZ  1 
ATOM   582  N N   . ASN A 1 81  ? 13.615  6.627   -2.381  1.00 14.39 ? 126 ASN A N   1 
ATOM   583  C CA  . ASN A 1 81  ? 13.539  8.076   -2.491  1.00 15.59 ? 126 ASN A CA  1 
ATOM   584  C C   . ASN A 1 81  ? 12.172  8.565   -2.921  1.00 15.66 ? 126 ASN A C   1 
ATOM   585  O O   . ASN A 1 81  ? 11.841  9.735   -2.739  1.00 18.76 ? 126 ASN A O   1 
ATOM   586  C CB  . ASN A 1 81  ? 14.599  8.597   -3.454  1.00 19.91 ? 126 ASN A CB  1 
ATOM   587  C CG  . ASN A 1 81  ? 15.996  8.552   -2.863  1.00 22.51 ? 126 ASN A CG  1 
ATOM   588  O OD1 . ASN A 1 81  ? 16.190  8.775   -1.667  1.00 26.04 ? 126 ASN A OD1 1 
ATOM   589  N ND2 . ASN A 1 81  ? 16.975  8.249   -3.696  1.00 27.61 ? 126 ASN A ND2 1 
ATOM   590  N N   . SER A 1 82  ? 11.356  7.667   -3.455  1.00 13.57 ? 127 SER A N   1 
ATOM   591  C CA  . SER A 1 82  ? 10.030  8.048   -3.908  1.00 12.95 ? 127 SER A CA  1 
ATOM   592  C C   . SER A 1 82  ? 9.022   6.916   -3.752  1.00 11.63 ? 127 SER A C   1 
ATOM   593  O O   . SER A 1 82  ? 9.398   5.757   -3.559  1.00 11.89 ? 127 SER A O   1 
ATOM   594  C CB  . SER A 1 82  ? 10.089  8.452   -5.381  1.00 12.79 ? 127 SER A CB  1 
ATOM   595  O OG  . SER A 1 82  ? 10.322  7.317   -6.200  1.00 12.88 ? 127 SER A OG  1 
ATOM   596  N N   . LEU A 1 83  ? 7.740   7.272   -3.818  1.00 10.32 ? 128 LEU A N   1 
ATOM   597  C CA  . LEU A 1 83  ? 6.652   6.306   -3.731  1.00 11.16 ? 128 LEU A CA  1 
ATOM   598  C C   . LEU A 1 83  ? 6.717   5.406   -4.960  1.00 12.19 ? 128 LEU A C   1 
ATOM   599  O O   . LEU A 1 83  ? 6.532   4.202   -4.868  1.00 12.32 ? 128 LEU A O   1 
ATOM   600  C CB  . LEU A 1 83  ? 5.292   7.018   -3.708  1.00 12.10 ? 128 LEU A CB  1 
ATOM   601  C CG  . LEU A 1 83  ? 4.883   7.860   -2.491  1.00 12.45 ? 128 LEU A CG  1 
ATOM   602  C CD1 . LEU A 1 83  ? 3.611   8.650   -2.809  1.00 13.83 ? 128 LEU A CD1 1 
ATOM   603  C CD2 . LEU A 1 83  ? 4.682   6.967   -1.267  1.00 13.43 ? 128 LEU A CD2 1 
ATOM   604  N N   . ASN A 1 84  ? 6.997   6.008   -6.112  1.00 10.67 ? 129 ASN A N   1 
ATOM   605  C CA  . ASN A 1 84  ? 7.091   5.281   -7.382  1.00 10.15 ? 129 ASN A CA  1 
ATOM   606  C C   . ASN A 1 84  ? 8.110   4.142   -7.295  1.00 10.12 ? 129 ASN A C   1 
ATOM   607  O O   . ASN A 1 84  ? 7.857   3.034   -7.773  1.00 10.48 ? 129 ASN A O   1 
ATOM   608  C CB  . ASN A 1 84  ? 7.494   6.244   -8.500  1.00 10.66 ? 129 ASN A CB  1 
ATOM   609  C CG  . ASN A 1 84  ? 7.106   5.752   -9.887  1.00 12.44 ? 129 ASN A CG  1 
ATOM   610  O OD1 . ASN A 1 84  ? 6.941   6.562   -10.800 1.00 13.13 ? 129 ASN A OD1 1 
ATOM   611  N ND2 . ASN A 1 84  ? 6.938   4.444   -10.055 1.00 12.71 ? 129 ASN A ND2 1 
ATOM   612  N N   . GLU A 1 85  ? 9.262   4.421   -6.692  1.00 10.61 ? 130 GLU A N   1 
ATOM   613  C CA  . GLU A 1 85  ? 10.313  3.420   -6.546  1.00 12.56 ? 130 GLU A CA  1 
ATOM   614  C C   . GLU A 1 85  ? 9.933   2.351   -5.535  1.00 14.38 ? 130 GLU A C   1 
ATOM   615  O O   . GLU A 1 85  ? 10.233  1.166   -5.727  1.00 13.88 ? 130 GLU A O   1 
ATOM   616  C CB  . GLU A 1 85  ? 11.633  4.079   -6.160  1.00 14.55 ? 130 GLU A CB  1 
ATOM   617  C CG  . GLU A 1 85  ? 12.227  4.909   -7.295  1.00 20.12 ? 130 GLU A CG  1 
ATOM   618  C CD  . GLU A 1 85  ? 13.378  5.793   -6.852  1.00 22.14 ? 130 GLU A CD  1 
ATOM   619  O OE1 . GLU A 1 85  ? 13.118  6.885   -6.307  1.00 17.75 ? 130 GLU A OE1 1 
ATOM   620  O OE2 . GLU A 1 85  ? 14.540  5.399   -7.068  1.00 25.10 ? 130 GLU A OE2 1 
ATOM   621  N N   . LEU A 1 86  ? 9.257   2.767   -4.468  1.00 12.36 ? 131 LEU A N   1 
ATOM   622  C CA  . LEU A 1 86  ? 8.814   1.830   -3.447  1.00 11.81 ? 131 LEU A CA  1 
ATOM   623  C C   . LEU A 1 86  ? 7.817   0.838   -4.070  1.00 12.79 ? 131 LEU A C   1 
ATOM   624  O O   . LEU A 1 86  ? 7.898   -0.378  -3.832  1.00 12.73 ? 131 LEU A O   1 
ATOM   625  C CB  . LEU A 1 86  ? 8.184   2.596   -2.272  1.00 12.48 ? 131 LEU A CB  1 
ATOM   626  C CG  . LEU A 1 86  ? 7.628   1.788   -1.094  1.00 13.38 ? 131 LEU A CG  1 
ATOM   627  C CD1 . LEU A 1 86  ? 7.623   2.619   0.167   1.00 14.36 ? 131 LEU A CD1 1 
ATOM   628  C CD2 . LEU A 1 86  ? 6.223   1.317   -1.406  1.00 16.35 ? 131 LEU A CD2 1 
ATOM   629  N N   . VAL A 1 87  ? 6.880   1.357   -4.857  1.00 11.43 ? 132 VAL A N   1 
ATOM   630  C CA  . VAL A 1 87  ? 5.876   0.532   -5.521  1.00 12.64 ? 132 VAL A CA  1 
ATOM   631  C C   . VAL A 1 87  ? 6.505   -0.475  -6.488  1.00 13.94 ? 132 VAL A C   1 
ATOM   632  O O   . VAL A 1 87  ? 6.231   -1.679  -6.417  1.00 14.60 ? 132 VAL A O   1 
ATOM   633  C CB  . VAL A 1 87  ? 4.849   1.415   -6.293  1.00 12.59 ? 132 VAL A CB  1 
ATOM   634  C CG1 . VAL A 1 87  ? 4.050   0.592   -7.295  1.00 12.52 ? 132 VAL A CG1 1 
ATOM   635  C CG2 . VAL A 1 87  ? 3.906   2.079   -5.313  1.00 12.56 ? 132 VAL A CG2 1 
ATOM   636  N N   . ASP A 1 88  ? 7.359   0.013   -7.377  1.00 11.95 ? 133 ASP A N   1 
ATOM   637  C CA  . ASP A 1 88  ? 7.989   -0.852  -8.360  1.00 12.48 ? 133 ASP A CA  1 
ATOM   638  C C   . ASP A 1 88  ? 8.835   -1.957  -7.749  1.00 12.35 ? 133 ASP A C   1 
ATOM   639  O O   . ASP A 1 88  ? 8.786   -3.099  -8.200  1.00 14.13 ? 133 ASP A O   1 
ATOM   640  C CB  . ASP A 1 88  ? 8.783   -0.023  -9.365  1.00 14.85 ? 133 ASP A CB  1 
ATOM   641  C CG  . ASP A 1 88  ? 7.877   0.761   -10.324 1.00 17.31 ? 133 ASP A CG  1 
ATOM   642  O OD1 . ASP A 1 88  ? 6.665   0.453   -10.441 1.00 18.42 ? 133 ASP A OD1 1 
ATOM   643  O OD2 . ASP A 1 88  ? 8.386   1.683   -10.985 1.00 18.65 ? 133 ASP A OD2 1 
ATOM   644  N N   . TYR A 1 89  ? 9.559   -1.633  -6.683  1.00 12.36 ? 134 TYR A N   1 
ATOM   645  C CA  . TYR A 1 89  ? 10.386  -2.616  -5.992  1.00 12.36 ? 134 TYR A CA  1 
ATOM   646  C C   . TYR A 1 89  ? 9.522   -3.758  -5.445  1.00 14.43 ? 134 TYR A C   1 
ATOM   647  O O   . TYR A 1 89  ? 9.889   -4.941  -5.532  1.00 12.57 ? 134 TYR A O   1 
ATOM   648  C CB  . TYR A 1 89  ? 11.143  -1.947  -4.839  1.00 14.07 ? 134 TYR A CB  1 
ATOM   649  C CG  . TYR A 1 89  ? 12.026  -2.871  -4.011  1.00 16.72 ? 134 TYR A CG  1 
ATOM   650  C CD1 . TYR A 1 89  ? 11.530  -3.528  -2.879  1.00 15.43 ? 134 TYR A CD1 1 
ATOM   651  C CD2 . TYR A 1 89  ? 13.368  -3.043  -4.328  1.00 17.58 ? 134 TYR A CD2 1 
ATOM   652  C CE1 . TYR A 1 89  ? 12.360  -4.331  -2.085  1.00 16.48 ? 134 TYR A CE1 1 
ATOM   653  C CE2 . TYR A 1 89  ? 14.203  -3.846  -3.539  1.00 17.90 ? 134 TYR A CE2 1 
ATOM   654  C CZ  . TYR A 1 89  ? 13.693  -4.480  -2.423  1.00 17.04 ? 134 TYR A CZ  1 
ATOM   655  O OH  . TYR A 1 89  ? 14.535  -5.244  -1.652  1.00 23.26 ? 134 TYR A OH  1 
ATOM   656  N N   . HIS A 1 90  ? 8.360   -3.405  -4.902  1.00 12.19 ? 135 HIS A N   1 
ATOM   657  C CA  . HIS A 1 90  ? 7.465   -4.393  -4.318  1.00 12.60 ? 135 HIS A CA  1 
ATOM   658  C C   . HIS A 1 90  ? 6.604   -5.192  -5.287  1.00 12.91 ? 135 HIS A C   1 
ATOM   659  O O   . HIS A 1 90  ? 5.688   -5.905  -4.895  1.00 13.24 ? 135 HIS A O   1 
ATOM   660  C CB  . HIS A 1 90  ? 6.662   -3.780  -3.172  1.00 9.41  ? 135 HIS A CB  1 
ATOM   661  C CG  . HIS A 1 90  ? 7.497   -3.518  -1.961  1.00 11.02 ? 135 HIS A CG  1 
ATOM   662  N ND1 . HIS A 1 90  ? 7.984   -2.268  -1.647  1.00 12.94 ? 135 HIS A ND1 1 
ATOM   663  C CD2 . HIS A 1 90  ? 7.986   -4.360  -1.022  1.00 8.64  ? 135 HIS A CD2 1 
ATOM   664  C CE1 . HIS A 1 90  ? 8.739   -2.352  -0.566  1.00 12.39 ? 135 HIS A CE1 1 
ATOM   665  N NE2 . HIS A 1 90  ? 8.757   -3.612  -0.170  1.00 12.66 ? 135 HIS A NE2 1 
ATOM   666  N N   . ARG A 1 91  ? 6.918   -5.077  -6.568  1.00 13.36 ? 136 ARG A N   1 
ATOM   667  C CA  . ARG A 1 91  ? 6.219   -5.855  -7.566  1.00 11.97 ? 136 ARG A CA  1 
ATOM   668  C C   . ARG A 1 91  ? 6.925   -7.202  -7.589  1.00 13.02 ? 136 ARG A C   1 
ATOM   669  O O   . ARG A 1 91  ? 6.366   -8.176  -8.074  1.00 14.99 ? 136 ARG A O   1 
ATOM   670  C CB  . ARG A 1 91  ? 6.313   -5.193  -8.939  1.00 15.45 ? 136 ARG A CB  1 
ATOM   671  C CG  . ARG A 1 91  ? 5.508   -3.913  -9.055  1.00 16.14 ? 136 ARG A CG  1 
ATOM   672  C CD  . ARG A 1 91  ? 5.584   -3.336  -10.454 1.00 17.20 ? 136 ARG A CD  1 
ATOM   673  N NE  . ARG A 1 91  ? 4.837   -2.086  -10.578 1.00 19.33 ? 136 ARG A NE  1 
ATOM   674  C CZ  . ARG A 1 91  ? 3.513   -2.003  -10.641 1.00 18.73 ? 136 ARG A CZ  1 
ATOM   675  N NH1 . ARG A 1 91  ? 2.770   -3.104  -10.596 1.00 21.95 ? 136 ARG A NH1 1 
ATOM   676  N NH2 . ARG A 1 91  ? 2.926   -0.816  -10.742 1.00 18.97 ? 136 ARG A NH2 1 
ATOM   677  N N   . SER A 1 92  ? 8.143   -7.256  -7.045  1.00 12.54 ? 137 SER A N   1 
ATOM   678  C CA  . SER A 1 92  ? 8.917   -8.494  -7.008  1.00 12.73 ? 137 SER A CA  1 
ATOM   679  C C   . SER A 1 92  ? 9.509   -8.822  -5.637  1.00 15.24 ? 137 SER A C   1 
ATOM   680  O O   . SER A 1 92  ? 10.322  -9.740  -5.510  1.00 16.58 ? 137 SER A O   1 
ATOM   681  C CB  . SER A 1 92  ? 10.010  -8.475  -8.076  1.00 13.08 ? 137 SER A CB  1 
ATOM   682  O OG  . SER A 1 92  ? 10.875  -7.372  -7.904  1.00 15.11 ? 137 SER A OG  1 
ATOM   683  N N   . THR A 1 93  ? 9.139   -8.039  -4.628  1.00 13.87 ? 138 THR A N   1 
ATOM   684  C CA  . THR A 1 93  ? 9.572   -8.264  -3.249  1.00 13.79 ? 138 THR A CA  1 
ATOM   685  C C   . THR A 1 93  ? 8.302   -8.093  -2.423  1.00 13.97 ? 138 THR A C   1 
ATOM   686  O O   . THR A 1 93  ? 7.602   -7.088  -2.553  1.00 14.62 ? 138 THR A O   1 
ATOM   687  C CB  . THR A 1 93  ? 10.667  -7.261  -2.784  1.00 15.43 ? 138 THR A CB  1 
ATOM   688  O OG1 . THR A 1 93  ? 11.867  -7.484  -3.532  1.00 17.81 ? 138 THR A OG1 1 
ATOM   689  C CG2 . THR A 1 93  ? 10.985  -7.446  -1.300  1.00 15.03 ? 138 THR A CG2 1 
ATOM   690  N N   . SER A 1 94  ? 7.990   -9.086  -1.600  1.00 13.70 ? 139 SER A N   1 
ATOM   691  C CA  . SER A 1 94  ? 6.776   -9.059  -0.789  1.00 12.84 ? 139 SER A CA  1 
ATOM   692  C C   . SER A 1 94  ? 6.647   -7.845  0.131   1.00 12.03 ? 139 SER A C   1 
ATOM   693  O O   . SER A 1 94  ? 7.638   -7.357  0.688   1.00 13.96 ? 139 SER A O   1 
ATOM   694  C CB  . SER A 1 94  ? 6.670   -10.341 0.040   1.00 12.19 ? 139 SER A CB  1 
ATOM   695  O OG  . SER A 1 94  ? 5.443   -10.381 0.751   1.00 12.17 ? 139 SER A OG  1 
ATOM   696  N N   . VAL A 1 95  ? 5.423   -7.334  0.249   1.00 12.44 ? 140 VAL A N   1 
ATOM   697  C CA  . VAL A 1 95  ? 5.147   -6.206  1.130   1.00 12.66 ? 140 VAL A CA  1 
ATOM   698  C C   . VAL A 1 95  ? 4.870   -6.735  2.537   1.00 12.93 ? 140 VAL A C   1 
ATOM   699  O O   . VAL A 1 95  ? 4.747   -5.962  3.482   1.00 13.11 ? 140 VAL A O   1 
ATOM   700  C CB  . VAL A 1 95  ? 3.912   -5.390  0.665   1.00 13.98 ? 140 VAL A CB  1 
ATOM   701  C CG1 . VAL A 1 95  ? 4.173   -4.763  -0.698  1.00 14.67 ? 140 VAL A CG1 1 
ATOM   702  C CG2 . VAL A 1 95  ? 2.659   -6.275  0.631   1.00 11.47 ? 140 VAL A CG2 1 
ATOM   703  N N   . SER A 1 96  ? 4.769   -8.053  2.670   1.00 13.48 ? 141 SER A N   1 
ATOM   704  C CA  . SER A 1 96  ? 4.481   -8.694  3.948   1.00 13.97 ? 141 SER A CA  1 
ATOM   705  C C   . SER A 1 96  ? 5.619   -9.613  4.382   1.00 15.61 ? 141 SER A C   1 
ATOM   706  O O   . SER A 1 96  ? 6.330   -10.169 3.546   1.00 16.51 ? 141 SER A O   1 
ATOM   707  C CB  . SER A 1 96  ? 3.173   -9.491  3.839   1.00 13.86 ? 141 SER A CB  1 
ATOM   708  O OG  . SER A 1 96  ? 2.947   -10.288 4.990   1.00 16.99 ? 141 SER A OG  1 
ATOM   709  N N   . ARG A 1 97  ? 5.769   -9.788  5.692   1.00 16.38 ? 142 ARG A N   1 
ATOM   710  C CA  . ARG A 1 97  ? 6.811   -10.652 6.239   1.00 17.52 ? 142 ARG A CA  1 
ATOM   711  C C   . ARG A 1 97  ? 6.314   -12.079 6.433   1.00 16.88 ? 142 ARG A C   1 
ATOM   712  O O   . ARG A 1 97  ? 7.099   -13.024 6.401   1.00 18.25 ? 142 ARG A O   1 
ATOM   713  C CB  . ARG A 1 97  ? 7.306   -10.123 7.584   1.00 19.13 ? 142 ARG A CB  1 
ATOM   714  C CG  . ARG A 1 97  ? 8.134   -8.861  7.505   1.00 25.95 ? 142 ARG A CG  1 
ATOM   715  C CD  . ARG A 1 97  ? 8.702   -8.542  8.869   1.00 33.30 ? 142 ARG A CD  1 
ATOM   716  N NE  . ARG A 1 97  ? 7.641   -8.397  9.864   1.00 43.32 ? 142 ARG A NE  1 
ATOM   717  C CZ  . ARG A 1 97  ? 7.843   -8.089  11.144  1.00 46.96 ? 142 ARG A CZ  1 
ATOM   718  N NH1 . ARG A 1 97  ? 9.076   -7.892  11.597  1.00 48.17 ? 142 ARG A NH1 1 
ATOM   719  N NH2 . ARG A 1 97  ? 6.807   -7.957  11.968  1.00 47.95 ? 142 ARG A NH2 1 
ATOM   720  N N   . ASN A 1 98  ? 5.013   -12.234 6.640   1.00 18.39 ? 143 ASN A N   1 
ATOM   721  C CA  . ASN A 1 98  ? 4.444   -13.562 6.856   1.00 19.04 ? 143 ASN A CA  1 
ATOM   722  C C   . ASN A 1 98  ? 3.761   -14.159 5.637   1.00 19.76 ? 143 ASN A C   1 
ATOM   723  O O   . ASN A 1 98  ? 3.549   -15.369 5.575   1.00 21.59 ? 143 ASN A O   1 
ATOM   724  C CB  . ASN A 1 98  ? 3.500   -13.575 8.075   1.00 19.33 ? 143 ASN A CB  1 
ATOM   725  C CG  . ASN A 1 98  ? 2.343   -12.596 7.951   1.00 22.48 ? 143 ASN A CG  1 
ATOM   726  O OD1 . ASN A 1 98  ? 1.690   -12.515 6.915   1.00 28.10 ? 143 ASN A OD1 1 
ATOM   727  N ND2 . ASN A 1 98  ? 2.063   -11.873 9.023   1.00 24.48 ? 143 ASN A ND2 1 
ATOM   728  N N   . GLN A 1 99  ? 3.443   -13.320 4.657   1.00 17.22 ? 144 GLN A N   1 
ATOM   729  C CA  . GLN A 1 99  ? 2.795   -13.775 3.427   1.00 15.55 ? 144 GLN A CA  1 
ATOM   730  C C   . GLN A 1 99  ? 3.598   -13.261 2.231   1.00 16.11 ? 144 GLN A C   1 
ATOM   731  O O   . GLN A 1 99  ? 4.352   -12.295 2.329   1.00 15.67 ? 144 GLN A O   1 
ATOM   732  C CB  . GLN A 1 99  ? 1.341   -13.296 3.346   1.00 15.22 ? 144 GLN A CB  1 
ATOM   733  C CG  . GLN A 1 99  ? 0.390   -14.004 4.333   1.00 14.38 ? 144 GLN A CG  1 
ATOM   734  C CD  . GLN A 1 99  ? -0.969  -13.324 4.455   1.00 17.10 ? 144 GLN A CD  1 
ATOM   735  O OE1 . GLN A 1 99  ? -1.065  -12.103 4.521   1.00 20.32 ? 144 GLN A OE1 1 
ATOM   736  N NE2 . GLN A 1 99  ? -2.024  -14.118 4.496   1.00 18.73 ? 144 GLN A NE2 1 
ATOM   737  N N   . GLN A 1 100 ? 3.432   -13.940 1.104   1.00 15.75 ? 145 GLN A N   1 
ATOM   738  C CA  . GLN A 1 100 ? 4.154   -13.600 -0.097  1.00 15.30 ? 145 GLN A CA  1 
ATOM   739  C C   . GLN A 1 100 ? 3.163   -12.822 -0.957  1.00 15.11 ? 145 GLN A C   1 
ATOM   740  O O   . GLN A 1 100 ? 2.360   -13.406 -1.729  1.00 16.95 ? 145 GLN A O   1 
ATOM   741  C CB  . GLN A 1 100 ? 4.570   -14.873 -0.800  1.00 18.47 ? 145 GLN A CB  1 
ATOM   742  C CG  . GLN A 1 100 ? 5.582   -14.736 -1.881  1.00 23.37 ? 145 GLN A CG  1 
ATOM   743  C CD  . GLN A 1 100 ? 5.916   -16.078 -2.482  1.00 23.95 ? 145 GLN A CD  1 
ATOM   744  O OE1 . GLN A 1 100 ? 5.358   -16.456 -3.508  1.00 26.42 ? 145 GLN A OE1 1 
ATOM   745  N NE2 . GLN A 1 100 ? 6.780   -16.827 -1.817  1.00 22.20 ? 145 GLN A NE2 1 
ATOM   746  N N   . ILE A 1 101 ? 3.169   -11.505 -0.785  1.00 14.31 ? 146 ILE A N   1 
ATOM   747  C CA  . ILE A 1 101 ? 2.281   -10.583 -1.501  1.00 11.93 ? 146 ILE A CA  1 
ATOM   748  C C   . ILE A 1 101 ? 3.051   -9.609  -2.411  1.00 11.48 ? 146 ILE A C   1 
ATOM   749  O O   . ILE A 1 101 ? 3.755   -8.686  -1.932  1.00 11.98 ? 146 ILE A O   1 
ATOM   750  C CB  . ILE A 1 101 ? 1.449   -9.727  -0.510  1.00 11.58 ? 146 ILE A CB  1 
ATOM   751  C CG1 . ILE A 1 101 ? 0.740   -10.633 0.527   1.00 9.46  ? 146 ILE A CG1 1 
ATOM   752  C CG2 . ILE A 1 101 ? 0.356   -8.933  -1.238  1.00 11.02 ? 146 ILE A CG2 1 
ATOM   753  C CD1 . ILE A 1 101 ? 0.020   -9.922  1.673   1.00 10.82 ? 146 ILE A CD1 1 
ATOM   754  N N   . PHE A 1 102 ? 2.940   -9.849  -3.722  1.00 11.83 ? 147 PHE A N   1 
ATOM   755  C CA  . PHE A 1 102 ? 3.603   -9.025  -4.710  1.00 12.45 ? 147 PHE A CA  1 
ATOM   756  C C   . PHE A 1 102 ? 2.581   -8.085  -5.337  1.00 14.87 ? 147 PHE A C   1 
ATOM   757  O O   . PHE A 1 102 ? 1.475   -8.504  -5.697  1.00 16.60 ? 147 PHE A O   1 
ATOM   758  C CB  . PHE A 1 102 ? 4.248   -9.892  -5.797  1.00 13.32 ? 147 PHE A CB  1 
ATOM   759  C CG  . PHE A 1 102 ? 5.302   -10.828 -5.307  1.00 17.38 ? 147 PHE A CG  1 
ATOM   760  C CD1 . PHE A 1 102 ? 6.395   -10.372 -4.596  1.00 18.11 ? 147 PHE A CD1 1 
ATOM   761  C CD2 . PHE A 1 102 ? 5.196   -12.182 -5.580  1.00 23.72 ? 147 PHE A CD2 1 
ATOM   762  C CE1 . PHE A 1 102 ? 7.385   -11.257 -4.156  1.00 21.72 ? 147 PHE A CE1 1 
ATOM   763  C CE2 . PHE A 1 102 ? 6.169   -13.074 -5.151  1.00 25.54 ? 147 PHE A CE2 1 
ATOM   764  C CZ  . PHE A 1 102 ? 7.271   -12.613 -4.438  1.00 24.85 ? 147 PHE A CZ  1 
ATOM   765  N N   . LEU A 1 103 ? 2.954   -6.818  -5.491  1.00 14.45 ? 148 LEU A N   1 
ATOM   766  C CA  . LEU A 1 103 ? 2.039   -5.821  -6.052  1.00 14.27 ? 148 LEU A CA  1 
ATOM   767  C C   . LEU A 1 103 ? 1.740   -6.003  -7.537  1.00 13.86 ? 148 LEU A C   1 
ATOM   768  O O   . LEU A 1 103 ? 2.648   -6.190  -8.345  1.00 13.27 ? 148 LEU A O   1 
ATOM   769  C CB  . LEU A 1 103 ? 2.565   -4.407  -5.781  1.00 13.02 ? 148 LEU A CB  1 
ATOM   770  C CG  . LEU A 1 103 ? 2.810   -4.025  -4.311  1.00 14.38 ? 148 LEU A CG  1 
ATOM   771  C CD1 . LEU A 1 103 ? 3.254   -2.574  -4.220  1.00 12.41 ? 148 LEU A CD1 1 
ATOM   772  C CD2 . LEU A 1 103 ? 1.550   -4.253  -3.472  1.00 12.00 ? 148 LEU A CD2 1 
ATOM   773  N N   . ARG A 1 104 ? 0.455   -5.944  -7.870  1.00 15.21 ? 149 ARG A N   1 
ATOM   774  C CA  . ARG A 1 104 ? -0.038  -6.083  -9.241  1.00 18.71 ? 149 ARG A CA  1 
ATOM   775  C C   . ARG A 1 104 ? -1.030  -4.958  -9.443  1.00 18.98 ? 149 ARG A C   1 
ATOM   776  O O   . ARG A 1 104 ? -1.871  -4.719  -8.584  1.00 20.76 ? 149 ARG A O   1 
ATOM   777  C CB  . ARG A 1 104 ? -0.796  -7.404  -9.414  1.00 21.46 ? 149 ARG A CB  1 
ATOM   778  C CG  . ARG A 1 104 ? 0.014   -8.655  -9.176  1.00 26.54 ? 149 ARG A CG  1 
ATOM   779  C CD  . ARG A 1 104 ? 1.026   -8.877  -10.280 1.00 34.01 ? 149 ARG A CD  1 
ATOM   780  N NE  . ARG A 1 104 ? 1.822   -10.076 -10.027 1.00 40.73 ? 149 ARG A NE  1 
ATOM   781  C CZ  . ARG A 1 104 ? 3.101   -10.068 -9.652  1.00 44.24 ? 149 ARG A CZ  1 
ATOM   782  N NH1 . ARG A 1 104 ? 3.751   -8.918  -9.482  1.00 42.93 ? 149 ARG A NH1 1 
ATOM   783  N NH2 . ARG A 1 104 ? 3.724   -11.219 -9.420  1.00 45.90 ? 149 ARG A NH2 1 
ATOM   784  N N   . ASP A 1 105 ? -0.989  -4.308  -10.598 1.00 20.62 ? 150 ASP A N   1 
ATOM   785  C CA  . ASP A 1 105 ? -1.921  -3.217  -10.861 1.00 23.68 ? 150 ASP A CA  1 
ATOM   786  C C   . ASP A 1 105 ? -3.388  -3.634  -10.884 1.00 26.24 ? 150 ASP A C   1 
ATOM   787  O O   . ASP A 1 105 ? -3.725  -4.764  -11.248 1.00 24.57 ? 150 ASP A O   1 
ATOM   788  C CB  . ASP A 1 105 ? -1.590  -2.517  -12.180 1.00 25.20 ? 150 ASP A CB  1 
ATOM   789  C CG  . ASP A 1 105 ? -0.270  -1.785  -12.141 1.00 29.87 ? 150 ASP A CG  1 
ATOM   790  O OD1 . ASP A 1 105 ? 0.077   -1.205  -11.093 1.00 32.81 ? 150 ASP A OD1 1 
ATOM   791  O OD2 . ASP A 1 105 ? 0.419   -1.784  -13.176 1.00 33.05 ? 150 ASP A OD2 1 
ATOM   792  N N   . ILE A 1 106 ? -4.245  -2.719  -10.436 1.00 29.89 ? 151 ILE A N   1 
ATOM   793  C CA  . ILE A 1 106 ? -5.685  -2.911  -10.446 1.00 36.99 ? 151 ILE A CA  1 
ATOM   794  C C   . ILE A 1 106 ? -6.058  -3.012  -11.915 1.00 42.72 ? 151 ILE A C   1 
ATOM   795  O O   . ILE A 1 106 ? -5.463  -2.355  -12.770 1.00 39.11 ? 151 ILE A O   1 
ATOM   796  C CB  . ILE A 1 106 ? -6.365  -1.714  -9.797  1.00 35.75 ? 151 ILE A CB  1 
ATOM   797  C CG1 . ILE A 1 106 ? -5.871  -0.363  -10.317 1.00 37.69 ? 151 ILE A CG1 1 
ATOM   798  C CG2 . ILE A 1 106 ? -6.157  -1.670  -8.281  1.00 39.90 ? 151 ILE A CG2 1 
ATOM   799  C CD1 . ILE A 1 106 ? -7.011  0.546   -10.785 1.00 38.55 ? 151 ILE A CD1 1 
ATOM   800  N N   . GLU A 1 107 ? -7.060  -3.834  -12.224 1.00 51.49 ? 152 GLU A N   1 
ATOM   801  C CA  . GLU A 1 107 ? -7.487  -3.951  -13.601 1.00 62.94 ? 152 GLU A CA  1 
ATOM   802  C C   . GLU A 1 107 ? -8.758  -3.150  -13.778 1.00 66.33 ? 152 GLU A C   1 
ATOM   803  O O   . GLU A 1 107 ? -9.785  -3.521  -13.224 1.00 67.01 ? 152 GLU A O   1 
ATOM   804  C CB  . GLU A 1 107 ? -7.745  -5.417  -13.966 1.00 68.81 ? 152 GLU A CB  1 
ATOM   805  C CG  . GLU A 1 107 ? -6.502  -6.326  -13.837 1.00 78.98 ? 152 GLU A CG  1 
ATOM   806  C CD  . GLU A 1 107 ? -5.363  -5.969  -14.793 1.00 84.83 ? 152 GLU A CD  1 
ATOM   807  O OE1 . GLU A 1 107 ? -5.448  -4.957  -15.516 1.00 88.52 ? 152 GLU A OE1 1 
ATOM   808  O OE2 . GLU A 1 107 ? -4.374  -6.722  -14.811 1.00 88.33 ? 152 GLU A OE2 1 
ATOM   809  N N   . GLN A 1 108 ? -8.646  -2.001  -14.453 1.00 71.33 ? 153 GLN A N   1 
ATOM   810  C CA  . GLN A 1 108 ? -9.771  -1.101  -14.749 1.00 76.29 ? 153 GLN A CA  1 
ATOM   811  C C   . GLN A 1 108 ? -9.268  0.142   -15.483 1.00 77.28 ? 153 GLN A C   1 
ATOM   812  O O   . GLN A 1 108 ? -8.784  1.096   -14.867 1.00 78.74 ? 153 GLN A O   1 
ATOM   813  C CB  . GLN A 1 108 ? -10.540 -0.671  -13.484 1.00 80.27 ? 153 GLN A CB  1 
ATOM   814  C CG  . GLN A 1 108 ? -11.987 -1.193  -13.379 1.00 84.97 ? 153 GLN A CG  1 
ATOM   815  C CD  . GLN A 1 108 ? -12.753 -1.089  -14.694 1.00 87.55 ? 153 GLN A CD  1 
ATOM   816  O OE1 . GLN A 1 108 ? -13.256 -0.022  -15.051 1.00 89.32 ? 153 GLN A OE1 1 
ATOM   817  N NE2 . GLN A 1 108 ? -12.838 -2.201  -15.423 1.00 90.42 ? 153 GLN A NE2 1 
ATOM   818  N N   . LYS B 2 1   ? -8.109  3.131   17.039  1.00 24.75 ? 1   LYS I N   1 
ATOM   819  C CA  . LYS B 2 1   ? -7.561  3.794   15.821  1.00 23.91 ? 1   LYS I CA  1 
ATOM   820  C C   . LYS B 2 1   ? -7.252  2.758   14.733  1.00 21.37 ? 1   LYS I C   1 
ATOM   821  O O   . LYS B 2 1   ? -7.224  1.552   15.004  1.00 19.88 ? 1   LYS I O   1 
ATOM   822  C CB  . LYS B 2 1   ? -6.304  4.595   16.172  1.00 23.29 ? 1   LYS I CB  1 
ATOM   823  C CG  . LYS B 2 1   ? -5.152  3.767   16.697  1.00 23.69 ? 1   LYS I CG  1 
ATOM   824  C CD  . LYS B 2 1   ? -3.984  4.669   17.055  1.00 23.67 ? 1   LYS I CD  1 
ATOM   825  C CE  . LYS B 2 1   ? -2.846  3.884   17.672  1.00 23.54 ? 1   LYS I CE  1 
ATOM   826  N NZ  . LYS B 2 1   ? -1.815  4.771   18.275  1.00 22.14 ? 1   LYS I NZ  1 
ATOM   827  N N   . PRO B 2 2   ? -7.095  3.210   13.475  1.00 20.76 ? 2   PRO I N   1 
ATOM   828  C CA  . PRO B 2 2   ? -6.797  2.296   12.367  1.00 18.97 ? 2   PRO I CA  1 
ATOM   829  C C   . PRO B 2 2   ? -5.488  1.532   12.550  1.00 17.02 ? 2   PRO I C   1 
ATOM   830  O O   . PRO B 2 2   ? -4.502  2.072   13.038  1.00 16.58 ? 2   PRO I O   1 
ATOM   831  C CB  . PRO B 2 2   ? -6.748  3.233   11.150  1.00 20.37 ? 2   PRO I CB  1 
ATOM   832  C CG  . PRO B 2 2   ? -6.398  4.564   11.744  1.00 23.82 ? 2   PRO I CG  1 
ATOM   833  C CD  . PRO B 2 2   ? -7.237  4.591   12.985  1.00 22.77 ? 2   PRO I CD  1 
ATOM   834  N N   . PHE B 2 3   ? -5.507  0.261   12.174  1.00 16.93 ? 3   PHE I N   1 
ATOM   835  C CA  . PHE B 2 3   ? -4.338  -0.595  12.288  1.00 15.96 ? 3   PHE I CA  1 
ATOM   836  C C   . PHE B 2 3   ? -3.675  -0.776  10.925  1.00 13.23 ? 3   PHE I C   1 
ATOM   837  O O   . PHE B 2 3   ? -4.319  -0.629  9.890   1.00 13.28 ? 3   PHE I O   1 
ATOM   838  C CB  . PHE B 2 3   ? -4.741  -1.956  12.880  1.00 15.80 ? 3   PHE I CB  1 
ATOM   839  C CG  . PHE B 2 3   ? -5.827  -2.663  12.109  1.00 15.26 ? 3   PHE I CG  1 
ATOM   840  C CD1 . PHE B 2 3   ? -7.167  -2.394  12.376  1.00 16.27 ? 3   PHE I CD1 1 
ATOM   841  C CD2 . PHE B 2 3   ? -5.510  -3.550  11.080  1.00 15.07 ? 3   PHE I CD2 1 
ATOM   842  C CE1 . PHE B 2 3   ? -8.174  -2.989  11.627  1.00 15.73 ? 3   PHE I CE1 1 
ATOM   843  C CE2 . PHE B 2 3   ? -6.509  -4.152  10.324  1.00 14.82 ? 3   PHE I CE2 1 
ATOM   844  C CZ  . PHE B 2 3   ? -7.847  -3.870  10.596  1.00 16.63 ? 3   PHE I CZ  1 
HETATM 845  N N   . PTR B 2 4   ? -2.380  -1.053  10.934  1.00 10.37 ? 4   PTR I N   1 
HETATM 846  C CA  . PTR B 2 4   ? -1.633  -1.282  9.707   1.00 11.40 ? 4   PTR I CA  1 
HETATM 847  C C   . PTR B 2 4   ? -0.740  -2.476  9.980   1.00 11.84 ? 4   PTR I C   1 
HETATM 848  O O   . PTR B 2 4   ? -0.151  -2.592  11.053  1.00 13.23 ? 4   PTR I O   1 
HETATM 849  C CB  . PTR B 2 4   ? -0.797  -0.058  9.320   1.00 10.56 ? 4   PTR I CB  1 
HETATM 850  C CG  . PTR B 2 4   ? -1.630  1.186   9.085   1.00 10.69 ? 4   PTR I CG  1 
HETATM 851  C CD1 . PTR B 2 4   ? -2.198  1.457   7.836   1.00 9.88  ? 4   PTR I CD1 1 
HETATM 852  C CD2 . PTR B 2 4   ? -1.904  2.059   10.129  1.00 12.02 ? 4   PTR I CD2 1 
HETATM 853  C CE1 . PTR B 2 4   ? -3.033  2.584   7.640   1.00 12.30 ? 4   PTR I CE1 1 
HETATM 854  C CE2 . PTR B 2 4   ? -2.719  3.162   9.952   1.00 12.60 ? 4   PTR I CE2 1 
HETATM 855  C CZ  . PTR B 2 4   ? -3.290  3.430   8.716   1.00 13.33 ? 4   PTR I CZ  1 
HETATM 856  O OH  . PTR B 2 4   ? -4.094  4.582   8.609   1.00 15.83 ? 4   PTR I OH  1 
HETATM 857  P P   . PTR B 2 4   ? -5.191  4.780   7.499   1.00 12.82 ? 4   PTR I P   1 
HETATM 858  O O1P . PTR B 2 4   ? -6.301  5.645   8.145   1.00 13.89 ? 4   PTR I O1P 1 
HETATM 859  O O2P . PTR B 2 4   ? -5.765  3.409   7.056   1.00 11.99 ? 4   PTR I O2P 1 
HETATM 860  O O3P . PTR B 2 4   ? -4.546  5.532   6.315   1.00 12.81 ? 4   PTR I O3P 1 
ATOM   861  N N   . VAL B 2 5   ? -0.647  -3.370  9.007   1.00 12.52 ? 5   VAL I N   1 
ATOM   862  C CA  . VAL B 2 5   ? 0.147   -4.588  9.133   1.00 13.01 ? 5   VAL I CA  1 
ATOM   863  C C   . VAL B 2 5   ? 1.597   -4.370  9.556   1.00 12.47 ? 5   VAL I C   1 
ATOM   864  O O   . VAL B 2 5   ? 2.160   -5.190  10.280  1.00 12.30 ? 5   VAL I O   1 
ATOM   865  C CB  . VAL B 2 5   ? 0.094   -5.413  7.819   1.00 15.10 ? 5   VAL I CB  1 
ATOM   866  C CG1 . VAL B 2 5   ? 0.917   -6.703  7.934   1.00 14.36 ? 5   VAL I CG1 1 
ATOM   867  C CG2 . VAL B 2 5   ? -1.358  -5.735  7.477   1.00 15.39 ? 5   VAL I CG2 1 
ATOM   868  N N   . ASN B 2 6   ? 2.188   -3.258  9.131   1.00 11.32 ? 6   ASN I N   1 
ATOM   869  C CA  . ASN B 2 6   ? 3.579   -2.964  9.459   1.00 11.53 ? 6   ASN I CA  1 
ATOM   870  C C   . ASN B 2 6   ? 3.785   -1.994  10.612  1.00 12.35 ? 6   ASN I C   1 
ATOM   871  O O   . ASN B 2 6   ? 4.892   -1.496  10.803  1.00 15.12 ? 6   ASN I O   1 
ATOM   872  C CB  . ASN B 2 6   ? 4.327   -2.450  8.232   1.00 10.73 ? 6   ASN I CB  1 
ATOM   873  C CG  . ASN B 2 6   ? 3.770   -1.145  7.722   1.00 10.25 ? 6   ASN I CG  1 
ATOM   874  O OD1 . ASN B 2 6   ? 2.569   -0.899  7.805   1.00 10.77 ? 6   ASN I OD1 1 
ATOM   875  N ND2 . ASN B 2 6   ? 4.635   -0.300  7.182   1.00 11.46 ? 6   ASN I ND2 1 
ATOM   876  N N   . VAL B 2 7   ? 2.737   -1.736  11.386  1.00 11.91 ? 7   VAL I N   1 
ATOM   877  C CA  . VAL B 2 7   ? 2.831   -0.827  12.527  1.00 14.23 ? 7   VAL I CA  1 
ATOM   878  C C   . VAL B 2 7   ? 2.377   -1.549  13.791  1.00 16.68 ? 7   VAL I C   1 
ATOM   879  O O   . VAL B 2 7   ? 1.241   -2.023  13.885  1.00 17.37 ? 7   VAL I O   1 
ATOM   880  C CB  . VAL B 2 7   ? 1.979   0.458   12.326  1.00 14.50 ? 7   VAL I CB  1 
ATOM   881  C CG1 . VAL B 2 7   ? 2.034   1.332   13.569  1.00 15.96 ? 7   VAL I CG1 1 
ATOM   882  C CG2 . VAL B 2 7   ? 2.484   1.241   11.126  1.00 14.25 ? 7   VAL I CG2 1 
ATOM   883  N N   . GLU B 2 8   ? 3.277   -1.655  14.760  1.00 18.83 ? 8   GLU I N   1 
ATOM   884  C CA  . GLU B 2 8   ? 2.950   -2.326  16.007  1.00 25.24 ? 8   GLU I CA  1 
ATOM   885  C C   . GLU B 2 8   ? 2.315   -1.388  17.027  1.00 26.74 ? 8   GLU I C   1 
ATOM   886  O O   . GLU B 2 8   ? 2.773   -0.256  17.209  1.00 26.28 ? 8   GLU I O   1 
ATOM   887  C CB  . GLU B 2 8   ? 4.199   -2.976  16.602  1.00 29.51 ? 8   GLU I CB  1 
ATOM   888  C CG  . GLU B 2 8   ? 3.893   -3.925  17.750  1.00 40.25 ? 8   GLU I CG  1 
ATOM   889  C CD  . GLU B 2 8   ? 5.137   -4.499  18.389  1.00 45.14 ? 8   GLU I CD  1 
ATOM   890  O OE1 . GLU B 2 8   ? 6.025   -4.997  17.660  1.00 49.29 ? 8   GLU I OE1 1 
ATOM   891  O OE2 . GLU B 2 8   ? 5.217   -4.452  19.633  1.00 50.68 ? 8   GLU I OE2 1 
ATOM   892  N N   . PHE B 2 9   ? 1.219   -1.836  17.632  1.00 30.39 ? 9   PHE I N   1 
ATOM   893  C CA  . PHE B 2 9   ? 0.542   -1.058  18.664  1.00 35.05 ? 9   PHE I CA  1 
ATOM   894  C C   . PHE B 2 9   ? 1.246   -1.298  20.008  1.00 38.03 ? 9   PHE I C   1 
ATOM   895  O O   . PHE B 2 9   ? 1.556   -2.473  20.317  1.00 41.70 ? 9   PHE I O   1 
ATOM   896  C CB  . PHE B 2 9   ? -0.935  -1.458  18.777  1.00 35.14 ? 9   PHE I CB  1 
ATOM   897  C CG  . PHE B 2 9   ? -1.845  -0.766  17.797  1.00 36.75 ? 9   PHE I CG  1 
ATOM   898  C CD1 . PHE B 2 9   ? -1.340  -0.176  16.650  1.00 39.20 ? 9   PHE I CD1 1 
ATOM   899  C CD2 . PHE B 2 9   ? -3.218  -0.730  18.017  1.00 37.78 ? 9   PHE I CD2 1 
ATOM   900  C CE1 . PHE B 2 9   ? -2.175  0.420   15.748  1.00 39.57 ? 9   PHE I CE1 1 
ATOM   901  C CE2 . PHE B 2 9   ? -4.070  -0.125  17.104  1.00 39.09 ? 9   PHE I CE2 1 
ATOM   902  C CZ  . PHE B 2 9   ? -3.547  0.450   15.969  1.00 38.15 ? 9   PHE I CZ  1 
ATOM   903  O OXT . PHE B 2 9   ? 1.438   -0.323  20.760  1.00 40.90 ? 9   PHE I OXT 1 
HETATM 904  O O   . HOH C 3 .   ? -6.989  7.341   2.955   1.00 12.30 ? 169 HOH A O   1 
HETATM 905  O O   . HOH C 3 .   ? 3.819   8.310   4.227   1.00 12.63 ? 170 HOH A O   1 
HETATM 906  O O   . HOH C 3 .   ? -6.981  -7.922  7.061   0.50 13.72 ? 171 HOH A O   1 
HETATM 907  O O   . HOH C 3 .   ? -0.457  13.340  1.520   1.00 14.72 ? 172 HOH A O   1 
HETATM 908  O O   . HOH C 3 .   ? 0.844   9.176   12.970  1.00 16.25 ? 173 HOH A O   1 
HETATM 909  O O   . HOH C 3 .   ? 0.394   -9.952  5.754   1.00 19.24 ? 174 HOH A O   1 
HETATM 910  O O   . HOH C 3 .   ? 2.454   10.059  11.082  1.00 19.58 ? 175 HOH A O   1 
HETATM 911  O O   . HOH C 3 .   ? -12.791 4.773   6.202   1.00 20.33 ? 176 HOH A O   1 
HETATM 912  O O   . HOH C 3 .   ? 3.724   -9.092  7.601   1.00 20.34 ? 177 HOH A O   1 
HETATM 913  O O   . HOH C 3 .   ? -4.783  -4.586  7.329   1.00 21.35 ? 178 HOH A O   1 
HETATM 914  O O   . HOH C 3 .   ? -7.691  -4.833  6.647   1.00 21.48 ? 179 HOH A O   1 
HETATM 915  O O   . HOH C 3 .   ? -2.925  -0.628  -9.059  1.00 21.49 ? 180 HOH A O   1 
HETATM 916  O O   . HOH C 3 .   ? -10.327 6.681   6.071   1.00 21.55 ? 181 HOH A O   1 
HETATM 917  O O   . HOH C 3 .   ? -8.346  -15.518 1.931   1.00 22.79 ? 182 HOH A O   1 
HETATM 918  O O   . HOH C 3 .   ? 4.347   2.018   -11.169 1.00 23.45 ? 183 HOH A O   1 
HETATM 919  O O   . HOH C 3 .   ? 4.711   10.929  4.678   1.00 23.51 ? 184 HOH A O   1 
HETATM 920  O O   . HOH C 3 .   ? -13.310 -3.991  7.328   1.00 23.59 ? 185 HOH A O   1 
HETATM 921  O O   . HOH C 3 .   ? 10.550  -1.240  2.616   1.00 24.17 ? 186 HOH A O   1 
HETATM 922  O O   . HOH C 3 .   ? -0.917  6.049   6.703   1.00 26.10 ? 187 HOH A O   1 
HETATM 923  O O   . HOH C 3 .   ? -1.911  -10.295 8.063   1.00 26.15 ? 188 HOH A O   1 
HETATM 924  O O   . HOH C 3 .   ? 12.573  0.640   -7.146  1.00 26.94 ? 189 HOH A O   1 
HETATM 925  O O   . HOH C 3 .   ? -5.233  13.804  4.528   1.00 27.08 ? 190 HOH A O   1 
HETATM 926  O O   . HOH C 3 .   ? 10.563  -4.900  -9.085  1.00 27.23 ? 191 HOH A O   1 
HETATM 927  O O   . HOH C 3 .   ? 15.148  4.836   -4.244  1.00 27.46 ? 192 HOH A O   1 
HETATM 928  O O   . HOH C 3 .   ? -12.654 -12.655 -2.993  1.00 28.06 ? 193 HOH A O   1 
HETATM 929  O O   . HOH C 3 .   ? 8.916   11.681  8.767   1.00 28.13 ? 194 HOH A O   1 
HETATM 930  O O   . HOH C 3 .   ? -7.207  7.266   6.217   1.00 28.94 ? 195 HOH A O   1 
HETATM 931  O O   . HOH C 3 .   ? -0.437  6.821   12.217  1.00 29.11 ? 196 HOH A O   1 
HETATM 932  O O   . HOH C 3 .   ? 17.819  0.507   2.054   1.00 29.28 ? 197 HOH A O   1 
HETATM 933  O O   . HOH C 3 .   ? 4.188   -8.985  10.413  1.00 29.39 ? 198 HOH A O   1 
HETATM 934  O O   . HOH C 3 .   ? 6.912   3.247   -12.873 1.00 29.75 ? 199 HOH A O   1 
HETATM 935  O O   . HOH C 3 .   ? 3.341   -6.179  -11.208 1.00 30.51 ? 200 HOH A O   1 
HETATM 936  O O   . HOH C 3 .   ? -1.231  17.305  5.858   1.00 30.82 ? 201 HOH A O   1 
HETATM 937  O O   . HOH C 3 .   ? 6.354   12.585  7.276   1.00 31.24 ? 202 HOH A O   1 
HETATM 938  O O   . HOH C 3 .   ? -15.606 -3.852  1.756   1.00 32.97 ? 203 HOH A O   1 
HETATM 939  O O   . HOH C 3 .   ? -2.367  12.610  3.683   1.00 33.33 ? 204 HOH A O   1 
HETATM 940  O O   . HOH C 3 .   ? 2.758   12.718  11.101  1.00 33.40 ? 205 HOH A O   1 
HETATM 941  O O   . HOH C 3 .   ? -5.897  -14.451 2.490   1.00 33.48 ? 206 HOH A O   1 
HETATM 942  O O   . HOH C 3 .   ? 0.693   -11.546 -4.714  1.00 34.09 ? 207 HOH A O   1 
HETATM 943  O O   . HOH C 3 .   ? 0.860   -5.462  -12.607 1.00 34.16 ? 208 HOH A O   1 
HETATM 944  O O   . HOH C 3 .   ? -1.949  -11.815 -9.300  1.00 34.37 ? 209 HOH A O   1 
HETATM 945  O O   . HOH C 3 .   ? 18.130  6.493   5.205   1.00 34.44 ? 210 HOH A O   1 
HETATM 946  O O   . HOH C 3 .   ? -3.042  10.253  13.473  1.00 35.42 ? 211 HOH A O   1 
HETATM 947  O O   . HOH C 3 .   ? -0.451  11.690  13.048  1.00 35.87 ? 212 HOH A O   1 
HETATM 948  O O   . HOH C 3 .   ? 11.361  -6.129  2.029   1.00 36.80 ? 213 HOH A O   1 
HETATM 949  O O   . HOH C 3 .   ? -13.221 -10.436 -1.153  1.00 37.29 ? 214 HOH A O   1 
HETATM 950  O O   . HOH C 3 .   ? -2.474  8.387   -10.356 0.50 37.65 ? 215 HOH A O   1 
HETATM 951  O O   . HOH C 3 .   ? -0.879  -15.672 -5.627  1.00 37.76 ? 216 HOH A O   1 
HETATM 952  O O   . HOH C 3 .   ? 11.310  12.688  7.987   1.00 37.88 ? 217 HOH A O   1 
HETATM 953  O O   . HOH C 3 .   ? 3.967   13.950  2.289   1.00 37.92 ? 218 HOH A O   1 
HETATM 954  O O   . HOH C 3 .   ? 16.404  8.028   10.176  1.00 38.82 ? 219 HOH A O   1 
HETATM 955  O O   . HOH C 3 .   ? -9.954  8.800   -6.360  1.00 39.59 ? 220 HOH A O   1 
HETATM 956  O O   . HOH C 3 .   ? 4.024   12.681  8.743   1.00 39.87 ? 221 HOH A O   1 
HETATM 957  O O   . HOH C 3 .   ? -4.300  -1.010  -14.938 1.00 41.65 ? 222 HOH A O   1 
HETATM 958  O O   . HOH C 3 .   ? -0.319  13.117  10.687  1.00 42.11 ? 223 HOH A O   1 
HETATM 959  O O   . HOH C 3 .   ? 12.368  -4.204  3.746   1.00 42.25 ? 224 HOH A O   1 
HETATM 960  O O   . HOH C 3 .   ? 10.678  3.186   -10.332 1.00 43.00 ? 225 HOH A O   1 
HETATM 961  O O   . HOH C 3 .   ? -0.594  4.003   13.197  1.00 43.63 ? 226 HOH A O   1 
HETATM 962  O O   . HOH C 3 .   ? -12.435 -3.034  -8.411  1.00 43.65 ? 227 HOH A O   1 
HETATM 963  O O   . HOH C 3 .   ? -4.340  10.788  16.528  1.00 43.74 ? 228 HOH A O   1 
HETATM 964  O O   . HOH C 3 .   ? -1.806  -17.799 -7.972  1.00 44.50 ? 229 HOH A O   1 
HETATM 965  O O   . HOH C 3 .   ? 12.289  -1.499  -9.130  1.00 45.06 ? 230 HOH A O   1 
HETATM 966  O O   . HOH C 3 .   ? 13.740  0.495   9.420   1.00 45.25 ? 231 HOH A O   1 
HETATM 967  O O   . HOH C 3 .   ? 8.557   5.619   11.026  1.00 45.29 ? 232 HOH A O   1 
HETATM 968  O O   . HOH C 3 .   ? 10.155  -3.682  2.209   1.00 45.43 ? 233 HOH A O   1 
HETATM 969  O O   . HOH C 3 .   ? -15.622 -1.397  4.070   1.00 45.61 ? 234 HOH A O   1 
HETATM 970  O O   . HOH C 3 .   ? -2.083  -10.268 -12.220 1.00 46.57 ? 235 HOH A O   1 
HETATM 971  O O   . HOH C 3 .   ? 6.035   -7.430  -12.292 1.00 46.69 ? 236 HOH A O   1 
HETATM 972  O O   . HOH C 3 .   ? 9.253   -7.738  3.007   1.00 47.42 ? 237 HOH A O   1 
HETATM 973  O O   . HOH C 3 .   ? -9.493  -7.847  -11.487 1.00 50.38 ? 238 HOH A O   1 
HETATM 974  O O   . HOH C 3 .   ? -12.699 2.749   8.344   1.00 50.42 ? 239 HOH A O   1 
HETATM 975  O O   . HOH C 3 .   ? -3.359  4.643   -16.376 1.00 50.57 ? 240 HOH A O   1 
HETATM 976  O O   . HOH C 3 .   ? -2.356  -6.555  -12.923 1.00 52.06 ? 241 HOH A O   1 
HETATM 977  O O   . HOH C 3 .   ? -10.837 -9.177  -0.508  1.00 52.22 ? 242 HOH A O   1 
HETATM 978  O O   . HOH C 3 .   ? -11.303 -18.977 -1.060  1.00 52.45 ? 243 HOH A O   1 
HETATM 979  O O   . HOH C 3 .   ? 2.589   15.225  7.877   1.00 52.54 ? 244 HOH A O   1 
HETATM 980  O O   . HOH C 3 .   ? -1.506  18.415  8.906   1.00 52.55 ? 245 HOH A O   1 
HETATM 981  O O   . HOH C 3 .   ? -12.468 -12.911 -5.907  1.00 53.05 ? 246 HOH A O   1 
HETATM 982  O O   . HOH C 3 .   ? -11.199 12.498  -3.647  1.00 53.14 ? 247 HOH A O   1 
HETATM 983  O O   . HOH C 3 .   ? -9.177  -16.217 -3.353  1.00 53.60 ? 248 HOH A O   1 
HETATM 984  O O   . HOH C 3 .   ? 4.521   -17.385 7.458   1.00 54.09 ? 249 HOH A O   1 
HETATM 985  O O   . HOH C 3 .   ? 6.812   -1.003  -13.238 1.00 54.39 ? 250 HOH A O   1 
HETATM 986  O O   . HOH C 3 .   ? 8.789   3.183   12.385  1.00 54.59 ? 251 HOH A O   1 
HETATM 987  O O   . HOH C 3 .   ? 13.491  -4.008  -8.213  1.00 54.72 ? 252 HOH A O   1 
HETATM 988  O O   . HOH C 3 .   ? 1.913   -17.503 5.574   0.50 54.94 ? 253 HOH A O   1 
HETATM 989  O O   . HOH C 3 .   ? -12.408 0.528   6.724   1.00 55.19 ? 254 HOH A O   1 
HETATM 990  O O   . HOH C 3 .   ? 0.741   -12.502 -7.436  1.00 55.20 ? 255 HOH A O   1 
HETATM 991  O O   . HOH C 3 .   ? -3.266  6.676   11.459  1.00 56.02 ? 256 HOH A O   1 
HETATM 992  O O   . HOH C 3 .   ? -16.322 2.142   8.624   0.50 56.19 ? 257 HOH A O   1 
HETATM 993  O O   . HOH C 3 .   ? 17.539  -4.616  -2.133  1.00 56.36 ? 258 HOH A O   1 
HETATM 994  O O   . HOH C 3 .   ? 16.388  0.125   7.913   1.00 58.94 ? 259 HOH A O   1 
HETATM 995  O O   . HOH C 3 .   ? 21.567  9.041   6.125   1.00 59.36 ? 260 HOH A O   1 
HETATM 996  O O   . HOH C 3 .   ? 4.116   14.452  5.028   1.00 59.44 ? 261 HOH A O   1 
HETATM 997  O O   . HOH C 3 .   ? 2.637   2.875   -14.368 1.00 59.74 ? 262 HOH A O   1 
HETATM 998  O O   . HOH C 3 .   ? 16.696  6.949   -6.711  1.00 59.82 ? 263 HOH A O   1 
HETATM 999  O O   . HOH C 3 .   ? -4.775  6.807   -13.940 0.50 60.00 ? 264 HOH A O   1 
HETATM 1000 O O   . HOH C 3 .   ? -6.952  -17.447 -2.216  1.00 60.72 ? 265 HOH A O   1 
HETATM 1001 O O   . HOH C 3 .   ? 16.307  1.162   -2.417  1.00 61.32 ? 266 HOH A O   1 
HETATM 1002 O O   . HOH C 3 .   ? 11.561  -6.741  9.302   1.00 62.98 ? 267 HOH A O   1 
HETATM 1003 O O   . HOH C 3 .   ? -3.816  -16.411 -6.943  1.00 63.42 ? 268 HOH A O   1 
HETATM 1004 O O   . HOH C 3 .   ? 10.876  -7.926  5.456   1.00 63.91 ? 269 HOH A O   1 
HETATM 1005 O O   . HOH C 3 .   ? 1.752   0.296   -14.159 1.00 64.47 ? 270 HOH A O   1 
HETATM 1006 O O   . HOH C 3 .   ? 19.462  7.660   7.912   1.00 64.92 ? 271 HOH A O   1 
HETATM 1007 O O   . HOH D 3 .   ? -9.003  5.607   8.740   1.00 22.85 ? 15  HOH I O   1 
HETATM 1008 O O   . HOH D 3 .   ? -1.418  -1.471  13.525  1.00 27.04 ? 23  HOH I O   1 
HETATM 1009 O O   . HOH D 3 .   ? -3.213  7.345   14.540  1.00 30.72 ? 35  HOH I O   1 
HETATM 1010 O O   . HOH D 3 .   ? -3.472  4.693   13.643  1.00 38.84 ? 55  HOH I O   1 
HETATM 1011 O O   . HOH D 3 .   ? 6.030   -1.314  14.187  1.00 45.95 ? 71  HOH I O   1 
HETATM 1012 O O   . HOH D 3 .   ? 5.146   0.936   16.220  1.00 47.23 ? 74  HOH I O   1 
HETATM 1013 O O   . HOH D 3 .   ? 7.794   -1.648  9.934   1.00 49.01 ? 76  HOH I O   1 
HETATM 1014 O O   . HOH D 3 .   ? -6.817  1.166   18.441  1.00 54.46 ? 90  HOH I O   1 
HETATM 1015 O O   . HOH D 3 .   ? -9.655  -0.021  11.252  1.00 55.70 ? 96  HOH I O   1 
HETATM 1016 O O   . HOH D 3 .   ? -10.129 3.237   10.579  1.00 57.00 ? 100 HOH I O   1 
HETATM 1017 O O   . HOH D 3 .   ? -0.959  -3.473  21.841  1.00 57.59 ? 101 HOH I O   1 
HETATM 1018 O O   . HOH D 3 .   ? -10.486 2.141   15.722  1.00 63.25 ? 111 HOH I O   1 
# 
